data_9GZN
#
_entry.id   9GZN
#
_cell.length_a   1.00
_cell.length_b   1.00
_cell.length_c   1.00
_cell.angle_alpha   90.00
_cell.angle_beta   90.00
_cell.angle_gamma   90.00
#
_symmetry.space_group_name_H-M   'P 1'
#
loop_
_entity.id
_entity.type
_entity.pdbx_description
1 polymer 'DNA-directed RNA polymerase, mitochondrial'
2 polymer 'Non-template strand DNA (56-mer)'
3 polymer 'Template strand DNA (56-MER)'
4 polymer 'Dimethyladenosine transferase 2, mitochondrial'
5 polymer "RNA (5'-D(*(GTP))-R(P*A)-3')"
6 non-polymer "GUANOSINE-5'-TRIPHOSPHATE"
7 non-polymer 'MAGNESIUM ION'
#
loop_
_entity_poly.entity_id
_entity_poly.type
_entity_poly.pdbx_seq_one_letter_code
_entity_poly.pdbx_strand_id
1 'polypeptide(L)'
;SASPQEQDQDRRKDWGHVELLEVLQARVRQLQAESVSEVVVNRVDVARLPECGSGDGSLQPPRKVQMGAKDATPVPCGRW
AKILEKDKRTQQMRMQRLKAKLQMPFQSGEFKALTRRLQVEPRLLSKQMAGCLEDCTRQAPESPWEEQLARLLQEAPGKL
SLDVEQAPSGQHSQAQLSGQQQRLLAFFKCCLLTDQLPLAHHLLVVHHGQRQKRKLLTLDMYNAVMLGWARQGAFKELVY
VLFMVKDAGLTPDLLSYAAALQCMGRQDQDAGTIERCLEQMSQEGLKLQALFTAVLLSEEDRATVLKAVHKVKPTFSLPP
QLPPPVNTSKLLRDVYAKDGRVSYPKLHLPLKTLQCLFEKQLHMELASRVCVVSVEKPTLPSKEVKHARKTLKTLRDQWE
KALCRALRETKNRLEREVYEGRFSLYPFLCLLDEREVVRMLLQVLQALPAQGESFTTLARELSARTFSRHVVQRQRVSGQ
VQALQNHYRKYLCLLASDAEVPEPCLPRQYWEELGAPEALREQPWPLPVQMELGKLLAEMLVQATQMPCSLDKPHRSSRL
VPVLYHVYSFRNVQQIGILKPHPAYVQLLEKAAEPTLTFEAVDVPMLCPPLPWTSPHSGAFLLSPTKLMRTVEGATQHQE
LLETCPPTALHGALDALTQLGNCAWRVNGRVLDLVLQLFQAKGCPQLGVPAPPSEAPQPPEAHLPHSAAPARKAELRREL
AHCQKVAREMHSLRAEALYRLSLAQHLRDRVFWLPHNMDFRGRTYPCPPHFNHLGSDVARALLEFAQGRPLGPHGLDWLK
IHLVNLTGLKKREPLRKRLAFAEEVMDDILDSADQPLTGRKWWMGAEEPWQTLACCMEVANAVRASDPAAYVSHLPVHQD
GSCNGLQHYAALGRDSVGAASVNLEPSDVPQDVYSGVAAQVEVFRRQDAQRGMRVAQVLEGFITRKVVKQTVMTVVYGVT
RYGGRLQIEKRLRELSDFPQEFVWEASHYLVRQVFKSLQEMFSGTRAIQHWLTESARLISHMGSVVEWVTPLGVPVIQPY
RLDSKVKQIGGGIQSITYTHNGDISRKPNTRKQKNGFPPNFIHSLDSSHMMLTALHCYRKGLTFVSVHDCYWTHAADVSV
MNQVCREQFVRLHSEPILQDLSRFLVKRFCSEPQKILEASQLKETLQAVPKPGAFDLEQVKRSTYFFS
;
A
2 'polydeoxyribonucleotide'
;(DA)(DT)(DG)(DT)(DG)(DT)(DT)(DA)(DG)(DT)(DT)(DG)(DG)(DG)(DG)(DG)(DG)(DT)(DG)(DA)
(DC)(DT)(DG)(DT)(DT)(DA)(DA)(DA)(DA)(DG)(DT)(DG)(DC)(DA)(DT)(DA)(DC)(DC)(DG)(DA)
(DA)(DC)(DA)(DA)(DA)(DG)(DA)(DT)(DA)(DA)(DA)(DA)(DT)(DT)(DT)(DG)(DA)(DA)(DA)(DT)
(DC)(DT)(DG)
;
N
3 'polydeoxyribonucleotide'
;(DC)(DA)(DG)(DT)(DT)(DT)(DC)(DA)(DA)(DA)(DT)(DT)(DT)(DT)(DA)(DT)(DC)(DT)(DC)(DC)
(DA)(DG)(DG)(DC)(DG)(DG)(DT)(DA)(DT)(DG)(DC)(DA)(DC)(DT)(DT)(DT)(DT)(DA)(DA)(DC)
(DA)(DG)(DT)(DC)(DA)(DC)(DC)(DC)(DC)(DC)(DC)(DA)(DA)(DC)(DT)(DA)(DA)(DC)(DA)(DC)
(DA)(DT)
;
T
4 'polypeptide(L)'
;PPRKASKASLDFKRYVTDRRLAETLAQIYLGKPSRPPHLLLECNPGPGILTQALLEAGAKVVALESDKTFIPHLESLGKN
LDGKLRVIHCDFFKLDPRSGGVIKPPAMSSRGLFKNLGIEAVPWTADIPLKVVGMFPSRGEKRALWKLAYDLYSCTSIYK
FGRIEVNMFIGEKEFQKLMADPGNPDLYHVLSVIWQLACEIKVLHMEPWSSFDIYTRKGPLENPKRRELLDQLQQKLYLI
QMIPRQNLFTKNLTPMNYNIFFHLLKHCFGRRSATVIDHLRSLTPLDARDILMQIGKQEDEKVVNMHPQDFKTLFETIER
SKDCAYKWLYDETLEDR
;
B
5 'polyribonucleotide' (GTP)A R
#
loop_
_chem_comp.id
_chem_comp.type
_chem_comp.name
_chem_comp.formula
A RNA linking ADENOSINE-5'-MONOPHOSPHATE 'C10 H14 N5 O7 P'
DA DNA linking 2'-DEOXYADENOSINE-5'-MONOPHOSPHATE 'C10 H14 N5 O6 P'
DC DNA linking 2'-DEOXYCYTIDINE-5'-MONOPHOSPHATE 'C9 H14 N3 O7 P'
DG DNA linking 2'-DEOXYGUANOSINE-5'-MONOPHOSPHATE 'C10 H14 N5 O7 P'
DT DNA linking THYMIDINE-5'-MONOPHOSPHATE 'C10 H15 N2 O8 P'
GTP non-polymer GUANOSINE-5'-TRIPHOSPHATE 'C10 H16 N5 O14 P3'
MG non-polymer 'MAGNESIUM ION' 'Mg 2'
#
# COMPACT_ATOMS: atom_id res chain seq x y z
N ALA A 175 -13.39 4.11 30.20
CA ALA A 175 -12.38 4.91 29.53
C ALA A 175 -11.44 4.04 28.71
N GLN A 176 -10.26 4.57 28.40
CA GLN A 176 -9.26 3.87 27.61
C GLN A 176 -7.93 3.88 28.34
N LEU A 177 -7.16 2.80 28.17
CA LEU A 177 -5.88 2.66 28.82
C LEU A 177 -4.81 3.49 28.11
N SER A 178 -3.81 3.90 28.88
CA SER A 178 -2.68 4.65 28.34
C SER A 178 -1.63 3.69 27.79
N GLY A 179 -0.60 4.25 27.17
CA GLY A 179 0.44 3.42 26.56
C GLY A 179 1.17 2.56 27.58
N GLN A 180 1.57 3.17 28.70
CA GLN A 180 2.22 2.40 29.75
C GLN A 180 1.25 1.41 30.39
N GLN A 181 -0.02 1.79 30.52
CA GLN A 181 -1.02 0.89 31.07
C GLN A 181 -1.32 -0.28 30.14
N GLN A 182 -0.94 -0.17 28.86
CA GLN A 182 -0.99 -1.29 27.93
C GLN A 182 0.28 -2.13 28.01
N ARG A 183 1.45 -1.47 28.07
CA ARG A 183 2.71 -2.18 28.09
C ARG A 183 2.85 -3.02 29.35
N LEU A 184 2.44 -2.49 30.50
CA LEU A 184 2.51 -3.27 31.73
C LEU A 184 1.60 -4.49 31.69
N LEU A 185 0.38 -4.32 31.16
CA LEU A 185 -0.52 -5.46 31.03
C LEU A 185 0.05 -6.51 30.09
N ALA A 186 0.65 -6.08 28.98
CA ALA A 186 1.27 -7.02 28.05
C ALA A 186 2.44 -7.75 28.72
N PHE A 187 3.24 -7.02 29.50
CA PHE A 187 4.34 -7.65 30.23
C PHE A 187 3.83 -8.72 31.18
N PHE A 188 2.80 -8.39 31.97
CA PHE A 188 2.28 -9.35 32.93
C PHE A 188 1.69 -10.57 32.23
N LYS A 189 0.95 -10.35 31.14
CA LYS A 189 0.35 -11.47 30.42
C LYS A 189 1.42 -12.36 29.80
N CYS A 190 2.47 -11.75 29.24
CA CYS A 190 3.53 -12.53 28.63
C CYS A 190 4.35 -13.29 29.66
N CYS A 191 4.41 -12.76 30.89
CA CYS A 191 5.11 -13.48 31.95
C CYS A 191 4.46 -14.82 32.24
N LEU A 192 3.13 -14.89 32.15
CA LEU A 192 2.44 -16.16 32.36
C LEU A 192 2.84 -17.19 31.32
N LEU A 193 2.91 -16.79 30.05
CA LEU A 193 3.28 -17.71 28.99
C LEU A 193 4.74 -18.12 29.07
N THR A 194 5.63 -17.16 29.37
CA THR A 194 7.04 -17.47 29.46
C THR A 194 7.34 -18.28 30.73
N ASP A 195 6.44 -18.21 31.71
CA ASP A 195 6.52 -18.97 32.96
C ASP A 195 7.70 -18.48 33.79
N GLN A 196 7.81 -17.16 33.97
CA GLN A 196 8.70 -16.55 34.96
C GLN A 196 7.83 -15.65 35.84
N LEU A 197 7.22 -16.26 36.85
CA LEU A 197 6.37 -15.57 37.82
C LEU A 197 7.15 -14.70 38.80
N PRO A 198 8.35 -15.10 39.26
CA PRO A 198 9.09 -14.21 40.16
C PRO A 198 9.34 -12.82 39.60
N LEU A 199 9.64 -12.72 38.29
CA LEU A 199 9.85 -11.40 37.70
C LEU A 199 8.58 -10.56 37.77
N ALA A 200 7.43 -11.16 37.43
CA ALA A 200 6.17 -10.43 37.49
C ALA A 200 5.84 -10.00 38.90
N HIS A 201 6.07 -10.89 39.88
CA HIS A 201 5.80 -10.55 41.27
C HIS A 201 6.69 -9.40 41.73
N HIS A 202 7.98 -9.46 41.38
CA HIS A 202 8.89 -8.39 41.76
C HIS A 202 8.48 -7.06 41.13
N LEU A 203 8.13 -7.08 39.85
CA LEU A 203 7.73 -5.84 39.18
C LEU A 203 6.45 -5.28 39.79
N LEU A 204 5.49 -6.15 40.08
CA LEU A 204 4.23 -5.71 40.68
C LEU A 204 4.48 -5.10 42.05
N VAL A 205 5.32 -5.74 42.86
CA VAL A 205 5.61 -5.22 44.20
C VAL A 205 6.31 -3.87 44.10
N VAL A 206 7.27 -3.74 43.19
CA VAL A 206 7.99 -2.47 43.05
C VAL A 206 7.03 -1.36 42.61
N HIS A 207 6.16 -1.65 41.65
CA HIS A 207 5.24 -0.62 41.17
C HIS A 207 4.21 -0.25 42.23
N HIS A 208 3.74 -1.23 43.01
CA HIS A 208 2.78 -0.94 44.07
C HIS A 208 3.42 -0.15 45.20
N GLY A 209 4.69 -0.41 45.49
CA GLY A 209 5.34 0.26 46.61
C GLY A 209 5.45 1.76 46.40
N GLN A 210 5.88 2.17 45.21
CA GLN A 210 6.04 3.60 44.93
C GLN A 210 4.67 4.24 44.74
N ARG A 211 4.49 5.43 45.31
CA ARG A 211 3.21 6.12 45.24
C ARG A 211 2.91 6.58 43.82
N GLN A 212 3.92 7.03 43.08
CA GLN A 212 3.68 7.56 41.74
C GLN A 212 3.18 6.48 40.78
N LYS A 213 3.78 5.29 40.82
CA LYS A 213 3.39 4.21 39.92
C LYS A 213 2.23 3.38 40.44
N ARG A 214 1.75 3.68 41.65
CA ARG A 214 0.64 2.93 42.24
C ARG A 214 -0.65 3.15 41.44
N LYS A 215 -0.84 4.37 40.92
CA LYS A 215 -2.07 4.68 40.20
C LYS A 215 -2.17 3.90 38.91
N LEU A 216 -1.04 3.57 38.29
CA LEU A 216 -1.03 2.84 37.02
C LEU A 216 -1.67 1.47 37.14
N LEU A 217 -1.34 0.75 38.22
CA LEU A 217 -1.83 -0.61 38.41
C LEU A 217 -3.35 -0.67 38.46
N THR A 218 -3.95 -1.61 37.72
CA THR A 218 -5.38 -1.83 37.75
C THR A 218 -5.67 -3.27 38.14
N LEU A 219 -6.97 -3.59 38.20
CA LEU A 219 -7.39 -4.89 38.71
C LEU A 219 -6.87 -6.04 37.86
N ASP A 220 -6.84 -5.85 36.54
CA ASP A 220 -6.39 -6.92 35.65
C ASP A 220 -4.95 -7.29 35.90
N MET A 221 -4.12 -6.31 36.29
CA MET A 221 -2.72 -6.61 36.61
C MET A 221 -2.61 -7.52 37.81
N TYR A 222 -3.41 -7.30 38.85
CA TYR A 222 -3.44 -8.23 39.97
C TYR A 222 -3.99 -9.59 39.54
N ASN A 223 -5.01 -9.59 38.69
CA ASN A 223 -5.65 -10.83 38.28
C ASN A 223 -4.69 -11.73 37.52
N ALA A 224 -3.87 -11.15 36.64
CA ALA A 224 -2.92 -11.94 35.87
C ALA A 224 -1.92 -12.65 36.78
N VAL A 225 -1.38 -11.91 37.76
CA VAL A 225 -0.41 -12.50 38.67
C VAL A 225 -1.08 -13.54 39.55
N MET A 226 -2.32 -13.28 39.99
CA MET A 226 -3.03 -14.24 40.81
C MET A 226 -3.29 -15.54 40.05
N LEU A 227 -3.69 -15.43 38.77
CA LEU A 227 -3.88 -16.63 37.96
C LEU A 227 -2.57 -17.38 37.76
N GLY A 228 -1.48 -16.65 37.51
CA GLY A 228 -0.20 -17.30 37.35
C GLY A 228 0.23 -18.06 38.60
N TRP A 229 0.04 -17.44 39.76
CA TRP A 229 0.36 -18.11 41.02
C TRP A 229 -0.54 -19.30 41.26
N ALA A 230 -1.83 -19.16 40.93
CA ALA A 230 -2.78 -20.25 41.15
C ALA A 230 -2.45 -21.46 40.30
N ARG A 231 -2.00 -21.24 39.06
CA ARG A 231 -1.63 -22.34 38.19
C ARG A 231 -0.49 -23.15 38.78
N GLN A 232 0.49 -22.48 39.37
CA GLN A 232 1.59 -23.18 40.03
C GLN A 232 1.09 -23.92 41.26
N GLY A 233 0.35 -23.24 42.13
CA GLY A 233 -0.19 -23.87 43.32
C GLY A 233 0.33 -23.30 44.62
N ALA A 234 0.67 -22.02 44.63
CA ALA A 234 1.16 -21.34 45.81
C ALA A 234 0.03 -20.51 46.41
N PHE A 235 -0.30 -20.78 47.67
CA PHE A 235 -1.40 -20.08 48.32
C PHE A 235 -0.94 -18.82 49.04
N LYS A 236 0.27 -18.82 49.60
CA LYS A 236 0.79 -17.65 50.29
C LYS A 236 0.90 -16.46 49.35
N GLU A 237 1.43 -16.68 48.14
CA GLU A 237 1.55 -15.60 47.18
C GLU A 237 0.19 -15.06 46.76
N LEU A 238 -0.78 -15.95 46.53
CA LEU A 238 -2.11 -15.51 46.15
C LEU A 238 -2.74 -14.68 47.27
N VAL A 239 -2.57 -15.13 48.51
CA VAL A 239 -3.09 -14.37 49.65
C VAL A 239 -2.44 -13.00 49.73
N TYR A 240 -1.13 -12.94 49.50
CA TYR A 240 -0.42 -11.67 49.55
C TYR A 240 -0.90 -10.71 48.47
N VAL A 241 -1.13 -11.23 47.26
CA VAL A 241 -1.62 -10.39 46.18
C VAL A 241 -3.06 -9.94 46.45
N LEU A 242 -3.87 -10.80 47.05
CA LEU A 242 -5.23 -10.40 47.43
C LEU A 242 -5.19 -9.29 48.48
N PHE A 243 -4.27 -9.41 49.44
CA PHE A 243 -4.09 -8.33 50.41
C PHE A 243 -3.67 -7.04 49.71
N MET A 244 -2.76 -7.14 48.74
CA MET A 244 -2.33 -5.96 48.00
C MET A 244 -3.49 -5.30 47.28
N VAL A 245 -4.31 -6.10 46.58
CA VAL A 245 -5.40 -5.52 45.80
C VAL A 245 -6.48 -4.94 46.72
N LYS A 246 -6.73 -5.58 47.86
CA LYS A 246 -7.73 -5.04 48.78
C LYS A 246 -7.23 -3.77 49.44
N ASP A 247 -5.92 -3.65 49.64
CA ASP A 247 -5.35 -2.43 50.23
C ASP A 247 -5.36 -1.30 49.22
N ALA A 248 -4.97 -1.58 47.98
CA ALA A 248 -4.84 -0.53 46.97
C ALA A 248 -6.19 0.10 46.64
N GLY A 249 -7.23 -0.71 46.51
CA GLY A 249 -8.54 -0.21 46.17
C GLY A 249 -9.37 -1.19 45.36
N LEU A 250 -10.55 -0.76 44.93
CA LEU A 250 -11.46 -1.57 44.11
C LEU A 250 -12.00 -2.76 44.90
N THR A 251 -12.96 -3.46 44.31
CA THR A 251 -13.53 -4.66 44.90
C THR A 251 -13.19 -5.86 44.05
N PRO A 252 -12.86 -7.00 44.64
CA PRO A 252 -12.53 -8.18 43.83
C PRO A 252 -13.71 -8.61 42.96
N ASP A 253 -13.40 -9.07 41.75
CA ASP A 253 -14.39 -9.51 40.79
C ASP A 253 -14.42 -11.03 40.74
N LEU A 254 -15.15 -11.58 39.77
CA LEU A 254 -15.34 -13.02 39.67
C LEU A 254 -14.01 -13.72 39.36
N LEU A 255 -13.14 -13.08 38.60
CA LEU A 255 -11.89 -13.73 38.19
C LEU A 255 -11.01 -14.02 39.39
N SER A 256 -10.93 -13.10 40.35
CA SER A 256 -10.11 -13.32 41.54
C SER A 256 -10.62 -14.52 42.33
N TYR A 257 -11.95 -14.61 42.52
CA TYR A 257 -12.51 -15.75 43.23
C TYR A 257 -12.30 -17.04 42.47
N ALA A 258 -12.40 -17.00 41.14
CA ALA A 258 -12.15 -18.18 40.34
C ALA A 258 -10.71 -18.67 40.50
N ALA A 259 -9.76 -17.74 40.50
CA ALA A 259 -8.36 -18.12 40.70
C ALA A 259 -8.14 -18.67 42.09
N ALA A 260 -8.79 -18.08 43.10
CA ALA A 260 -8.68 -18.58 44.47
C ALA A 260 -9.18 -20.01 44.57
N LEU A 261 -10.36 -20.28 43.99
CA LEU A 261 -10.89 -21.63 43.99
C LEU A 261 -9.98 -22.60 43.24
N GLN A 262 -9.42 -22.14 42.10
CA GLN A 262 -8.54 -23.01 41.33
C GLN A 262 -7.31 -23.40 42.14
N CYS A 263 -6.66 -22.44 42.78
CA CYS A 263 -5.47 -22.76 43.59
C CYS A 263 -5.84 -23.62 44.79
N MET A 264 -6.97 -23.32 45.43
CA MET A 264 -7.39 -24.08 46.60
C MET A 264 -7.66 -25.53 46.24
N GLY A 265 -8.29 -25.76 45.08
CA GLY A 265 -8.43 -27.11 44.58
C GLY A 265 -7.11 -27.75 44.21
N ARG A 266 -6.17 -26.97 43.69
CA ARG A 266 -4.85 -27.51 43.38
C ARG A 266 -4.15 -28.03 44.63
N GLN A 267 -4.24 -27.30 45.73
CA GLN A 267 -3.55 -27.66 46.96
C GLN A 267 -4.34 -28.65 47.81
N ASP A 268 -5.46 -29.16 47.31
CA ASP A 268 -6.32 -30.10 48.05
C ASP A 268 -6.74 -29.51 49.38
N GLN A 269 -7.28 -28.29 49.33
CA GLN A 269 -7.65 -27.56 50.53
C GLN A 269 -8.79 -28.27 51.26
N ASP A 270 -8.83 -28.06 52.57
CA ASP A 270 -9.87 -28.68 53.41
C ASP A 270 -11.25 -28.15 53.03
N ALA A 271 -12.26 -28.99 53.25
CA ALA A 271 -13.62 -28.64 52.86
C ALA A 271 -14.12 -27.42 53.63
N GLY A 272 -13.65 -27.21 54.85
CA GLY A 272 -14.10 -26.06 55.62
C GLY A 272 -13.69 -24.73 54.99
N THR A 273 -12.44 -24.67 54.50
CA THR A 273 -11.98 -23.45 53.84
C THR A 273 -12.75 -23.21 52.55
N ILE A 274 -13.04 -24.27 51.80
CA ILE A 274 -13.85 -24.12 50.58
C ILE A 274 -15.24 -23.60 50.93
N GLU A 275 -15.84 -24.16 52.00
CA GLU A 275 -17.14 -23.69 52.45
C GLU A 275 -17.10 -22.21 52.78
N ARG A 276 -16.08 -21.79 53.54
CA ARG A 276 -15.98 -20.39 53.93
C ARG A 276 -15.79 -19.49 52.72
N CYS A 277 -14.91 -19.87 51.80
CA CYS A 277 -14.64 -19.05 50.62
C CYS A 277 -15.88 -18.89 49.76
N LEU A 278 -16.58 -20.00 49.50
CA LEU A 278 -17.78 -19.92 48.67
C LEU A 278 -18.92 -19.21 49.40
N GLU A 279 -18.99 -19.33 50.72
CA GLU A 279 -20.01 -18.60 51.47
C GLU A 279 -19.77 -17.10 51.39
N GLN A 280 -18.50 -16.68 51.52
CA GLN A 280 -18.19 -15.26 51.33
C GLN A 280 -18.52 -14.81 49.91
N MET A 281 -18.18 -15.63 48.92
CA MET A 281 -18.45 -15.31 47.52
C MET A 281 -19.95 -15.13 47.31
N SER A 282 -20.76 -15.99 47.91
CA SER A 282 -22.21 -15.82 47.88
C SER A 282 -22.64 -14.56 48.64
N GLN A 283 -21.92 -14.19 49.70
CA GLN A 283 -22.25 -12.96 50.41
C GLN A 283 -22.13 -11.75 49.51
N GLU A 284 -21.05 -11.68 48.71
CA GLU A 284 -21.00 -10.61 47.72
C GLU A 284 -22.11 -10.77 46.68
N GLY A 285 -22.38 -12.00 46.25
CA GLY A 285 -23.51 -12.27 45.39
C GLY A 285 -23.16 -12.41 43.93
N LEU A 286 -22.99 -13.66 43.47
CA LEU A 286 -22.63 -13.94 42.09
C LEU A 286 -23.26 -15.26 41.64
N LYS A 287 -22.77 -15.82 40.54
CA LYS A 287 -23.27 -17.09 40.03
C LYS A 287 -22.09 -17.97 39.68
N LEU A 288 -22.18 -19.26 40.05
CA LEU A 288 -21.07 -20.17 39.78
C LEU A 288 -20.99 -20.54 38.30
N GLN A 289 -22.11 -20.44 37.58
CA GLN A 289 -22.09 -20.73 36.15
C GLN A 289 -21.21 -19.75 35.40
N ALA A 290 -21.29 -18.46 35.76
CA ALA A 290 -20.46 -17.45 35.10
C ALA A 290 -18.98 -17.74 35.28
N LEU A 291 -18.62 -18.42 36.37
CA LEU A 291 -17.23 -18.82 36.57
C LEU A 291 -16.78 -19.79 35.49
N PHE A 292 -17.62 -20.76 35.13
CA PHE A 292 -17.28 -21.72 34.08
C PHE A 292 -17.54 -21.17 32.68
N THR A 293 -18.24 -20.05 32.56
CA THR A 293 -18.36 -19.36 31.28
C THR A 293 -17.36 -18.23 31.14
N ALA A 294 -16.37 -18.14 32.03
CA ALA A 294 -15.34 -17.12 31.93
C ALA A 294 -14.48 -17.36 30.70
N VAL A 295 -14.14 -16.27 30.01
CA VAL A 295 -13.38 -16.39 28.77
C VAL A 295 -11.94 -16.82 29.04
N LEU A 296 -11.31 -16.23 30.07
CA LEU A 296 -9.90 -16.48 30.32
C LEU A 296 -9.65 -17.92 30.72
N LEU A 297 -10.52 -18.50 31.55
CA LEU A 297 -10.29 -19.84 32.08
C LEU A 297 -10.34 -20.87 30.95
N SER A 298 -9.37 -21.79 30.97
CA SER A 298 -9.31 -22.87 30.00
C SER A 298 -10.05 -24.09 30.53
N GLU A 299 -10.03 -25.18 29.75
CA GLU A 299 -10.74 -26.38 30.14
C GLU A 299 -10.09 -27.04 31.36
N GLU A 300 -8.76 -27.03 31.44
CA GLU A 300 -8.07 -27.60 32.59
C GLU A 300 -8.38 -26.82 33.86
N ASP A 301 -8.36 -25.48 33.77
CA ASP A 301 -8.68 -24.65 34.92
C ASP A 301 -10.13 -24.87 35.34
N ARG A 302 -11.04 -24.96 34.37
CA ARG A 302 -12.44 -25.21 34.70
C ARG A 302 -12.62 -26.57 35.37
N ALA A 303 -11.91 -27.59 34.89
CA ALA A 303 -11.99 -28.90 35.51
C ALA A 303 -11.47 -28.85 36.94
N THR A 304 -10.36 -28.15 37.17
CA THR A 304 -9.80 -28.07 38.52
C THR A 304 -10.75 -27.35 39.47
N VAL A 305 -11.32 -26.22 39.03
CA VAL A 305 -12.22 -25.48 39.91
C VAL A 305 -13.52 -26.26 40.12
N LEU A 306 -13.95 -27.04 39.12
CA LEU A 306 -15.11 -27.90 39.30
C LEU A 306 -14.83 -28.98 40.34
N LYS A 307 -13.64 -29.57 40.30
CA LYS A 307 -13.25 -30.53 41.32
C LYS A 307 -13.23 -29.88 42.69
N ALA A 308 -12.73 -28.65 42.77
CA ALA A 308 -12.69 -27.94 44.05
C ALA A 308 -14.10 -27.70 44.59
N VAL A 309 -15.01 -27.24 43.74
CA VAL A 309 -16.36 -26.92 44.21
C VAL A 309 -17.16 -28.19 44.49
N HIS A 310 -16.79 -29.32 43.88
CA HIS A 310 -17.51 -30.57 44.17
C HIS A 310 -17.37 -30.99 45.62
N LYS A 311 -16.42 -30.41 46.36
CA LYS A 311 -16.27 -30.78 47.76
C LYS A 311 -17.47 -30.31 48.58
N VAL A 312 -17.85 -29.04 48.44
CA VAL A 312 -18.97 -28.52 49.22
C VAL A 312 -20.29 -29.05 48.67
N LYS A 313 -20.44 -29.06 47.34
CA LYS A 313 -21.64 -29.60 46.72
C LYS A 313 -21.29 -30.94 46.09
N PRO A 314 -21.84 -32.06 46.58
CA PRO A 314 -21.39 -33.36 46.08
C PRO A 314 -21.58 -33.54 44.59
N THR A 315 -22.59 -32.92 44.01
CA THR A 315 -22.82 -32.95 42.56
C THR A 315 -22.91 -31.53 42.03
N PHE A 316 -22.24 -31.28 40.91
CA PHE A 316 -22.33 -30.02 40.19
C PHE A 316 -22.22 -30.31 38.70
N SER A 317 -23.15 -29.77 37.92
CA SER A 317 -23.21 -30.07 36.50
C SER A 317 -23.65 -28.83 35.73
N LEU A 318 -23.29 -28.81 34.45
CA LEU A 318 -23.72 -27.79 33.51
C LEU A 318 -24.36 -28.51 32.33
N PRO A 319 -25.60 -28.18 32.00
CA PRO A 319 -26.33 -28.95 30.98
C PRO A 319 -25.78 -28.70 29.59
N PRO A 320 -25.77 -29.72 28.73
CA PRO A 320 -25.42 -29.49 27.33
C PRO A 320 -26.58 -28.87 26.57
N GLN A 321 -26.43 -28.71 25.26
CA GLN A 321 -27.48 -28.04 24.49
C GLN A 321 -27.46 -28.56 23.06
N LEU A 322 -28.57 -28.30 22.36
CA LEU A 322 -28.66 -28.57 20.94
C LEU A 322 -27.63 -27.69 20.22
N PRO A 323 -27.06 -28.17 19.11
CA PRO A 323 -26.09 -27.37 18.39
C PRO A 323 -26.72 -26.08 17.91
N PRO A 324 -25.92 -25.03 17.69
CA PRO A 324 -26.45 -23.68 17.45
C PRO A 324 -27.52 -23.70 16.36
N PRO A 325 -28.65 -23.03 16.60
CA PRO A 325 -29.76 -23.11 15.66
C PRO A 325 -29.37 -22.60 14.28
N VAL A 326 -29.91 -23.25 13.25
CA VAL A 326 -29.68 -22.81 11.88
C VAL A 326 -30.32 -21.45 11.68
N ASN A 327 -29.74 -20.67 10.76
CA ASN A 327 -30.22 -19.32 10.52
C ASN A 327 -31.66 -19.34 9.98
N THR A 328 -32.47 -18.43 10.49
CA THR A 328 -33.88 -18.31 10.09
C THR A 328 -34.09 -16.92 9.50
N SER A 329 -33.81 -16.78 8.21
CA SER A 329 -34.00 -15.53 7.49
C SER A 329 -34.58 -15.83 6.12
N LYS A 330 -35.16 -14.80 5.51
CA LYS A 330 -35.82 -14.98 4.22
C LYS A 330 -34.82 -15.43 3.14
N LEU A 331 -33.63 -14.84 3.13
CA LEU A 331 -32.67 -15.12 2.07
C LEU A 331 -32.01 -16.49 2.23
N LEU A 332 -31.64 -16.86 3.46
CA LEU A 332 -30.83 -18.04 3.69
C LEU A 332 -31.62 -19.25 4.17
N ARG A 333 -32.96 -19.18 4.14
CA ARG A 333 -33.76 -20.29 4.67
C ARG A 333 -33.56 -21.56 3.86
N ASP A 334 -33.54 -21.45 2.53
CA ASP A 334 -33.45 -22.63 1.68
C ASP A 334 -32.11 -23.34 1.80
N VAL A 335 -31.05 -22.62 2.16
CA VAL A 335 -29.73 -23.25 2.26
C VAL A 335 -29.67 -24.17 3.48
N TYR A 336 -30.29 -23.76 4.59
CA TYR A 336 -30.20 -24.49 5.85
C TYR A 336 -31.48 -25.26 6.18
N ALA A 337 -32.23 -25.67 5.17
CA ALA A 337 -33.45 -26.45 5.36
C ALA A 337 -33.19 -27.90 5.02
N LYS A 338 -33.46 -28.81 5.95
CA LYS A 338 -33.20 -30.22 5.74
C LYS A 338 -34.20 -30.85 4.77
N ASP A 339 -35.43 -30.34 4.72
CA ASP A 339 -36.49 -30.91 3.88
C ASP A 339 -36.23 -30.52 2.42
N GLY A 340 -35.32 -31.23 1.80
CA GLY A 340 -34.99 -30.98 0.40
C GLY A 340 -34.02 -32.01 -0.13
N ARG A 341 -33.71 -31.88 -1.41
CA ARG A 341 -32.76 -32.77 -2.07
C ARG A 341 -31.38 -32.10 -2.12
N VAL A 342 -30.36 -32.84 -1.69
CA VAL A 342 -29.00 -32.34 -1.60
C VAL A 342 -28.11 -33.20 -2.48
N SER A 343 -27.21 -32.55 -3.21
CA SER A 343 -26.28 -33.20 -4.12
C SER A 343 -24.87 -32.65 -3.93
N TYR A 344 -24.41 -32.59 -2.68
CA TYR A 344 -23.13 -31.97 -2.38
C TYR A 344 -22.01 -32.73 -3.08
N PRO A 345 -21.05 -32.02 -3.68
CA PRO A 345 -20.00 -32.70 -4.45
C PRO A 345 -18.96 -33.34 -3.55
N LYS A 346 -18.06 -34.08 -4.18
CA LYS A 346 -16.98 -34.77 -3.50
C LYS A 346 -15.72 -34.69 -4.35
N LEU A 347 -14.57 -34.89 -3.72
CA LEU A 347 -13.30 -34.86 -4.42
C LEU A 347 -13.11 -36.14 -5.23
N HIS A 348 -11.93 -36.27 -5.83
CA HIS A 348 -11.59 -37.44 -6.65
C HIS A 348 -10.36 -38.17 -6.12
N LEU A 349 -10.12 -38.13 -4.81
CA LEU A 349 -8.89 -38.66 -4.26
C LEU A 349 -9.18 -39.68 -3.17
N PRO A 350 -8.31 -40.69 -3.02
CA PRO A 350 -8.47 -41.63 -1.91
C PRO A 350 -8.23 -40.97 -0.56
N LEU A 351 -8.79 -41.57 0.48
CA LEU A 351 -8.63 -41.03 1.83
C LEU A 351 -7.18 -41.03 2.27
N LYS A 352 -6.43 -42.10 1.93
CA LYS A 352 -5.03 -42.19 2.34
C LYS A 352 -4.20 -41.07 1.72
N THR A 353 -4.46 -40.76 0.44
CA THR A 353 -3.74 -39.65 -0.19
C THR A 353 -4.05 -38.32 0.49
N LEU A 354 -5.32 -38.09 0.84
CA LEU A 354 -5.67 -36.86 1.54
C LEU A 354 -4.97 -36.77 2.88
N GLN A 355 -4.91 -37.88 3.62
CA GLN A 355 -4.23 -37.87 4.91
C GLN A 355 -2.73 -37.61 4.75
N CYS A 356 -2.12 -38.22 3.73
CA CYS A 356 -0.70 -37.98 3.47
C CYS A 356 -0.44 -36.53 3.12
N LEU A 357 -1.31 -35.93 2.30
CA LEU A 357 -1.18 -34.51 1.99
C LEU A 357 -1.33 -33.66 3.24
N PHE A 358 -2.22 -34.05 4.14
CA PHE A 358 -2.36 -33.34 5.41
C PHE A 358 -1.07 -33.40 6.22
N GLU A 359 -0.43 -34.59 6.28
CA GLU A 359 0.84 -34.70 6.98
C GLU A 359 1.90 -33.82 6.34
N LYS A 360 1.97 -33.80 5.01
CA LYS A 360 2.94 -32.96 4.32
C LYS A 360 2.72 -31.49 4.64
N GLN A 361 1.47 -31.03 4.59
CA GLN A 361 1.17 -29.63 4.88
C GLN A 361 1.48 -29.28 6.33
N LEU A 362 1.18 -30.20 7.25
CA LEU A 362 1.46 -29.95 8.66
C LEU A 362 2.96 -29.80 8.89
N HIS A 363 3.76 -30.69 8.31
CA HIS A 363 5.20 -30.58 8.45
C HIS A 363 5.72 -29.30 7.81
N MET A 364 5.15 -28.92 6.65
CA MET A 364 5.56 -27.68 5.99
C MET A 364 5.28 -26.47 6.86
N GLU A 365 4.10 -26.43 7.50
CA GLU A 365 3.77 -25.30 8.35
C GLU A 365 4.60 -25.29 9.62
N LEU A 366 4.93 -26.47 10.14
CA LEU A 366 5.81 -26.53 11.31
C LEU A 366 7.21 -26.03 10.99
N ALA A 367 7.70 -26.33 9.78
CA ALA A 367 9.02 -25.85 9.39
C ALA A 367 9.04 -24.33 9.20
N SER A 368 7.92 -23.75 8.77
CA SER A 368 7.67 -22.32 8.54
C SER A 368 8.43 -21.79 7.32
N ARG A 369 9.05 -22.65 6.52
CA ARG A 369 9.75 -22.22 5.32
C ARG A 369 9.65 -23.31 4.27
N VAL A 370 9.76 -22.90 3.00
CA VAL A 370 9.87 -23.83 1.88
C VAL A 370 11.01 -23.36 0.99
N CYS A 371 11.73 -24.32 0.42
CA CYS A 371 12.83 -24.05 -0.50
C CYS A 371 12.42 -24.52 -1.89
N VAL A 372 12.53 -23.62 -2.87
CA VAL A 372 12.10 -23.90 -4.24
C VAL A 372 13.30 -23.78 -5.15
N VAL A 373 13.43 -24.73 -6.08
CA VAL A 373 14.49 -24.71 -7.07
C VAL A 373 14.22 -23.58 -8.05
N SER A 374 15.23 -22.73 -8.25
CA SER A 374 15.06 -21.56 -9.11
C SER A 374 14.82 -21.98 -10.55
N VAL A 375 13.96 -21.24 -11.24
CA VAL A 375 13.59 -21.57 -12.62
C VAL A 375 14.43 -20.79 -13.63
N GLU A 376 15.25 -19.84 -13.18
CA GLU A 376 16.08 -19.06 -14.08
C GLU A 376 17.16 -19.95 -14.70
N LYS A 377 17.80 -19.42 -15.75
CA LYS A 377 18.79 -20.19 -16.47
C LYS A 377 19.95 -20.57 -15.55
N PRO A 378 20.35 -21.84 -15.54
CA PRO A 378 21.48 -22.24 -14.69
C PRO A 378 22.78 -21.57 -15.12
N THR A 379 23.66 -21.37 -14.15
CA THR A 379 24.97 -20.77 -14.37
C THR A 379 26.03 -21.86 -14.43
N LEU A 380 26.81 -21.87 -15.50
CA LEU A 380 27.85 -22.87 -15.66
C LEU A 380 28.92 -22.70 -14.58
N PRO A 381 29.42 -23.80 -14.01
CA PRO A 381 30.39 -23.68 -12.92
C PRO A 381 31.70 -23.05 -13.38
N SER A 382 32.34 -22.34 -12.47
CA SER A 382 33.64 -21.72 -12.72
C SER A 382 34.33 -21.49 -11.38
N LYS A 383 35.60 -21.12 -11.46
CA LYS A 383 36.38 -20.87 -10.24
C LYS A 383 35.81 -19.70 -9.46
N GLU A 384 35.37 -18.65 -10.15
CA GLU A 384 34.84 -17.47 -9.47
C GLU A 384 33.57 -17.81 -8.71
N VAL A 385 32.70 -18.62 -9.31
CA VAL A 385 31.44 -19.00 -8.66
C VAL A 385 31.73 -19.78 -7.38
N LYS A 386 32.66 -20.75 -7.45
CA LYS A 386 33.01 -21.53 -6.27
C LYS A 386 33.61 -20.66 -5.19
N HIS A 387 34.49 -19.73 -5.57
CA HIS A 387 35.09 -18.82 -4.60
C HIS A 387 34.02 -17.96 -3.92
N ALA A 388 33.08 -17.45 -4.72
CA ALA A 388 31.99 -16.65 -4.15
C ALA A 388 31.14 -17.46 -3.19
N ARG A 389 30.84 -18.72 -3.54
CA ARG A 389 30.05 -19.56 -2.66
C ARG A 389 30.78 -19.83 -1.34
N LYS A 390 32.09 -20.10 -1.42
CA LYS A 390 32.87 -20.33 -0.20
C LYS A 390 32.89 -19.10 0.69
N THR A 391 33.11 -17.93 0.09
CA THR A 391 33.11 -16.69 0.86
C THR A 391 31.74 -16.45 1.50
N LEU A 392 30.66 -16.72 0.76
CA LEU A 392 29.32 -16.55 1.29
C LEU A 392 29.08 -17.47 2.48
N LYS A 393 29.52 -18.72 2.38
CA LYS A 393 29.35 -19.67 3.48
C LYS A 393 30.10 -19.21 4.73
N THR A 394 31.34 -18.75 4.55
CA THR A 394 32.12 -18.27 5.68
C THR A 394 31.44 -17.07 6.35
N LEU A 395 30.96 -16.12 5.53
CA LEU A 395 30.28 -14.97 6.08
C LEU A 395 29.01 -15.37 6.81
N ARG A 396 28.27 -16.35 6.27
CA ARG A 396 27.05 -16.80 6.94
C ARG A 396 27.36 -17.36 8.33
N ASP A 397 28.40 -18.19 8.42
CA ASP A 397 28.77 -18.75 9.72
C ASP A 397 29.16 -17.66 10.71
N GLN A 398 29.98 -16.70 10.25
CA GLN A 398 30.42 -15.64 11.14
C GLN A 398 29.25 -14.80 11.63
N TRP A 399 28.31 -14.46 10.71
CA TRP A 399 27.14 -13.68 11.11
C TRP A 399 26.29 -14.45 12.10
N GLU A 400 26.14 -15.77 11.89
CA GLU A 400 25.36 -16.58 12.82
C GLU A 400 25.94 -16.51 14.23
N LYS A 401 27.25 -16.71 14.35
CA LYS A 401 27.88 -16.68 15.67
C LYS A 401 27.75 -15.29 16.30
N ALA A 402 27.98 -14.23 15.53
CA ALA A 402 27.89 -12.88 16.08
C ALA A 402 26.48 -12.57 16.54
N LEU A 403 25.47 -12.96 15.76
CA LEU A 403 24.09 -12.72 16.15
C LEU A 403 23.73 -13.49 17.42
N CYS A 404 24.22 -14.72 17.56
CA CYS A 404 23.94 -15.47 18.77
C CYS A 404 24.52 -14.76 19.99
N ARG A 405 25.77 -14.31 19.90
CA ARG A 405 26.38 -13.61 21.03
C ARG A 405 25.63 -12.32 21.35
N ALA A 406 25.25 -11.56 20.31
CA ALA A 406 24.53 -10.31 20.53
C ALA A 406 23.17 -10.56 21.18
N LEU A 407 22.47 -11.62 20.76
CA LEU A 407 21.19 -11.95 21.38
C LEU A 407 21.36 -12.28 22.86
N ARG A 408 22.39 -13.06 23.19
CA ARG A 408 22.62 -13.39 24.60
C ARG A 408 22.88 -12.15 25.43
N GLU A 409 23.75 -11.25 24.92
CA GLU A 409 24.07 -10.04 25.65
C GLU A 409 22.83 -9.16 25.82
N THR A 410 22.01 -9.04 24.76
CA THR A 410 20.78 -8.25 24.86
C THR A 410 19.83 -8.83 25.89
N LYS A 411 19.71 -10.16 25.93
CA LYS A 411 18.85 -10.79 26.93
C LYS A 411 19.30 -10.46 28.34
N ASN A 412 20.62 -10.58 28.60
CA ASN A 412 21.12 -10.27 29.93
C ASN A 412 20.89 -8.80 30.29
N ARG A 413 21.17 -7.91 29.35
CA ARG A 413 21.02 -6.48 29.62
C ARG A 413 19.56 -6.12 29.90
N LEU A 414 18.62 -6.71 29.16
CA LEU A 414 17.21 -6.46 29.39
C LEU A 414 16.71 -7.07 30.69
N GLU A 415 17.24 -8.23 31.10
CA GLU A 415 16.89 -8.80 32.39
C GLU A 415 17.36 -7.93 33.55
N ARG A 416 18.56 -7.36 33.43
CA ARG A 416 19.06 -6.50 34.51
C ARG A 416 18.14 -5.31 34.74
N GLU A 417 17.55 -4.76 33.68
CA GLU A 417 16.59 -3.67 33.85
C GLU A 417 15.35 -4.15 34.60
N VAL A 418 14.90 -5.38 34.33
CA VAL A 418 13.76 -5.93 35.06
C VAL A 418 14.09 -6.02 36.55
N TYR A 419 15.30 -6.46 36.88
CA TYR A 419 15.67 -6.53 38.29
C TYR A 419 15.89 -5.17 38.92
N GLU A 420 15.80 -4.08 38.15
CA GLU A 420 15.87 -2.73 38.69
C GLU A 420 14.50 -2.08 38.80
N GLY A 421 13.42 -2.85 38.69
CA GLY A 421 12.08 -2.30 38.77
C GLY A 421 11.72 -1.41 37.60
N ARG A 422 12.04 -1.83 36.38
CA ARG A 422 11.69 -1.10 35.18
C ARG A 422 11.13 -2.05 34.14
N PHE A 423 10.28 -1.52 33.28
CA PHE A 423 9.71 -2.30 32.19
C PHE A 423 10.74 -2.52 31.09
N SER A 424 10.64 -3.67 30.44
CA SER A 424 11.50 -4.00 29.30
C SER A 424 10.80 -5.06 28.46
N LEU A 425 11.55 -5.69 27.55
CA LEU A 425 11.01 -6.71 26.66
C LEU A 425 11.66 -8.07 26.91
N TYR A 426 12.07 -8.32 28.15
CA TYR A 426 12.70 -9.61 28.47
C TYR A 426 11.75 -10.80 28.27
N PRO A 427 10.53 -10.81 28.82
CA PRO A 427 9.66 -11.98 28.55
C PRO A 427 9.31 -12.14 27.08
N PHE A 428 9.13 -11.03 26.36
CA PHE A 428 8.85 -11.12 24.93
C PHE A 428 10.01 -11.74 24.17
N LEU A 429 11.23 -11.37 24.54
CA LEU A 429 12.40 -11.92 23.87
C LEU A 429 12.71 -13.34 24.32
N CYS A 430 12.15 -13.77 25.46
CA CYS A 430 12.35 -15.13 25.95
C CYS A 430 11.28 -16.10 25.48
N LEU A 431 10.38 -15.67 24.60
CA LEU A 431 9.30 -16.53 24.14
C LEU A 431 9.77 -17.60 23.17
N LEU A 432 10.86 -17.36 22.45
CA LEU A 432 11.33 -18.27 21.42
C LEU A 432 12.79 -18.65 21.68
N ASP A 433 13.18 -19.79 21.11
CA ASP A 433 14.55 -20.25 21.19
C ASP A 433 15.48 -19.30 20.43
N GLU A 434 16.74 -19.27 20.86
CA GLU A 434 17.73 -18.42 20.21
C GLU A 434 17.95 -18.83 18.76
N ARG A 435 17.97 -20.14 18.50
CA ARG A 435 18.25 -20.63 17.15
C ARG A 435 17.18 -20.16 16.16
N GLU A 436 15.92 -20.20 16.56
CA GLU A 436 14.84 -19.77 15.66
C GLU A 436 14.94 -18.29 15.34
N VAL A 437 15.22 -17.46 16.34
CA VAL A 437 15.36 -16.02 16.11
C VAL A 437 16.54 -15.75 15.20
N VAL A 438 17.66 -16.44 15.43
CA VAL A 438 18.84 -16.26 14.58
C VAL A 438 18.51 -16.66 13.13
N ARG A 439 17.82 -17.77 12.95
CA ARG A 439 17.45 -18.22 11.61
C ARG A 439 16.54 -17.21 10.92
N MET A 440 15.58 -16.65 11.67
CA MET A 440 14.71 -15.63 11.10
C MET A 440 15.49 -14.40 10.68
N LEU A 441 16.44 -13.97 11.52
CA LEU A 441 17.25 -12.80 11.18
C LEU A 441 18.10 -13.04 9.94
N LEU A 442 18.73 -14.22 9.83
CA LEU A 442 19.46 -14.53 8.62
C LEU A 442 18.56 -14.62 7.39
N GLN A 443 17.34 -15.14 7.54
CA GLN A 443 16.41 -15.16 6.41
C GLN A 443 16.07 -13.73 5.96
N VAL A 444 15.83 -12.84 6.92
CA VAL A 444 15.54 -11.44 6.58
C VAL A 444 16.73 -10.80 5.88
N LEU A 445 17.93 -11.05 6.39
CA LEU A 445 19.13 -10.51 5.76
C LEU A 445 19.29 -11.03 4.34
N GLN A 446 19.03 -12.32 4.12
CA GLN A 446 19.17 -12.90 2.79
C GLN A 446 18.07 -12.42 1.85
N ALA A 447 16.92 -11.99 2.37
CA ALA A 447 15.80 -11.58 1.54
C ALA A 447 15.63 -10.06 1.56
N LEU A 448 16.75 -9.33 1.57
CA LEU A 448 16.70 -7.87 1.57
C LEU A 448 16.92 -7.33 0.16
N PRO A 449 16.03 -6.47 -0.34
CA PRO A 449 16.22 -5.92 -1.69
C PRO A 449 17.47 -5.06 -1.78
N ALA A 450 18.03 -4.99 -2.98
CA ALA A 450 19.25 -4.23 -3.20
C ALA A 450 19.09 -2.75 -2.93
N GLN A 451 17.87 -2.22 -3.05
CA GLN A 451 17.63 -0.81 -2.76
C GLN A 451 17.41 -0.55 -1.28
N GLY A 452 17.28 -1.59 -0.47
CA GLY A 452 17.02 -1.43 0.94
C GLY A 452 15.55 -1.21 1.25
N GLU A 453 15.26 -1.09 2.53
CA GLU A 453 13.89 -0.90 3.00
C GLU A 453 13.88 0.13 4.13
N SER A 454 12.72 0.74 4.33
CA SER A 454 12.57 1.74 5.38
C SER A 454 12.66 1.09 6.75
N PHE A 455 12.98 1.85 7.78
CA PHE A 455 13.15 1.23 9.12
C PHE A 455 11.77 0.81 9.61
N THR A 456 10.75 1.65 9.46
CA THR A 456 9.46 1.23 10.01
C THR A 456 8.99 -0.06 9.34
N THR A 457 9.15 -0.22 8.04
CA THR A 457 8.62 -1.44 7.38
C THR A 457 9.37 -2.66 7.92
N LEU A 458 10.68 -2.56 8.05
CA LEU A 458 11.46 -3.73 8.50
C LEU A 458 10.97 -4.05 9.92
N ALA A 459 10.70 -3.02 10.71
CA ALA A 459 10.19 -3.27 12.06
C ALA A 459 8.85 -3.98 12.10
N ARG A 460 7.86 -3.53 11.33
CA ARG A 460 6.59 -4.30 11.40
C ARG A 460 6.85 -5.71 10.91
N GLU A 461 7.66 -5.91 9.88
CA GLU A 461 7.85 -7.32 9.43
C GLU A 461 8.46 -8.16 10.55
N LEU A 462 9.52 -7.70 11.22
CA LEU A 462 10.11 -8.58 12.24
C LEU A 462 9.09 -8.82 13.36
N SER A 463 8.35 -7.82 13.78
CA SER A 463 7.39 -8.14 14.88
C SER A 463 6.38 -9.19 14.43
N ALA A 464 5.83 -9.07 13.24
CA ALA A 464 4.80 -10.04 12.81
C ALA A 464 5.41 -11.43 12.68
N ARG A 465 6.60 -11.54 12.12
CA ARG A 465 7.11 -12.92 12.01
C ARG A 465 7.27 -13.47 13.42
N THR A 466 7.77 -12.68 14.37
CA THR A 466 7.89 -13.29 15.72
C THR A 466 6.52 -13.70 16.27
N PHE A 467 5.46 -12.90 16.14
CA PHE A 467 4.16 -13.39 16.68
C PHE A 467 3.76 -14.68 15.97
N SER A 468 3.92 -14.79 14.65
CA SER A 468 3.49 -16.08 14.05
C SER A 468 4.32 -17.25 14.59
N ARG A 469 5.62 -17.10 14.71
CA ARG A 469 6.38 -18.28 15.18
C ARG A 469 5.96 -18.60 16.61
N HIS A 470 5.75 -17.61 17.45
CA HIS A 470 5.28 -17.99 18.81
C HIS A 470 3.94 -18.69 18.76
N VAL A 471 2.95 -18.25 17.97
CA VAL A 471 1.67 -19.02 18.00
C VAL A 471 1.93 -20.45 17.57
N VAL A 472 2.67 -20.65 16.49
CA VAL A 472 2.83 -22.07 16.06
C VAL A 472 3.55 -22.87 17.16
N GLN A 473 4.60 -22.34 17.77
CA GLN A 473 5.37 -23.12 18.78
C GLN A 473 4.52 -23.36 20.03
N ARG A 474 3.71 -22.42 20.45
CA ARG A 474 2.84 -22.68 21.61
C ARG A 474 1.93 -23.84 21.26
N GLN A 475 1.33 -23.81 20.08
CA GLN A 475 0.44 -24.97 19.84
C GLN A 475 1.26 -26.24 19.89
N ARG A 476 2.42 -26.27 19.25
CA ARG A 476 3.14 -27.55 19.24
C ARG A 476 3.41 -28.01 20.66
N VAL A 477 3.92 -27.14 21.54
CA VAL A 477 4.31 -27.61 22.91
C VAL A 477 3.08 -28.05 23.69
N SER A 478 2.02 -27.26 23.65
CA SER A 478 0.86 -27.63 24.50
C SER A 478 0.38 -29.01 24.13
N GLY A 479 0.05 -29.24 22.88
CA GLY A 479 -0.53 -30.51 22.53
C GLY A 479 -1.79 -30.46 21.70
N GLN A 480 -2.16 -29.29 21.19
CA GLN A 480 -3.32 -29.20 20.30
C GLN A 480 -3.04 -29.81 18.94
N VAL A 481 -1.78 -29.88 18.58
CA VAL A 481 -1.40 -30.46 17.27
C VAL A 481 -2.04 -31.83 17.16
N GLN A 482 -1.95 -32.69 18.18
CA GLN A 482 -2.49 -34.08 18.12
C GLN A 482 -4.00 -34.05 18.03
N ALA A 483 -4.63 -33.15 18.76
CA ALA A 483 -6.09 -33.07 18.63
C ALA A 483 -6.46 -32.68 17.19
N LEU A 484 -5.75 -31.73 16.59
CA LEU A 484 -6.11 -31.42 15.19
C LEU A 484 -5.85 -32.65 14.37
N GLN A 485 -4.74 -33.33 14.56
CA GLN A 485 -4.54 -34.46 13.64
C GLN A 485 -5.74 -35.38 13.78
N ASN A 486 -6.16 -35.74 14.97
CA ASN A 486 -7.27 -36.73 15.02
C ASN A 486 -8.54 -36.16 14.41
N HIS A 487 -8.95 -34.97 14.80
CA HIS A 487 -10.24 -34.47 14.29
C HIS A 487 -10.17 -34.38 12.78
N TYR A 488 -9.04 -33.94 12.22
CA TYR A 488 -8.96 -33.74 10.76
C TYR A 488 -9.01 -35.09 10.08
N ARG A 489 -8.22 -36.02 10.54
CA ARG A 489 -8.21 -37.29 9.83
C ARG A 489 -9.62 -37.87 9.87
N LYS A 490 -10.37 -37.61 10.93
CA LYS A 490 -11.72 -38.22 10.92
C LYS A 490 -12.60 -37.37 10.02
N TYR A 491 -12.38 -36.06 10.01
CA TYR A 491 -13.18 -35.16 9.18
C TYR A 491 -12.99 -35.40 7.68
N LEU A 492 -11.81 -35.86 7.26
CA LEU A 492 -11.54 -36.05 5.84
C LEU A 492 -12.42 -37.12 5.20
N CYS A 493 -13.24 -37.82 5.97
CA CYS A 493 -14.15 -38.80 5.38
C CYS A 493 -15.22 -38.13 4.53
N LEU A 494 -15.61 -36.91 4.90
CA LEU A 494 -16.68 -36.21 4.18
C LEU A 494 -16.26 -35.89 2.75
N LEU A 495 -15.01 -35.44 2.56
CA LEU A 495 -14.59 -34.96 1.25
C LEU A 495 -14.14 -36.10 0.34
N ALA A 496 -13.55 -37.14 0.91
CA ALA A 496 -13.02 -38.23 0.10
C ALA A 496 -14.14 -38.98 -0.61
N SER A 497 -13.82 -39.50 -1.79
CA SER A 497 -14.81 -40.23 -2.58
C SER A 497 -15.12 -41.59 -1.98
N ASP A 498 -14.09 -42.26 -1.44
CA ASP A 498 -14.28 -43.61 -0.93
C ASP A 498 -15.19 -43.62 0.31
N ALA A 499 -14.89 -42.75 1.28
CA ALA A 499 -15.63 -42.72 2.53
C ALA A 499 -17.02 -42.14 2.33
N GLU A 500 -17.90 -42.44 3.29
CA GLU A 500 -19.28 -41.99 3.23
C GLU A 500 -19.69 -41.50 4.62
N VAL A 501 -20.57 -40.51 4.64
CA VAL A 501 -20.98 -39.85 5.88
C VAL A 501 -22.40 -40.30 6.24
N PRO A 502 -22.70 -40.55 7.51
CA PRO A 502 -24.06 -40.98 7.87
C PRO A 502 -25.14 -40.01 7.42
N GLU A 503 -24.88 -38.70 7.48
CA GLU A 503 -25.84 -37.69 7.05
C GLU A 503 -25.08 -36.59 6.32
N PRO A 504 -25.25 -36.45 5.01
CA PRO A 504 -24.57 -35.38 4.28
C PRO A 504 -24.97 -34.01 4.81
N CYS A 505 -23.99 -33.12 4.90
CA CYS A 505 -24.21 -31.78 5.43
C CYS A 505 -23.07 -30.87 5.00
N LEU A 506 -23.21 -29.59 5.30
CA LEU A 506 -22.17 -28.63 4.99
C LEU A 506 -20.93 -28.92 5.83
N PRO A 507 -19.74 -28.64 5.28
CA PRO A 507 -18.50 -28.99 6.01
C PRO A 507 -18.40 -28.38 7.40
N ARG A 508 -18.86 -27.14 7.57
CA ARG A 508 -18.88 -26.54 8.91
C ARG A 508 -19.81 -27.31 9.85
N GLN A 509 -20.97 -27.72 9.33
CA GLN A 509 -21.91 -28.49 10.14
C GLN A 509 -21.29 -29.81 10.58
N TYR A 510 -20.61 -30.49 9.67
CA TYR A 510 -19.96 -31.75 10.03
C TYR A 510 -18.83 -31.54 11.02
N TRP A 511 -18.07 -30.46 10.86
CA TRP A 511 -16.99 -30.15 11.80
C TRP A 511 -17.56 -29.93 13.20
N GLU A 512 -18.65 -29.18 13.30
CA GLU A 512 -19.27 -28.96 14.61
C GLU A 512 -19.86 -30.24 15.18
N GLU A 513 -20.49 -31.06 14.33
CA GLU A 513 -21.17 -32.25 14.83
C GLU A 513 -20.17 -33.32 15.26
N LEU A 514 -19.00 -33.35 14.64
CA LEU A 514 -17.99 -34.36 14.95
C LEU A 514 -17.34 -34.10 16.30
N GLY A 515 -17.68 -32.99 16.93
CA GLY A 515 -17.01 -32.55 18.14
C GLY A 515 -15.82 -31.67 17.83
N ALA A 516 -15.84 -30.47 18.38
CA ALA A 516 -14.90 -29.42 18.01
C ALA A 516 -13.84 -29.24 19.10
N PRO A 517 -12.58 -29.51 18.82
CA PRO A 517 -11.52 -29.12 19.77
C PRO A 517 -11.50 -27.61 19.95
N GLU A 518 -11.24 -27.19 21.18
CA GLU A 518 -11.30 -25.78 21.55
C GLU A 518 -9.95 -25.13 21.23
N ALA A 519 -9.97 -24.18 20.30
CA ALA A 519 -8.79 -23.40 19.93
C ALA A 519 -8.92 -22.03 20.57
N LEU A 520 -8.02 -21.72 21.50
CA LEU A 520 -8.05 -20.46 22.24
C LEU A 520 -7.37 -19.38 21.42
N ARG A 521 -8.04 -18.24 21.29
CA ARG A 521 -7.48 -17.12 20.55
C ARG A 521 -6.20 -16.62 21.22
N GLU A 522 -5.23 -16.22 20.40
CA GLU A 522 -3.99 -15.67 20.92
C GLU A 522 -4.15 -14.17 21.11
N GLN A 523 -3.75 -13.68 22.27
CA GLN A 523 -3.88 -12.26 22.57
C GLN A 523 -2.92 -11.46 21.69
N PRO A 524 -3.43 -10.53 20.88
CA PRO A 524 -2.56 -9.72 20.03
C PRO A 524 -1.75 -8.74 20.88
N TRP A 525 -0.48 -8.57 20.53
CA TRP A 525 0.37 -7.65 21.26
C TRP A 525 -0.06 -6.22 20.97
N PRO A 526 0.10 -5.30 21.92
CA PRO A 526 -0.19 -3.89 21.65
C PRO A 526 0.78 -3.32 20.61
N LEU A 527 0.30 -2.32 19.89
CA LEU A 527 1.10 -1.71 18.83
C LEU A 527 2.43 -1.15 19.34
N PRO A 528 2.50 -0.40 20.44
CA PRO A 528 3.82 0.07 20.90
C PRO A 528 4.80 -1.06 21.16
N VAL A 529 4.34 -2.15 21.78
CA VAL A 529 5.23 -3.28 22.06
C VAL A 529 5.71 -3.92 20.77
N GLN A 530 4.80 -4.07 19.79
CA GLN A 530 5.17 -4.63 18.50
C GLN A 530 6.24 -3.80 17.82
N MET A 531 6.04 -2.49 17.76
CA MET A 531 7.04 -1.63 17.11
C MET A 531 8.36 -1.63 17.87
N GLU A 532 8.31 -1.62 19.20
CA GLU A 532 9.54 -1.63 19.98
C GLU A 532 10.33 -2.92 19.75
N LEU A 533 9.64 -4.07 19.73
CA LEU A 533 10.33 -5.33 19.48
C LEU A 533 10.92 -5.38 18.09
N GLY A 534 10.17 -4.91 17.09
CA GLY A 534 10.70 -4.88 15.73
C GLY A 534 11.92 -4.00 15.62
N LYS A 535 11.87 -2.83 16.23
CA LYS A 535 13.01 -1.91 16.20
C LYS A 535 14.22 -2.51 16.90
N LEU A 536 14.01 -3.15 18.05
CA LEU A 536 15.12 -3.77 18.76
C LEU A 536 15.77 -4.88 17.93
N LEU A 537 14.95 -5.72 17.30
CA LEU A 537 15.51 -6.78 16.46
C LEU A 537 16.25 -6.22 15.26
N ALA A 538 15.72 -5.18 14.63
CA ALA A 538 16.41 -4.57 13.49
C ALA A 538 17.73 -3.96 13.90
N GLU A 539 17.78 -3.29 15.05
CA GLU A 539 19.02 -2.72 15.53
C GLU A 539 20.04 -3.81 15.86
N MET A 540 19.59 -4.91 16.48
CA MET A 540 20.50 -6.02 16.74
C MET A 540 21.06 -6.57 15.43
N LEU A 541 20.21 -6.71 14.41
CA LEU A 541 20.67 -7.23 13.13
C LEU A 541 21.69 -6.30 12.49
N VAL A 542 21.44 -4.99 12.52
CA VAL A 542 22.34 -4.06 11.85
C VAL A 542 23.66 -3.94 12.59
N GLN A 543 23.63 -4.07 13.93
CA GLN A 543 24.86 -3.92 14.70
C GLN A 543 25.71 -5.18 14.70
N ALA A 544 25.09 -6.36 14.71
CA ALA A 544 25.84 -7.60 14.90
C ALA A 544 26.62 -8.04 13.67
N THR A 545 26.11 -7.77 12.47
CA THR A 545 26.72 -8.29 11.25
C THR A 545 27.82 -7.36 10.76
N GLN A 546 28.98 -7.93 10.43
CA GLN A 546 30.10 -7.18 9.88
C GLN A 546 30.77 -8.01 8.79
N MET A 547 31.42 -7.34 7.85
CA MET A 547 32.01 -7.96 6.68
C MET A 547 33.37 -7.36 6.41
N PRO A 548 34.33 -8.17 5.95
CA PRO A 548 35.62 -7.60 5.53
C PRO A 548 35.44 -6.58 4.41
N CYS A 549 36.24 -5.52 4.47
CA CYS A 549 36.09 -4.43 3.50
C CYS A 549 36.45 -4.88 2.09
N SER A 550 37.53 -5.64 1.94
CA SER A 550 38.01 -6.07 0.63
C SER A 550 37.65 -7.55 0.47
N LEU A 551 36.63 -7.81 -0.36
CA LEU A 551 36.22 -9.19 -0.60
C LEU A 551 37.02 -9.82 -1.71
N ASP A 552 37.23 -9.08 -2.81
CA ASP A 552 38.02 -9.60 -3.92
C ASP A 552 39.46 -9.83 -3.50
N LYS A 553 40.04 -8.90 -2.75
CA LYS A 553 41.42 -9.05 -2.29
C LYS A 553 41.41 -9.47 -0.82
N PRO A 554 41.82 -10.69 -0.49
CA PRO A 554 41.78 -11.14 0.90
C PRO A 554 42.85 -10.46 1.75
N HIS A 555 42.48 -10.10 2.98
CA HIS A 555 43.34 -9.58 4.03
C HIS A 555 44.03 -8.27 3.67
N ARG A 556 43.51 -7.49 2.71
CA ARG A 556 44.15 -6.23 2.39
C ARG A 556 44.08 -5.25 3.57
N SER A 557 42.93 -5.18 4.23
CA SER A 557 42.76 -4.34 5.41
C SER A 557 41.92 -5.09 6.43
N SER A 558 42.40 -5.13 7.67
CA SER A 558 41.72 -5.86 8.74
C SER A 558 40.45 -5.16 9.18
N ARG A 559 40.25 -3.93 8.71
CA ARG A 559 39.06 -3.17 9.08
C ARG A 559 37.79 -3.88 8.60
N LEU A 560 36.75 -3.83 9.43
CA LEU A 560 35.48 -4.51 9.15
C LEU A 560 34.40 -3.46 8.96
N VAL A 561 33.67 -3.55 7.87
CA VAL A 561 32.62 -2.60 7.55
C VAL A 561 31.26 -3.22 7.88
N PRO A 562 30.27 -2.43 8.30
CA PRO A 562 28.94 -2.98 8.52
C PRO A 562 28.30 -3.43 7.21
N VAL A 563 27.46 -4.45 7.32
CA VAL A 563 26.72 -4.94 6.16
C VAL A 563 25.60 -3.98 5.78
N LEU A 564 24.86 -3.49 6.77
CA LEU A 564 23.77 -2.55 6.53
C LEU A 564 24.17 -1.16 6.99
N TYR A 565 23.69 -0.15 6.29
CA TYR A 565 23.96 1.24 6.62
C TYR A 565 22.64 2.00 6.78
N HIS A 566 22.65 2.98 7.69
CA HIS A 566 21.48 3.79 7.98
C HIS A 566 21.63 5.13 7.26
N VAL A 567 20.81 5.34 6.23
CA VAL A 567 20.91 6.51 5.37
C VAL A 567 19.56 7.23 5.35
N TYR A 568 19.62 8.56 5.33
CA TYR A 568 18.41 9.35 5.16
C TYR A 568 18.07 9.54 3.68
N SER A 569 16.78 9.51 3.39
CA SER A 569 16.26 9.82 2.06
C SER A 569 15.21 10.91 2.20
N PHE A 570 15.35 11.97 1.42
CA PHE A 570 14.56 13.18 1.60
C PHE A 570 13.49 13.29 0.52
N ARG A 571 12.24 13.44 0.94
CA ARG A 571 11.11 13.65 0.06
C ARG A 571 10.38 14.91 0.51
N ASN A 572 10.45 15.96 -0.31
CA ASN A 572 9.86 17.27 0.02
C ASN A 572 10.50 17.72 1.34
N VAL A 573 9.70 18.22 2.30
CA VAL A 573 10.26 18.59 3.59
C VAL A 573 10.67 17.35 4.38
N GLN A 574 9.95 16.25 4.19
CA GLN A 574 10.10 15.09 5.06
C GLN A 574 11.38 14.32 4.75
N GLN A 575 11.83 13.55 5.73
CA GLN A 575 12.96 12.63 5.56
C GLN A 575 12.60 11.28 6.16
N ILE A 576 13.22 10.23 5.61
CA ILE A 576 12.96 8.85 5.99
C ILE A 576 14.30 8.19 6.26
N GLY A 577 14.27 7.17 7.12
CA GLY A 577 15.44 6.36 7.39
C GLY A 577 15.41 5.04 6.66
N ILE A 578 16.53 4.61 6.10
CA ILE A 578 16.60 3.41 5.28
C ILE A 578 17.84 2.60 5.65
N LEU A 579 17.68 1.28 5.69
CA LEU A 579 18.79 0.36 5.82
C LEU A 579 19.17 -0.11 4.43
N LYS A 580 20.44 0.07 4.05
CA LYS A 580 20.89 -0.25 2.71
C LYS A 580 22.05 -1.23 2.79
N PRO A 581 22.04 -2.30 1.98
CA PRO A 581 23.15 -3.25 2.00
C PRO A 581 24.43 -2.65 1.45
N HIS A 582 25.56 -3.21 1.86
CA HIS A 582 26.85 -2.78 1.34
C HIS A 582 26.93 -3.14 -0.15
N PRO A 583 27.49 -2.25 -0.98
CA PRO A 583 27.51 -2.50 -2.44
C PRO A 583 28.23 -3.77 -2.85
N ALA A 584 29.24 -4.21 -2.10
CA ALA A 584 29.95 -5.44 -2.46
C ALA A 584 29.13 -6.69 -2.16
N TYR A 585 28.25 -6.62 -1.16
CA TYR A 585 27.41 -7.77 -0.83
C TYR A 585 26.46 -8.10 -1.98
N VAL A 586 25.89 -7.06 -2.61
CA VAL A 586 24.99 -7.28 -3.74
C VAL A 586 25.73 -7.92 -4.89
N GLN A 587 26.95 -7.45 -5.17
CA GLN A 587 27.75 -8.04 -6.25
C GLN A 587 28.10 -9.49 -5.94
N LEU A 588 28.42 -9.79 -4.68
CA LEU A 588 28.71 -11.17 -4.30
C LEU A 588 27.48 -12.05 -4.48
N LEU A 589 26.31 -11.56 -4.09
CA LEU A 589 25.09 -12.34 -4.26
C LEU A 589 24.80 -12.59 -5.74
N GLU A 590 24.99 -11.57 -6.58
CA GLU A 590 24.75 -11.73 -8.01
C GLU A 590 25.73 -12.74 -8.61
N LYS A 591 27.00 -12.68 -8.19
CA LYS A 591 27.99 -13.60 -8.74
C LYS A 591 27.75 -15.03 -8.29
N ALA A 592 27.33 -15.20 -7.02
CA ALA A 592 27.14 -16.55 -6.49
C ALA A 592 26.04 -17.30 -7.23
N ALA A 593 24.91 -16.63 -7.46
CA ALA A 593 23.77 -17.21 -8.18
C ALA A 593 23.28 -18.49 -7.51
N GLU A 594 22.80 -18.34 -6.29
CA GLU A 594 22.24 -19.49 -5.56
C GLU A 594 20.99 -19.98 -6.28
N PRO A 595 20.86 -21.29 -6.48
CA PRO A 595 19.70 -21.84 -7.22
C PRO A 595 18.48 -22.14 -6.38
N THR A 596 18.40 -21.67 -5.14
CA THR A 596 17.28 -21.97 -4.26
C THR A 596 16.68 -20.68 -3.73
N LEU A 597 15.36 -20.54 -3.89
CA LEU A 597 14.62 -19.46 -3.27
C LEU A 597 13.92 -19.95 -2.00
N THR A 598 13.63 -19.02 -1.10
CA THR A 598 12.99 -19.36 0.16
C THR A 598 11.69 -18.59 0.29
N PHE A 599 10.60 -19.31 0.52
CA PHE A 599 9.29 -18.72 0.72
C PHE A 599 8.78 -19.04 2.11
N GLU A 600 7.97 -18.14 2.66
CA GLU A 600 7.33 -18.39 3.95
C GLU A 600 6.10 -19.26 3.75
N ALA A 601 5.81 -20.10 4.75
CA ALA A 601 4.75 -21.09 4.61
C ALA A 601 3.39 -20.44 4.42
N VAL A 602 3.21 -19.20 4.89
CA VAL A 602 1.94 -18.51 4.72
C VAL A 602 1.68 -18.08 3.28
N ASP A 603 2.74 -17.76 2.52
CA ASP A 603 2.59 -17.25 1.17
C ASP A 603 2.43 -18.34 0.12
N VAL A 604 2.61 -19.61 0.47
CA VAL A 604 2.55 -20.71 -0.47
C VAL A 604 1.18 -21.37 -0.38
N PRO A 605 0.58 -21.78 -1.51
CA PRO A 605 -0.71 -22.47 -1.44
C PRO A 605 -0.63 -23.75 -0.64
N MET A 606 -1.73 -24.08 0.04
CA MET A 606 -1.78 -25.26 0.88
C MET A 606 -1.76 -26.53 0.02
N LEU A 607 -1.32 -27.63 0.64
CA LEU A 607 -1.30 -28.93 -0.02
C LEU A 607 -2.41 -29.85 0.48
N CYS A 608 -3.28 -29.35 1.36
CA CYS A 608 -4.37 -30.11 1.93
C CYS A 608 -5.61 -29.22 1.96
N PRO A 609 -6.80 -29.80 1.99
CA PRO A 609 -8.02 -28.99 2.03
C PRO A 609 -8.02 -28.05 3.23
N PRO A 610 -8.49 -26.82 3.07
CA PRO A 610 -8.42 -25.84 4.15
C PRO A 610 -9.33 -26.23 5.32
N LEU A 611 -8.98 -25.74 6.50
CA LEU A 611 -9.83 -25.92 7.66
C LEU A 611 -11.13 -25.14 7.46
N PRO A 612 -12.27 -25.70 7.86
CA PRO A 612 -13.55 -25.00 7.69
C PRO A 612 -13.62 -23.78 8.59
N TRP A 613 -14.03 -22.65 8.01
CA TRP A 613 -14.25 -21.46 8.81
C TRP A 613 -15.44 -21.68 9.74
N THR A 614 -15.15 -21.89 11.02
CA THR A 614 -16.18 -22.17 12.02
C THR A 614 -16.46 -21.00 12.94
N SER A 615 -15.53 -20.06 13.07
CA SER A 615 -15.69 -18.91 13.94
C SER A 615 -14.74 -17.82 13.45
N PRO A 616 -14.99 -16.56 13.84
CA PRO A 616 -14.06 -15.49 13.42
C PRO A 616 -12.63 -15.74 13.90
N HIS A 617 -12.45 -16.45 15.01
CA HIS A 617 -11.11 -16.64 15.56
C HIS A 617 -10.30 -17.64 14.75
N SER A 618 -10.92 -18.75 14.33
CA SER A 618 -10.22 -19.88 13.76
C SER A 618 -10.65 -20.15 12.33
N GLY A 619 -9.71 -20.59 11.52
CA GLY A 619 -10.00 -20.96 10.14
C GLY A 619 -8.76 -20.87 9.28
N ALA A 620 -8.95 -21.19 8.00
CA ALA A 620 -7.94 -21.03 6.95
C ALA A 620 -6.76 -21.93 7.27
N PHE A 621 -5.57 -21.41 7.56
CA PHE A 621 -4.38 -22.23 7.70
C PHE A 621 -4.48 -23.11 8.94
N LEU A 622 -3.69 -24.20 8.93
CA LEU A 622 -3.75 -25.18 10.01
C LEU A 622 -3.33 -24.57 11.34
N LEU A 623 -2.17 -23.90 11.37
CA LEU A 623 -1.61 -23.39 12.61
C LEU A 623 -1.42 -21.88 12.61
N SER A 624 -1.07 -21.28 11.48
CA SER A 624 -0.81 -19.85 11.42
C SER A 624 -2.09 -19.07 11.68
N PRO A 625 -1.97 -17.86 12.25
CA PRO A 625 -3.18 -17.06 12.52
C PRO A 625 -3.62 -16.26 11.30
N THR A 626 -4.87 -16.44 10.89
CA THR A 626 -5.45 -15.72 9.78
C THR A 626 -6.70 -14.98 10.25
N LYS A 627 -6.75 -13.68 9.94
CA LYS A 627 -7.85 -12.82 10.37
C LYS A 627 -8.94 -12.80 9.31
N LEU A 628 -10.19 -12.75 9.76
CA LEU A 628 -11.32 -12.79 8.84
C LEU A 628 -11.37 -11.54 7.98
N MET A 629 -11.31 -10.37 8.61
CA MET A 629 -11.38 -9.08 7.91
C MET A 629 -9.98 -8.46 7.91
N ARG A 630 -9.35 -8.43 6.75
CA ARG A 630 -8.01 -7.87 6.65
C ARG A 630 -8.07 -6.36 6.88
N THR A 631 -7.32 -5.91 7.88
CA THR A 631 -7.28 -4.50 8.25
C THR A 631 -5.84 -4.14 8.59
N VAL A 632 -5.65 -2.93 9.11
CA VAL A 632 -4.33 -2.45 9.49
C VAL A 632 -3.84 -3.20 10.72
N GLU A 633 -2.56 -3.03 11.04
CA GLU A 633 -1.91 -3.88 12.04
C GLU A 633 -2.50 -3.70 13.43
N GLY A 634 -3.21 -2.60 13.66
CA GLY A 634 -3.73 -2.28 14.97
C GLY A 634 -5.23 -2.14 15.13
N ALA A 635 -6.01 -2.23 14.05
CA ALA A 635 -7.44 -2.01 14.15
C ALA A 635 -8.14 -3.15 14.89
N THR A 636 -9.13 -2.78 15.71
CA THR A 636 -9.88 -3.76 16.49
C THR A 636 -11.39 -3.58 16.46
N GLN A 637 -11.92 -2.52 15.82
CA GLN A 637 -13.35 -2.28 15.88
C GLN A 637 -14.12 -3.27 15.02
N HIS A 638 -13.57 -3.64 13.86
CA HIS A 638 -14.23 -4.61 13.00
C HIS A 638 -14.38 -5.95 13.71
N GLN A 639 -13.33 -6.40 14.39
CA GLN A 639 -13.37 -7.70 15.05
C GLN A 639 -14.36 -7.70 16.20
N GLU A 640 -14.42 -6.63 16.98
CA GLU A 640 -15.36 -6.59 18.09
C GLU A 640 -16.80 -6.51 17.59
N LEU A 641 -17.02 -5.79 16.49
CA LEU A 641 -18.36 -5.80 15.89
C LEU A 641 -18.74 -7.19 15.39
N LEU A 642 -17.78 -7.90 14.80
CA LEU A 642 -18.04 -9.27 14.36
C LEU A 642 -18.37 -10.18 15.54
N GLU A 643 -17.64 -10.02 16.64
CA GLU A 643 -17.81 -10.90 17.80
C GLU A 643 -18.99 -10.51 18.68
N THR A 644 -19.55 -9.32 18.52
CA THR A 644 -20.69 -8.90 19.33
C THR A 644 -22.03 -9.20 18.68
N CYS A 645 -22.04 -9.71 17.45
CA CYS A 645 -23.29 -10.02 16.77
C CYS A 645 -23.81 -11.40 17.20
N PRO A 646 -25.08 -11.68 16.93
CA PRO A 646 -25.61 -13.03 17.18
C PRO A 646 -24.82 -14.06 16.40
N PRO A 647 -24.59 -15.25 16.99
CA PRO A 647 -23.71 -16.23 16.34
C PRO A 647 -24.20 -16.72 14.99
N THR A 648 -25.51 -16.79 14.78
CA THR A 648 -26.05 -17.40 13.57
C THR A 648 -26.01 -16.47 12.37
N ALA A 649 -25.63 -15.21 12.56
CA ALA A 649 -25.65 -14.26 11.45
C ALA A 649 -24.56 -14.56 10.43
N LEU A 650 -23.36 -14.90 10.88
CA LEU A 650 -22.20 -15.07 10.01
C LEU A 650 -22.11 -16.45 9.38
N HIS A 651 -23.12 -17.30 9.57
CA HIS A 651 -23.05 -18.65 9.03
C HIS A 651 -22.98 -18.64 7.51
N GLY A 652 -23.75 -17.77 6.86
CA GLY A 652 -23.74 -17.71 5.41
C GLY A 652 -22.39 -17.31 4.87
N ALA A 653 -21.79 -16.26 5.44
CA ALA A 653 -20.48 -15.81 4.99
C ALA A 653 -19.41 -16.87 5.23
N LEU A 654 -19.43 -17.50 6.40
CA LEU A 654 -18.43 -18.52 6.70
C LEU A 654 -18.58 -19.72 5.77
N ASP A 655 -19.82 -20.13 5.49
CA ASP A 655 -20.04 -21.25 4.58
C ASP A 655 -19.61 -20.90 3.16
N ALA A 656 -19.86 -19.66 2.72
CA ALA A 656 -19.41 -19.26 1.40
C ALA A 656 -17.89 -19.27 1.31
N LEU A 657 -17.21 -18.79 2.35
CA LEU A 657 -15.75 -18.83 2.35
C LEU A 657 -15.23 -20.25 2.31
N THR A 658 -15.84 -21.14 3.10
CA THR A 658 -15.42 -22.53 3.11
C THR A 658 -15.64 -23.19 1.75
N GLN A 659 -16.77 -22.89 1.11
CA GLN A 659 -17.01 -23.42 -0.23
C GLN A 659 -15.99 -22.91 -1.22
N LEU A 660 -15.65 -21.62 -1.17
CA LEU A 660 -14.69 -21.05 -2.10
C LEU A 660 -13.31 -21.67 -1.89
N GLY A 661 -12.93 -21.93 -0.64
CA GLY A 661 -11.61 -22.46 -0.37
C GLY A 661 -11.46 -23.93 -0.70
N ASN A 662 -12.57 -24.63 -0.93
CA ASN A 662 -12.56 -26.07 -1.16
C ASN A 662 -12.54 -26.44 -2.64
N CYS A 663 -11.94 -25.60 -3.48
CA CYS A 663 -11.87 -25.85 -4.91
C CYS A 663 -10.44 -26.29 -5.25
N ALA A 664 -10.30 -27.55 -5.66
CA ALA A 664 -8.99 -28.07 -6.02
C ALA A 664 -8.51 -27.43 -7.32
N TRP A 665 -7.19 -27.21 -7.40
CA TRP A 665 -6.57 -26.56 -8.54
C TRP A 665 -5.47 -27.43 -9.12
N ARG A 666 -4.96 -27.02 -10.27
CA ARG A 666 -3.86 -27.70 -10.95
C ARG A 666 -3.23 -26.72 -11.92
N VAL A 667 -2.03 -27.04 -12.39
CA VAL A 667 -1.28 -26.17 -13.29
C VAL A 667 -1.23 -26.80 -14.68
N ASN A 668 -1.38 -25.95 -15.70
CA ASN A 668 -1.26 -26.41 -17.08
C ASN A 668 0.20 -26.71 -17.41
N GLY A 669 0.41 -27.73 -18.23
CA GLY A 669 1.76 -28.18 -18.53
C GLY A 669 2.40 -27.56 -19.76
N ARG A 670 1.74 -27.65 -20.91
CA ARG A 670 2.34 -27.16 -22.15
C ARG A 670 2.39 -25.63 -22.17
N VAL A 671 1.38 -24.98 -21.59
CA VAL A 671 1.43 -23.52 -21.46
C VAL A 671 2.62 -23.12 -20.60
N LEU A 672 2.84 -23.83 -19.49
CA LEU A 672 3.99 -23.55 -18.65
C LEU A 672 5.30 -23.77 -19.39
N ASP A 673 5.37 -24.83 -20.20
CA ASP A 673 6.58 -25.08 -20.98
C ASP A 673 6.85 -23.93 -21.95
N LEU A 674 5.83 -23.46 -22.64
CA LEU A 674 6.00 -22.34 -23.58
C LEU A 674 6.45 -21.08 -22.84
N VAL A 675 5.83 -20.80 -21.69
CA VAL A 675 6.20 -19.62 -20.93
C VAL A 675 7.65 -19.72 -20.46
N LEU A 676 8.07 -20.91 -20.04
CA LEU A 676 9.46 -21.09 -19.60
C LEU A 676 10.43 -20.91 -20.77
N GLN A 677 10.07 -21.44 -21.95
CA GLN A 677 10.92 -21.26 -23.12
C GLN A 677 11.09 -19.78 -23.47
N LEU A 678 9.99 -19.02 -23.41
CA LEU A 678 10.07 -17.60 -23.73
C LEU A 678 10.85 -16.85 -22.65
N PHE A 679 10.60 -17.16 -21.38
CA PHE A 679 11.17 -16.38 -20.29
C PHE A 679 12.67 -16.64 -20.14
N GLN A 680 13.09 -17.90 -20.29
CA GLN A 680 14.48 -18.24 -20.03
C GLN A 680 15.42 -17.64 -21.06
N ALA A 681 15.03 -17.67 -22.34
CA ALA A 681 15.96 -17.31 -23.40
C ALA A 681 16.09 -15.80 -23.59
N LYS A 682 15.00 -15.14 -23.99
CA LYS A 682 15.06 -13.71 -24.28
C LYS A 682 13.87 -12.91 -23.79
N GLY A 683 12.75 -13.55 -23.45
CA GLY A 683 11.56 -12.83 -23.05
C GLY A 683 10.79 -12.27 -24.24
N CYS A 684 9.47 -12.15 -24.04
CA CYS A 684 8.56 -11.62 -25.05
C CYS A 684 7.70 -10.55 -24.41
N PRO A 685 8.22 -9.32 -24.31
CA PRO A 685 7.46 -8.24 -23.65
C PRO A 685 6.14 -7.91 -24.34
N GLN A 686 5.98 -8.26 -25.62
CA GLN A 686 4.71 -8.01 -26.29
C GLN A 686 3.58 -8.81 -25.66
N LEU A 687 3.83 -10.09 -25.36
CA LEU A 687 2.81 -10.91 -24.75
C LEU A 687 2.66 -10.63 -23.26
N GLY A 688 3.78 -10.32 -22.59
CA GLY A 688 3.74 -10.03 -21.17
C GLY A 688 4.92 -10.58 -20.40
N VAL A 689 5.67 -11.47 -21.02
CA VAL A 689 6.84 -12.07 -20.36
C VAL A 689 7.99 -11.06 -20.36
N PRO A 690 8.57 -10.74 -19.21
CA PRO A 690 9.65 -9.75 -19.18
C PRO A 690 10.92 -10.29 -19.82
N ALA A 691 11.90 -9.38 -19.95
CA ALA A 691 13.17 -9.65 -20.61
C ALA A 691 14.32 -9.58 -19.59
N PRO A 692 15.40 -10.32 -19.82
CA PRO A 692 16.49 -10.33 -18.85
C PRO A 692 17.23 -9.01 -18.84
N PRO A 693 17.89 -8.65 -17.73
CA PRO A 693 18.68 -7.41 -17.71
C PRO A 693 19.81 -7.38 -18.72
N SER A 694 20.26 -8.53 -19.21
CA SER A 694 21.34 -8.55 -20.18
C SER A 694 20.96 -7.82 -21.47
N GLU A 695 19.73 -8.01 -21.93
CA GLU A 695 19.22 -7.31 -23.11
C GLU A 695 18.60 -6.00 -22.67
N ALA A 696 19.48 -5.03 -22.39
CA ALA A 696 19.06 -3.73 -21.90
C ALA A 696 19.64 -2.62 -22.77
N PRO A 697 18.99 -1.45 -22.82
CA PRO A 697 19.54 -0.33 -23.59
C PRO A 697 20.87 0.13 -23.05
N GLN A 698 21.71 0.68 -23.93
CA GLN A 698 23.00 1.21 -23.54
C GLN A 698 23.19 2.63 -24.05
N LYS A 713 29.02 16.32 -19.25
CA LYS A 713 28.12 16.87 -20.25
C LYS A 713 26.68 16.43 -19.97
N ALA A 714 25.72 17.30 -20.28
CA ALA A 714 24.32 17.04 -19.93
C ALA A 714 23.76 15.85 -20.69
N GLU A 715 24.09 15.74 -21.98
CA GLU A 715 23.48 14.69 -22.81
C GLU A 715 23.84 13.30 -22.31
N LEU A 716 25.12 13.09 -21.97
CA LEU A 716 25.54 11.80 -21.44
C LEU A 716 24.84 11.48 -20.13
N ARG A 717 24.66 12.49 -19.27
CA ARG A 717 23.95 12.30 -18.02
C ARG A 717 22.51 11.88 -18.27
N ARG A 718 21.84 12.52 -19.23
CA ARG A 718 20.46 12.15 -19.55
C ARG A 718 20.37 10.72 -20.08
N GLU A 719 21.31 10.34 -20.95
CA GLU A 719 21.29 8.97 -21.48
C GLU A 719 21.49 7.95 -20.37
N LEU A 720 22.45 8.19 -19.47
CA LEU A 720 22.65 7.26 -18.36
C LEU A 720 21.44 7.22 -17.43
N ALA A 721 20.79 8.37 -17.20
CA ALA A 721 19.60 8.38 -16.35
C ALA A 721 18.49 7.54 -16.95
N HIS A 722 18.24 7.70 -18.26
CA HIS A 722 17.21 6.91 -18.91
C HIS A 722 17.54 5.42 -18.88
N CYS A 723 18.81 5.08 -19.16
CA CYS A 723 19.22 3.69 -19.13
C CYS A 723 19.03 3.07 -17.76
N GLN A 724 19.46 3.78 -16.71
CA GLN A 724 19.32 3.26 -15.35
C GLN A 724 17.86 3.09 -14.97
N LYS A 725 17.01 4.06 -15.31
CA LYS A 725 15.59 3.92 -15.00
C LYS A 725 15.01 2.67 -15.67
N VAL A 726 15.19 2.55 -16.98
CA VAL A 726 14.62 1.42 -17.72
C VAL A 726 15.13 0.10 -17.16
N ALA A 727 16.42 0.04 -16.84
CA ALA A 727 16.97 -1.16 -16.23
C ALA A 727 16.28 -1.46 -14.91
N ARG A 728 15.96 -0.43 -14.14
CA ARG A 728 15.29 -0.65 -12.85
C ARG A 728 13.91 -1.27 -13.05
N GLU A 729 13.09 -0.70 -13.94
CA GLU A 729 11.76 -1.30 -14.11
C GLU A 729 11.85 -2.72 -14.66
N MET A 730 12.73 -2.97 -15.63
CA MET A 730 12.81 -4.31 -16.20
C MET A 730 13.31 -5.31 -15.17
N HIS A 731 14.25 -4.90 -14.31
CA HIS A 731 14.74 -5.77 -13.26
C HIS A 731 13.64 -6.12 -12.27
N SER A 732 12.85 -5.12 -11.85
CA SER A 732 11.77 -5.42 -10.90
C SER A 732 10.74 -6.36 -11.51
N LEU A 733 10.36 -6.10 -12.77
CA LEU A 733 9.39 -6.96 -13.43
C LEU A 733 9.91 -8.39 -13.56
N ARG A 734 11.18 -8.55 -13.93
CA ARG A 734 11.72 -9.90 -14.07
C ARG A 734 11.82 -10.59 -12.72
N ALA A 735 12.11 -9.85 -11.64
CA ALA A 735 12.16 -10.46 -10.32
C ALA A 735 10.78 -11.00 -9.93
N GLU A 736 9.74 -10.20 -10.13
CA GLU A 736 8.39 -10.68 -9.82
C GLU A 736 8.03 -11.90 -10.66
N ALA A 737 8.35 -11.85 -11.96
CA ALA A 737 8.07 -12.97 -12.85
C ALA A 737 8.82 -14.23 -12.41
N LEU A 738 10.07 -14.05 -11.97
CA LEU A 738 10.86 -15.19 -11.52
C LEU A 738 10.23 -15.83 -10.29
N TYR A 739 9.81 -15.02 -9.33
CA TYR A 739 9.13 -15.58 -8.16
C TYR A 739 7.88 -16.36 -8.57
N ARG A 740 7.02 -15.75 -9.37
CA ARG A 740 5.77 -16.42 -9.73
C ARG A 740 6.02 -17.70 -10.51
N LEU A 741 6.96 -17.67 -11.46
CA LEU A 741 7.20 -18.85 -12.29
C LEU A 741 7.87 -19.96 -11.51
N SER A 742 8.77 -19.62 -10.57
CA SER A 742 9.35 -20.64 -9.72
C SER A 742 8.29 -21.30 -8.86
N LEU A 743 7.40 -20.51 -8.27
CA LEU A 743 6.33 -21.08 -7.47
C LEU A 743 5.43 -21.98 -8.31
N ALA A 744 5.09 -21.54 -9.53
CA ALA A 744 4.25 -22.34 -10.40
C ALA A 744 4.92 -23.65 -10.79
N GLN A 745 6.23 -23.60 -11.10
CA GLN A 745 6.92 -24.81 -11.51
C GLN A 745 7.11 -25.77 -10.34
N HIS A 746 7.12 -25.25 -9.11
CA HIS A 746 7.22 -26.13 -7.95
C HIS A 746 6.00 -27.05 -7.85
N LEU A 747 4.82 -26.53 -8.16
CA LEU A 747 3.57 -27.27 -8.05
C LEU A 747 3.15 -27.93 -9.34
N ARG A 748 4.11 -28.38 -10.15
CA ARG A 748 3.80 -28.90 -11.48
C ARG A 748 2.93 -30.15 -11.41
N ASP A 749 3.18 -31.04 -10.45
CA ASP A 749 2.53 -32.34 -10.38
C ASP A 749 1.87 -32.50 -9.02
N ARG A 750 1.13 -31.48 -8.58
CA ARG A 750 0.49 -31.51 -7.28
C ARG A 750 -0.87 -30.84 -7.38
N VAL A 751 -1.72 -31.15 -6.40
CA VAL A 751 -3.01 -30.51 -6.25
C VAL A 751 -2.97 -29.61 -5.02
N PHE A 752 -3.48 -28.39 -5.16
CA PHE A 752 -3.35 -27.41 -4.09
C PHE A 752 -4.64 -26.60 -4.00
N TRP A 753 -4.87 -26.02 -2.82
CA TRP A 753 -6.07 -25.27 -2.54
C TRP A 753 -5.71 -23.87 -2.05
N LEU A 754 -6.62 -22.93 -2.29
CA LEU A 754 -6.39 -21.52 -1.97
C LEU A 754 -7.45 -21.01 -1.01
N PRO A 755 -7.11 -20.75 0.26
CA PRO A 755 -8.09 -20.19 1.19
C PRO A 755 -8.41 -18.75 0.87
N HIS A 756 -9.53 -18.27 1.42
CA HIS A 756 -10.02 -16.93 1.15
C HIS A 756 -10.38 -16.22 2.45
N ASN A 757 -10.36 -14.88 2.38
CA ASN A 757 -10.86 -14.04 3.45
C ASN A 757 -11.54 -12.83 2.80
N MET A 758 -11.92 -11.86 3.62
CA MET A 758 -12.58 -10.67 3.10
C MET A 758 -12.02 -9.40 3.71
N ASP A 759 -12.32 -8.28 3.06
CA ASP A 759 -12.03 -6.96 3.60
C ASP A 759 -13.21 -6.50 4.46
N PHE A 760 -13.13 -5.27 4.96
CA PHE A 760 -14.16 -4.81 5.90
C PHE A 760 -15.49 -4.57 5.20
N ARG A 761 -15.47 -4.32 3.89
CA ARG A 761 -16.72 -4.17 3.17
C ARG A 761 -17.42 -5.50 2.94
N GLY A 762 -16.68 -6.53 2.56
CA GLY A 762 -17.27 -7.85 2.38
C GLY A 762 -16.77 -8.62 1.18
N ARG A 763 -15.99 -7.98 0.31
CA ARG A 763 -15.48 -8.67 -0.86
C ARG A 763 -14.36 -9.64 -0.49
N THR A 764 -14.31 -10.78 -1.19
CA THR A 764 -13.46 -11.90 -0.83
C THR A 764 -12.24 -11.95 -1.73
N TYR A 765 -11.08 -12.17 -1.13
CA TYR A 765 -9.80 -12.30 -1.80
C TYR A 765 -9.08 -13.57 -1.34
N PRO A 766 -8.30 -14.21 -2.21
CA PRO A 766 -7.47 -15.34 -1.78
C PRO A 766 -6.39 -14.90 -0.80
N CYS A 767 -6.00 -15.82 0.08
CA CYS A 767 -4.99 -15.51 1.09
C CYS A 767 -3.57 -15.57 0.52
N PRO A 768 -3.17 -16.60 -0.22
CA PRO A 768 -1.81 -16.63 -0.78
C PRO A 768 -1.62 -15.52 -1.80
N PRO A 769 -0.72 -14.58 -1.53
CA PRO A 769 -0.60 -13.42 -2.43
C PRO A 769 0.09 -13.71 -3.75
N HIS A 770 1.17 -14.49 -3.74
CA HIS A 770 2.04 -14.59 -4.91
C HIS A 770 1.32 -15.25 -6.10
N PHE A 771 0.72 -16.42 -5.88
CA PHE A 771 0.21 -17.24 -6.97
C PHE A 771 -1.26 -17.52 -6.71
N ASN A 772 -2.13 -16.92 -7.51
CA ASN A 772 -3.57 -17.18 -7.46
C ASN A 772 -4.18 -16.82 -8.81
N HIS A 773 -5.49 -17.05 -8.92
CA HIS A 773 -6.22 -16.78 -10.15
C HIS A 773 -6.69 -15.33 -10.25
N LEU A 774 -6.37 -14.50 -9.26
CA LEU A 774 -6.74 -13.10 -9.24
C LEU A 774 -5.69 -12.21 -9.88
N GLY A 775 -4.58 -12.77 -10.32
CA GLY A 775 -3.45 -12.00 -10.82
C GLY A 775 -3.57 -11.67 -12.28
N SER A 776 -2.44 -11.68 -12.98
CA SER A 776 -2.38 -11.26 -14.38
C SER A 776 -2.88 -12.38 -15.29
N ASP A 777 -2.76 -12.14 -16.60
CA ASP A 777 -3.24 -13.10 -17.58
C ASP A 777 -2.47 -14.41 -17.51
N VAL A 778 -1.16 -14.36 -17.25
CA VAL A 778 -0.38 -15.59 -17.14
C VAL A 778 -0.84 -16.40 -15.94
N ALA A 779 -1.17 -15.72 -14.83
CA ALA A 779 -1.67 -16.42 -13.65
C ALA A 779 -3.00 -17.11 -13.96
N ARG A 780 -3.90 -16.42 -14.65
CA ARG A 780 -5.15 -17.04 -15.07
C ARG A 780 -4.94 -18.12 -16.12
N ALA A 781 -3.79 -18.12 -16.80
CA ALA A 781 -3.49 -19.09 -17.83
C ALA A 781 -2.90 -20.38 -17.28
N LEU A 782 -2.09 -20.30 -16.23
CA LEU A 782 -1.45 -21.50 -15.71
C LEU A 782 -2.43 -22.38 -14.94
N LEU A 783 -3.39 -21.78 -14.25
CA LEU A 783 -4.27 -22.50 -13.34
C LEU A 783 -5.45 -23.12 -14.09
N GLU A 784 -5.92 -24.26 -13.60
CA GLU A 784 -7.08 -24.94 -14.13
C GLU A 784 -7.70 -25.79 -13.02
N PHE A 785 -8.93 -26.24 -13.22
CA PHE A 785 -9.57 -27.12 -12.27
C PHE A 785 -8.93 -28.51 -12.31
N ALA A 786 -9.02 -29.21 -11.18
CA ALA A 786 -8.52 -30.58 -11.09
C ALA A 786 -9.60 -31.62 -11.32
N GLN A 787 -10.85 -31.33 -10.99
CA GLN A 787 -11.97 -32.26 -11.19
C GLN A 787 -12.66 -31.91 -12.51
N GLY A 788 -12.35 -32.68 -13.55
CA GLY A 788 -12.98 -32.47 -14.84
C GLY A 788 -14.39 -32.99 -14.90
N ARG A 789 -15.11 -32.55 -15.93
CA ARG A 789 -16.48 -32.97 -16.18
C ARG A 789 -16.67 -33.20 -17.66
N PRO A 790 -17.54 -34.14 -18.04
CA PRO A 790 -17.87 -34.31 -19.46
C PRO A 790 -18.52 -33.06 -20.04
N LEU A 791 -18.21 -32.79 -21.31
CA LEU A 791 -18.74 -31.59 -21.95
C LEU A 791 -20.25 -31.64 -22.06
N GLY A 792 -20.81 -32.78 -22.42
CA GLY A 792 -22.23 -32.94 -22.55
C GLY A 792 -22.75 -32.34 -23.84
N PRO A 793 -24.08 -32.29 -23.98
CA PRO A 793 -24.66 -31.74 -25.22
C PRO A 793 -24.31 -30.29 -25.48
N HIS A 794 -24.15 -29.48 -24.44
CA HIS A 794 -23.96 -28.04 -24.58
C HIS A 794 -22.64 -27.56 -23.99
N GLY A 795 -21.55 -28.25 -24.28
CA GLY A 795 -20.25 -27.84 -23.79
C GLY A 795 -19.39 -27.16 -24.84
N LEU A 796 -19.40 -27.70 -26.05
CA LEU A 796 -18.57 -27.16 -27.12
C LEU A 796 -19.01 -25.75 -27.50
N ASP A 797 -20.32 -25.50 -27.55
CA ASP A 797 -20.82 -24.18 -27.88
C ASP A 797 -20.39 -23.15 -26.85
N TRP A 798 -20.47 -23.50 -25.57
CA TRP A 798 -20.04 -22.57 -24.53
C TRP A 798 -18.53 -22.37 -24.56
N LEU A 799 -17.77 -23.41 -24.89
CA LEU A 799 -16.33 -23.23 -25.07
C LEU A 799 -16.02 -22.26 -26.19
N LYS A 800 -16.75 -22.38 -27.31
CA LYS A 800 -16.53 -21.45 -28.43
C LYS A 800 -16.92 -20.03 -28.05
N ILE A 801 -18.03 -19.87 -27.33
CA ILE A 801 -18.45 -18.53 -26.89
C ILE A 801 -17.41 -17.94 -25.95
N HIS A 802 -16.86 -18.76 -25.05
CA HIS A 802 -15.79 -18.29 -24.16
C HIS A 802 -14.56 -17.87 -24.95
N LEU A 803 -14.20 -18.65 -25.98
CA LEU A 803 -13.07 -18.30 -26.81
C LEU A 803 -13.28 -16.95 -27.49
N VAL A 804 -14.48 -16.74 -28.05
CA VAL A 804 -14.78 -15.47 -28.69
C VAL A 804 -14.76 -14.32 -27.69
N ASN A 805 -15.28 -14.54 -26.47
CA ASN A 805 -15.24 -13.51 -25.45
C ASN A 805 -13.81 -13.16 -25.07
N LEU A 806 -12.94 -14.16 -24.96
CA LEU A 806 -11.53 -13.90 -24.67
C LEU A 806 -10.87 -13.14 -25.82
N THR A 807 -11.24 -13.45 -27.06
CA THR A 807 -10.63 -12.78 -28.20
C THR A 807 -10.90 -11.28 -28.17
N GLY A 808 -12.13 -10.88 -27.86
CA GLY A 808 -12.48 -9.48 -27.73
C GLY A 808 -12.87 -8.79 -29.02
N LEU A 809 -12.76 -9.47 -30.17
CA LEU A 809 -13.10 -8.84 -31.44
C LEU A 809 -14.59 -8.55 -31.54
N LYS A 810 -15.44 -9.44 -31.03
CA LYS A 810 -16.89 -9.31 -31.14
C LYS A 810 -17.50 -9.29 -29.74
N LYS A 811 -17.79 -8.08 -29.26
CA LYS A 811 -18.34 -7.87 -27.93
C LYS A 811 -19.70 -7.19 -27.96
N ARG A 812 -20.24 -6.90 -29.14
CA ARG A 812 -21.54 -6.27 -29.26
C ARG A 812 -22.58 -7.14 -29.96
N GLU A 813 -22.16 -8.16 -30.69
CA GLU A 813 -23.07 -9.04 -31.40
C GLU A 813 -23.67 -10.08 -30.45
N PRO A 814 -24.84 -10.63 -30.80
CA PRO A 814 -25.46 -11.63 -29.93
C PRO A 814 -24.68 -12.95 -29.95
N LEU A 815 -25.18 -13.89 -29.15
CA LEU A 815 -24.48 -15.17 -28.98
C LEU A 815 -24.40 -15.95 -30.28
N ARG A 816 -25.43 -15.90 -31.10
CA ARG A 816 -25.42 -16.61 -32.37
C ARG A 816 -24.28 -16.12 -33.27
N LYS A 817 -24.08 -14.80 -33.32
CA LYS A 817 -23.01 -14.25 -34.14
C LYS A 817 -21.64 -14.65 -33.60
N ARG A 818 -21.48 -14.68 -32.27
CA ARG A 818 -20.22 -15.12 -31.69
C ARG A 818 -19.94 -16.58 -32.03
N LEU A 819 -20.96 -17.43 -31.96
CA LEU A 819 -20.79 -18.84 -32.32
C LEU A 819 -20.43 -18.98 -33.80
N ALA A 820 -21.09 -18.22 -34.66
CA ALA A 820 -20.77 -18.26 -36.09
C ALA A 820 -19.35 -17.81 -36.36
N PHE A 821 -18.91 -16.75 -35.69
CA PHE A 821 -17.54 -16.27 -35.87
C PHE A 821 -16.55 -17.31 -35.38
N ALA A 822 -16.84 -17.98 -34.26
CA ALA A 822 -15.98 -19.05 -33.80
C ALA A 822 -15.92 -20.18 -34.84
N GLU A 823 -17.04 -20.46 -35.49
CA GLU A 823 -17.05 -21.45 -36.56
C GLU A 823 -16.18 -21.01 -37.73
N GLU A 824 -16.18 -19.71 -38.03
CA GLU A 824 -15.45 -19.22 -39.21
C GLU A 824 -13.95 -19.41 -39.08
N VAL A 825 -13.41 -19.20 -37.88
CA VAL A 825 -11.97 -19.11 -37.67
C VAL A 825 -11.41 -20.42 -37.13
N MET A 826 -12.10 -21.53 -37.44
CA MET A 826 -11.68 -22.82 -36.88
C MET A 826 -10.26 -23.19 -37.29
N ASP A 827 -9.88 -22.90 -38.53
CA ASP A 827 -8.53 -23.23 -38.99
C ASP A 827 -7.47 -22.50 -38.19
N ASP A 828 -7.69 -21.21 -37.90
CA ASP A 828 -6.74 -20.46 -37.09
C ASP A 828 -6.63 -21.04 -35.69
N ILE A 829 -7.77 -21.45 -35.12
CA ILE A 829 -7.77 -22.02 -33.77
C ILE A 829 -6.95 -23.32 -33.76
N LEU A 830 -7.19 -24.19 -34.74
CA LEU A 830 -6.45 -25.45 -34.78
C LEU A 830 -4.96 -25.21 -35.03
N ASP A 831 -4.62 -24.25 -35.88
CA ASP A 831 -3.21 -23.96 -36.12
C ASP A 831 -2.54 -23.41 -34.87
N SER A 832 -3.23 -22.52 -34.14
CA SER A 832 -2.66 -22.00 -32.91
C SER A 832 -2.47 -23.10 -31.87
N ALA A 833 -3.44 -24.00 -31.75
CA ALA A 833 -3.32 -25.10 -30.79
C ALA A 833 -2.16 -26.03 -31.18
N ASP A 834 -2.05 -26.37 -32.46
CA ASP A 834 -1.00 -27.30 -32.88
C ASP A 834 0.37 -26.63 -32.90
N GLN A 835 0.46 -25.40 -33.38
CA GLN A 835 1.73 -24.69 -33.55
C GLN A 835 1.63 -23.33 -32.89
N PRO A 836 1.92 -23.24 -31.59
CA PRO A 836 1.76 -21.96 -30.90
C PRO A 836 2.82 -20.94 -31.25
N LEU A 837 4.06 -21.36 -31.44
CA LEU A 837 5.17 -20.45 -31.68
C LEU A 837 5.67 -20.44 -33.12
N THR A 838 5.54 -21.55 -33.84
CA THR A 838 6.00 -21.65 -35.22
C THR A 838 4.79 -21.92 -36.10
N GLY A 839 4.14 -20.85 -36.55
CA GLY A 839 2.93 -20.98 -37.35
C GLY A 839 2.36 -19.61 -37.66
N ARG A 840 1.05 -19.61 -37.95
CA ARG A 840 0.38 -18.37 -38.33
C ARG A 840 0.24 -17.40 -37.17
N LYS A 841 0.34 -17.89 -35.93
CA LYS A 841 0.37 -17.04 -34.73
C LYS A 841 -0.87 -16.16 -34.62
N TRP A 842 -2.05 -16.76 -34.81
CA TRP A 842 -3.29 -16.00 -34.75
C TRP A 842 -3.61 -15.56 -33.33
N TRP A 843 -3.23 -16.37 -32.34
CA TRP A 843 -3.71 -16.15 -30.98
C TRP A 843 -3.07 -14.90 -30.36
N MET A 844 -1.83 -14.58 -30.75
CA MET A 844 -1.14 -13.45 -30.13
C MET A 844 -1.83 -12.12 -30.38
N GLY A 845 -2.72 -12.05 -31.35
CA GLY A 845 -3.39 -10.81 -31.65
C GLY A 845 -4.66 -10.60 -30.85
N ALA A 846 -4.92 -11.49 -29.89
CA ALA A 846 -6.12 -11.40 -29.08
C ALA A 846 -5.95 -10.32 -28.00
N GLU A 847 -7.09 -9.89 -27.44
CA GLU A 847 -7.06 -8.91 -26.36
C GLU A 847 -6.51 -9.53 -25.07
N GLU A 848 -6.76 -10.82 -24.86
CA GLU A 848 -6.28 -11.53 -23.67
C GLU A 848 -5.42 -12.69 -24.10
N PRO A 849 -4.13 -12.50 -24.31
CA PRO A 849 -3.25 -13.60 -24.69
C PRO A 849 -3.00 -14.54 -23.52
N TRP A 850 -2.51 -15.74 -23.87
CA TRP A 850 -2.18 -16.82 -22.95
C TRP A 850 -3.43 -17.49 -22.39
N GLN A 851 -4.60 -16.90 -22.62
CA GLN A 851 -5.85 -17.58 -22.28
C GLN A 851 -6.57 -18.03 -23.54
N THR A 852 -6.52 -17.22 -24.59
CA THR A 852 -6.98 -17.67 -25.90
C THR A 852 -6.20 -18.89 -26.35
N LEU A 853 -4.90 -18.93 -26.07
CA LEU A 853 -4.10 -20.10 -26.38
C LEU A 853 -4.63 -21.34 -25.67
N ALA A 854 -4.87 -21.24 -24.36
CA ALA A 854 -5.34 -22.40 -23.60
C ALA A 854 -6.71 -22.84 -24.08
N CYS A 855 -7.61 -21.88 -24.36
CA CYS A 855 -8.93 -22.24 -24.83
C CYS A 855 -8.87 -22.92 -26.20
N CYS A 856 -7.99 -22.46 -27.08
CA CYS A 856 -7.80 -23.14 -28.37
C CYS A 856 -7.23 -24.53 -28.16
N MET A 857 -6.31 -24.67 -27.20
CA MET A 857 -5.72 -25.98 -26.91
C MET A 857 -6.80 -26.96 -26.45
N GLU A 858 -7.76 -26.49 -25.66
CA GLU A 858 -8.85 -27.36 -25.23
C GLU A 858 -9.82 -27.64 -26.38
N VAL A 859 -10.14 -26.61 -27.17
CA VAL A 859 -11.15 -26.75 -28.23
C VAL A 859 -10.67 -27.72 -29.29
N ALA A 860 -9.40 -27.65 -29.66
CA ALA A 860 -8.87 -28.57 -30.65
C ALA A 860 -8.97 -30.02 -30.19
N ASN A 861 -8.63 -30.28 -28.93
CA ASN A 861 -8.77 -31.63 -28.39
C ASN A 861 -10.22 -32.08 -28.37
N ALA A 862 -11.13 -31.17 -28.01
CA ALA A 862 -12.55 -31.51 -27.99
C ALA A 862 -13.05 -31.86 -29.38
N VAL A 863 -12.61 -31.10 -30.39
CA VAL A 863 -13.06 -31.34 -31.76
C VAL A 863 -12.50 -32.65 -32.30
N ARG A 864 -11.21 -32.89 -32.07
CA ARG A 864 -10.56 -34.07 -32.63
C ARG A 864 -10.97 -35.37 -31.93
N ALA A 865 -11.69 -35.29 -30.82
CA ALA A 865 -12.15 -36.50 -30.15
C ALA A 865 -13.23 -37.19 -30.98
N SER A 866 -13.33 -38.51 -30.79
CA SER A 866 -14.34 -39.30 -31.50
C SER A 866 -15.75 -38.83 -31.13
N ASP A 867 -15.99 -38.61 -29.84
CA ASP A 867 -17.26 -38.09 -29.37
C ASP A 867 -17.01 -36.80 -28.58
N PRO A 868 -17.20 -35.63 -29.19
CA PRO A 868 -16.95 -34.38 -28.44
C PRO A 868 -17.87 -34.19 -27.25
N ALA A 869 -18.99 -34.90 -27.19
CA ALA A 869 -19.91 -34.80 -26.07
C ALA A 869 -19.49 -35.67 -24.89
N ALA A 870 -18.42 -36.45 -25.03
CA ALA A 870 -17.92 -37.32 -23.96
C ALA A 870 -16.44 -36.99 -23.74
N TYR A 871 -16.12 -35.70 -23.67
CA TYR A 871 -14.78 -35.23 -23.42
C TYR A 871 -14.73 -34.50 -22.08
N VAL A 872 -13.67 -34.73 -21.33
CA VAL A 872 -13.49 -34.16 -19.99
C VAL A 872 -12.80 -32.82 -20.13
N SER A 873 -13.40 -31.78 -19.54
CA SER A 873 -12.86 -30.42 -19.61
C SER A 873 -12.46 -29.98 -18.20
N HIS A 874 -11.20 -29.60 -18.05
CA HIS A 874 -10.69 -29.04 -16.80
C HIS A 874 -10.61 -27.52 -16.84
N LEU A 875 -11.15 -26.90 -17.89
CA LEU A 875 -10.97 -25.48 -18.13
C LEU A 875 -12.18 -24.70 -17.64
N PRO A 876 -12.00 -23.76 -16.71
CA PRO A 876 -13.12 -22.93 -16.27
C PRO A 876 -13.63 -22.04 -17.39
N VAL A 877 -14.92 -21.73 -17.34
CA VAL A 877 -15.57 -20.85 -18.31
C VAL A 877 -16.03 -19.61 -17.57
N HIS A 878 -15.49 -18.46 -17.94
CA HIS A 878 -15.81 -17.20 -17.30
C HIS A 878 -17.23 -16.75 -17.66
N GLN A 879 -17.77 -15.89 -16.81
CA GLN A 879 -19.11 -15.34 -17.02
C GLN A 879 -19.17 -14.02 -16.29
N ASP A 880 -19.20 -12.91 -17.04
CA ASP A 880 -19.08 -11.58 -16.48
C ASP A 880 -20.42 -10.87 -16.45
N GLY A 881 -20.45 -9.76 -15.72
CA GLY A 881 -21.65 -8.93 -15.62
C GLY A 881 -21.33 -7.51 -16.04
N SER A 882 -22.25 -6.89 -16.78
CA SER A 882 -22.03 -5.59 -17.37
C SER A 882 -22.68 -4.51 -16.51
N CYS A 883 -21.90 -3.47 -16.18
CA CYS A 883 -22.38 -2.31 -15.43
C CYS A 883 -22.98 -2.74 -14.09
N ASN A 884 -22.18 -3.50 -13.32
CA ASN A 884 -22.70 -4.11 -12.10
C ASN A 884 -23.17 -3.06 -11.10
N GLY A 885 -22.38 -2.01 -10.87
CA GLY A 885 -22.83 -0.95 -10.00
C GLY A 885 -24.04 -0.22 -10.55
N LEU A 886 -24.05 0.01 -11.86
CA LEU A 886 -25.23 0.58 -12.50
C LEU A 886 -26.42 -0.37 -12.40
N GLN A 887 -26.16 -1.69 -12.48
CA GLN A 887 -27.23 -2.65 -12.30
C GLN A 887 -27.83 -2.56 -10.90
N HIS A 888 -26.98 -2.40 -9.88
CA HIS A 888 -27.49 -2.33 -8.51
C HIS A 888 -28.23 -1.02 -8.26
N TYR A 889 -27.72 0.09 -8.78
CA TYR A 889 -28.50 1.33 -8.75
C TYR A 889 -29.86 1.17 -9.45
N ALA A 890 -29.88 0.51 -10.60
CA ALA A 890 -31.13 0.31 -11.31
C ALA A 890 -32.10 -0.54 -10.50
N ALA A 891 -31.59 -1.59 -9.85
CA ALA A 891 -32.44 -2.44 -9.04
C ALA A 891 -32.99 -1.70 -7.83
N LEU A 892 -32.13 -0.96 -7.12
CA LEU A 892 -32.60 -0.24 -5.94
C LEU A 892 -33.59 0.85 -6.30
N GLY A 893 -33.33 1.60 -7.37
CA GLY A 893 -34.21 2.68 -7.77
C GLY A 893 -35.42 2.21 -8.54
N ARG A 894 -35.31 1.02 -9.16
CA ARG A 894 -36.38 0.47 -9.99
C ARG A 894 -36.80 1.44 -11.09
N ASP A 895 -35.81 2.08 -11.70
CA ASP A 895 -36.02 3.03 -12.78
C ASP A 895 -36.07 2.27 -14.10
N SER A 896 -37.12 2.51 -14.89
CA SER A 896 -37.36 1.71 -16.09
C SER A 896 -36.27 1.95 -17.13
N VAL A 897 -35.98 3.21 -17.44
CA VAL A 897 -34.99 3.51 -18.47
C VAL A 897 -33.60 3.07 -18.02
N GLY A 898 -33.26 3.31 -16.75
CA GLY A 898 -31.97 2.87 -16.24
C GLY A 898 -31.82 1.37 -16.27
N ALA A 899 -32.88 0.64 -15.90
CA ALA A 899 -32.85 -0.82 -15.96
C ALA A 899 -32.68 -1.30 -17.39
N ALA A 900 -33.43 -0.71 -18.33
CA ALA A 900 -33.31 -1.13 -19.72
C ALA A 900 -31.93 -0.83 -20.28
N SER A 901 -31.28 0.23 -19.79
CA SER A 901 -29.99 0.62 -20.32
C SER A 901 -28.88 -0.37 -19.95
N VAL A 902 -29.05 -1.17 -18.89
CA VAL A 902 -27.98 -2.01 -18.37
C VAL A 902 -28.29 -3.49 -18.49
N ASN A 903 -29.04 -3.91 -19.51
CA ASN A 903 -29.38 -5.30 -19.78
C ASN A 903 -30.19 -5.93 -18.66
N LEU A 904 -30.89 -5.13 -17.86
CA LEU A 904 -31.71 -5.61 -16.76
C LEU A 904 -33.13 -5.95 -17.21
N GLU A 905 -33.38 -5.90 -18.51
CA GLU A 905 -34.68 -6.22 -19.09
C GLU A 905 -34.44 -7.14 -20.28
N PRO A 906 -35.42 -7.96 -20.65
CA PRO A 906 -35.24 -8.84 -21.81
C PRO A 906 -34.94 -8.05 -23.07
N SER A 907 -33.99 -8.55 -23.85
CA SER A 907 -33.52 -7.85 -25.03
C SER A 907 -32.95 -8.86 -26.02
N ASP A 908 -32.77 -8.41 -27.26
CA ASP A 908 -32.19 -9.23 -28.31
C ASP A 908 -30.72 -8.93 -28.57
N VAL A 909 -30.25 -7.73 -28.26
CA VAL A 909 -28.86 -7.36 -28.44
C VAL A 909 -28.33 -6.74 -27.15
N PRO A 910 -27.03 -6.81 -26.88
CA PRO A 910 -26.50 -6.23 -25.64
C PRO A 910 -26.65 -4.71 -25.63
N GLN A 911 -26.73 -4.15 -24.42
CA GLN A 911 -26.81 -2.71 -24.22
C GLN A 911 -25.60 -2.25 -23.41
N ASP A 912 -25.00 -1.15 -23.85
CA ASP A 912 -23.78 -0.64 -23.22
C ASP A 912 -23.87 0.88 -23.14
N VAL A 913 -23.84 1.41 -21.91
CA VAL A 913 -23.86 2.86 -21.73
C VAL A 913 -22.53 3.48 -22.15
N TYR A 914 -21.43 2.75 -21.93
CA TYR A 914 -20.11 3.28 -22.23
C TYR A 914 -19.97 3.59 -23.72
N SER A 915 -20.49 2.72 -24.58
CA SER A 915 -20.43 2.97 -26.02
C SER A 915 -21.22 4.20 -26.41
N GLY A 916 -22.39 4.41 -25.81
CA GLY A 916 -23.15 5.62 -26.08
C GLY A 916 -22.42 6.87 -25.65
N VAL A 917 -21.80 6.84 -24.47
CA VAL A 917 -21.03 7.99 -24.01
C VAL A 917 -19.87 8.26 -24.95
N ALA A 918 -19.18 7.21 -25.38
CA ALA A 918 -18.07 7.37 -26.32
C ALA A 918 -18.54 7.96 -27.63
N ALA A 919 -19.71 7.53 -28.11
CA ALA A 919 -20.26 8.07 -29.36
C ALA A 919 -20.58 9.56 -29.22
N GLN A 920 -21.18 9.94 -28.09
CA GLN A 920 -21.48 11.35 -27.87
C GLN A 920 -20.20 12.18 -27.80
N VAL A 921 -19.19 11.67 -27.10
CA VAL A 921 -17.92 12.38 -27.02
C VAL A 921 -17.28 12.51 -28.40
N GLU A 922 -17.39 11.46 -29.22
CA GLU A 922 -16.85 11.51 -30.57
C GLU A 922 -17.58 12.52 -31.44
N VAL A 923 -18.90 12.64 -31.28
CA VAL A 923 -19.65 13.66 -32.03
C VAL A 923 -19.19 15.06 -31.64
N PHE A 924 -19.05 15.29 -30.32
CA PHE A 924 -18.55 16.59 -29.87
C PHE A 924 -17.16 16.87 -30.42
N ARG A 925 -16.30 15.85 -30.39
CA ARG A 925 -14.94 16.03 -30.92
C ARG A 925 -14.95 16.30 -32.41
N ARG A 926 -15.85 15.66 -33.15
CA ARG A 926 -15.96 15.90 -34.59
C ARG A 926 -16.33 17.35 -34.86
N GLN A 927 -17.33 17.86 -34.12
CA GLN A 927 -17.71 19.26 -34.30
C GLN A 927 -16.54 20.19 -33.95
N ASP A 928 -15.87 19.92 -32.83
CA ASP A 928 -14.76 20.76 -32.42
C ASP A 928 -13.62 20.73 -33.45
N ALA A 929 -13.31 19.54 -33.96
CA ALA A 929 -12.24 19.39 -34.94
C ALA A 929 -12.58 20.11 -36.23
N GLN A 930 -13.84 20.04 -36.68
CA GLN A 930 -14.23 20.81 -37.85
C GLN A 930 -14.11 22.30 -37.57
N ARG A 931 -14.35 22.71 -36.32
CA ARG A 931 -14.21 24.13 -35.99
C ARG A 931 -12.75 24.58 -35.99
N GLY A 932 -11.79 23.71 -35.67
CA GLY A 932 -10.40 24.07 -35.88
C GLY A 932 -9.40 23.78 -34.78
N MET A 933 -9.85 23.32 -33.62
CA MET A 933 -8.93 23.12 -32.50
C MET A 933 -7.97 21.98 -32.79
N ARG A 934 -6.71 22.17 -32.38
CA ARG A 934 -5.64 21.23 -32.74
C ARG A 934 -5.76 19.91 -31.99
N VAL A 935 -6.03 19.97 -30.68
CA VAL A 935 -6.04 18.75 -29.86
C VAL A 935 -7.13 17.80 -30.37
N ALA A 936 -8.19 18.35 -30.95
CA ALA A 936 -9.20 17.51 -31.58
C ALA A 936 -8.62 16.74 -32.75
N GLN A 937 -7.79 17.39 -33.58
CA GLN A 937 -7.09 16.69 -34.64
C GLN A 937 -6.10 15.67 -34.11
N VAL A 938 -5.48 15.93 -32.97
CA VAL A 938 -4.44 15.03 -32.45
C VAL A 938 -5.03 13.67 -32.12
N LEU A 939 -6.15 13.63 -31.42
CA LEU A 939 -6.79 12.39 -31.00
C LEU A 939 -8.09 12.23 -31.79
N GLU A 940 -8.03 11.49 -32.88
CA GLU A 940 -9.18 11.27 -33.75
C GLU A 940 -9.73 9.85 -33.67
N GLY A 941 -8.88 8.83 -33.77
CA GLY A 941 -9.34 7.46 -33.73
C GLY A 941 -8.97 6.76 -32.44
N PHE A 942 -8.61 7.53 -31.41
CA PHE A 942 -8.21 6.97 -30.12
C PHE A 942 -9.27 7.12 -29.05
N ILE A 943 -10.48 7.54 -29.41
CA ILE A 943 -11.60 7.61 -28.46
C ILE A 943 -12.33 6.28 -28.56
N THR A 944 -11.96 5.35 -27.68
CA THR A 944 -12.58 4.03 -27.61
C THR A 944 -13.37 3.91 -26.32
N ARG A 945 -13.88 2.69 -26.09
CA ARG A 945 -14.64 2.43 -24.86
C ARG A 945 -13.72 2.37 -23.64
N LYS A 946 -12.46 1.97 -23.83
CA LYS A 946 -11.55 1.77 -22.71
C LYS A 946 -11.26 3.08 -21.98
N VAL A 947 -11.05 4.16 -22.73
CA VAL A 947 -10.61 5.41 -22.11
C VAL A 947 -11.71 6.00 -21.24
N VAL A 948 -12.97 5.88 -21.66
CA VAL A 948 -14.08 6.47 -20.92
C VAL A 948 -14.76 5.49 -19.97
N LYS A 949 -14.41 4.20 -20.03
CA LYS A 949 -15.10 3.20 -19.22
C LYS A 949 -14.99 3.51 -17.74
N GLN A 950 -13.76 3.69 -17.24
CA GLN A 950 -13.56 3.87 -15.80
C GLN A 950 -14.18 5.18 -15.32
N THR A 951 -14.04 6.25 -16.10
CA THR A 951 -14.61 7.53 -15.70
C THR A 951 -16.13 7.45 -15.63
N VAL A 952 -16.78 6.89 -16.65
CA VAL A 952 -18.23 6.80 -16.64
C VAL A 952 -18.69 5.90 -15.51
N MET A 953 -17.94 4.83 -15.22
CA MET A 953 -18.25 3.97 -14.10
C MET A 953 -18.20 4.73 -12.79
N THR A 954 -17.17 5.56 -12.61
CA THR A 954 -16.95 6.18 -11.30
C THR A 954 -17.66 7.51 -11.13
N VAL A 955 -18.33 8.02 -12.17
CA VAL A 955 -19.10 9.25 -12.00
C VAL A 955 -20.19 9.08 -10.96
N VAL A 956 -20.90 7.95 -11.01
CA VAL A 956 -22.01 7.73 -10.08
C VAL A 956 -21.53 7.58 -8.64
N TYR A 957 -20.24 7.35 -8.43
CA TYR A 957 -19.67 7.29 -7.09
C TYR A 957 -19.19 8.64 -6.59
N GLY A 958 -19.36 9.70 -7.37
CA GLY A 958 -18.96 11.02 -6.95
C GLY A 958 -17.51 11.37 -7.21
N VAL A 959 -16.91 10.83 -8.27
CA VAL A 959 -15.53 11.16 -8.58
C VAL A 959 -15.43 12.62 -9.01
N THR A 960 -14.30 13.25 -8.69
CA THR A 960 -14.04 14.64 -9.05
C THR A 960 -13.32 14.72 -10.38
N ARG A 961 -13.23 15.94 -10.90
CA ARG A 961 -12.61 16.13 -12.21
C ARG A 961 -11.12 15.80 -12.19
N TYR A 962 -10.46 16.01 -11.06
CA TYR A 962 -9.03 15.74 -10.97
C TYR A 962 -8.74 14.25 -11.15
N GLY A 963 -9.51 13.40 -10.46
CA GLY A 963 -9.39 11.96 -10.61
C GLY A 963 -9.73 11.47 -12.00
N GLY A 964 -10.78 12.05 -12.61
CA GLY A 964 -11.10 11.71 -13.98
C GLY A 964 -9.97 12.06 -14.94
N ARG A 965 -9.36 13.22 -14.74
CA ARG A 965 -8.23 13.62 -15.57
C ARG A 965 -7.08 12.64 -15.42
N LEU A 966 -6.80 12.22 -14.18
CA LEU A 966 -5.74 11.23 -13.97
C LEU A 966 -6.06 9.90 -14.63
N GLN A 967 -7.31 9.45 -14.53
CA GLN A 967 -7.68 8.18 -15.17
C GLN A 967 -7.53 8.27 -16.69
N ILE A 968 -8.00 9.36 -17.30
CA ILE A 968 -7.91 9.49 -18.75
C ILE A 968 -6.44 9.62 -19.18
N GLU A 969 -5.63 10.33 -18.38
CA GLU A 969 -4.21 10.44 -18.70
C GLU A 969 -3.52 9.09 -18.62
N LYS A 970 -3.84 8.31 -17.59
CA LYS A 970 -3.25 6.98 -17.46
C LYS A 970 -3.64 6.09 -18.63
N ARG A 971 -4.89 6.16 -19.07
CA ARG A 971 -5.33 5.39 -20.23
C ARG A 971 -4.61 5.86 -21.50
N LEU A 972 -4.43 7.18 -21.64
CA LEU A 972 -3.86 7.73 -22.87
C LEU A 972 -2.36 7.46 -22.97
N ARG A 973 -1.67 7.37 -21.84
CA ARG A 973 -0.22 7.24 -21.87
C ARG A 973 0.22 5.79 -22.06
N GLU A 974 -0.66 4.96 -22.62
CA GLU A 974 -0.31 3.58 -22.93
C GLU A 974 -0.66 3.15 -24.33
N LEU A 975 -1.26 4.01 -25.16
CA LEU A 975 -1.65 3.61 -26.52
C LEU A 975 -0.44 3.32 -27.39
N SER A 976 0.62 4.11 -27.24
CA SER A 976 1.89 4.06 -27.98
C SER A 976 1.72 4.48 -29.43
N ASP A 977 0.50 4.81 -29.89
CA ASP A 977 0.28 5.32 -31.22
C ASP A 977 -0.28 6.74 -31.20
N PHE A 978 -0.27 7.37 -30.03
CA PHE A 978 -0.78 8.71 -29.78
C PHE A 978 0.38 9.65 -29.47
N PRO A 979 0.42 10.85 -30.04
CA PRO A 979 1.49 11.80 -29.69
C PRO A 979 1.37 12.21 -28.24
N GLN A 980 2.35 11.78 -27.43
CA GLN A 980 2.31 11.98 -25.99
C GLN A 980 2.37 13.44 -25.58
N GLU A 981 2.92 14.32 -26.42
CA GLU A 981 3.15 15.70 -26.00
C GLU A 981 1.85 16.44 -25.73
N PHE A 982 0.71 15.88 -26.16
CA PHE A 982 -0.58 16.51 -25.93
C PHE A 982 -1.34 15.92 -24.74
N VAL A 983 -0.75 14.99 -23.98
CA VAL A 983 -1.52 14.25 -22.99
C VAL A 983 -2.19 15.20 -22.00
N TRP A 984 -1.43 16.15 -21.46
CA TRP A 984 -2.00 17.08 -20.49
C TRP A 984 -3.11 17.91 -21.12
N GLU A 985 -2.95 18.28 -22.39
CA GLU A 985 -4.00 18.99 -23.10
C GLU A 985 -5.09 18.06 -23.61
N ALA A 986 -4.80 16.77 -23.74
CA ALA A 986 -5.81 15.83 -24.23
C ALA A 986 -6.82 15.50 -23.14
N SER A 987 -6.35 14.93 -22.03
CA SER A 987 -7.25 14.54 -20.96
C SER A 987 -8.04 15.72 -20.43
N HIS A 988 -7.37 16.85 -20.20
CA HIS A 988 -8.06 18.04 -19.70
C HIS A 988 -9.19 18.46 -20.62
N TYR A 989 -9.07 18.13 -21.91
CA TYR A 989 -10.21 18.29 -22.81
C TYR A 989 -11.25 17.21 -22.57
N LEU A 990 -10.86 15.94 -22.73
CA LEU A 990 -11.82 14.84 -22.77
C LEU A 990 -12.72 14.85 -21.55
N VAL A 991 -12.13 14.99 -20.36
CA VAL A 991 -12.92 14.96 -19.13
C VAL A 991 -14.10 15.91 -19.23
N ARG A 992 -13.84 17.16 -19.62
CA ARG A 992 -14.94 18.13 -19.72
C ARG A 992 -16.03 17.60 -20.63
N GLN A 993 -15.65 17.19 -21.85
CA GLN A 993 -16.63 16.63 -22.78
C GLN A 993 -17.31 15.42 -22.17
N VAL A 994 -16.52 14.54 -21.52
CA VAL A 994 -17.12 13.39 -20.86
C VAL A 994 -18.15 13.85 -19.83
N PHE A 995 -17.76 14.80 -18.98
CA PHE A 995 -18.72 15.30 -18.00
C PHE A 995 -19.90 15.97 -18.67
N LYS A 996 -19.65 16.61 -19.83
CA LYS A 996 -20.76 17.16 -20.59
C LYS A 996 -21.74 16.05 -20.94
N SER A 997 -21.23 14.92 -21.46
CA SER A 997 -22.09 13.83 -21.88
C SER A 997 -22.98 13.36 -20.74
N LEU A 998 -22.80 13.93 -19.55
CA LEU A 998 -23.56 13.54 -18.39
C LEU A 998 -24.28 14.70 -17.69
N GLN A 999 -24.93 15.66 -18.36
CA GLN A 999 -25.86 16.49 -17.58
C GLN A 999 -27.02 15.66 -17.05
N GLU A 1000 -27.66 14.87 -17.90
CA GLU A 1000 -28.94 14.25 -17.56
C GLU A 1000 -29.00 12.78 -17.95
N MET A 1001 -27.89 12.05 -17.82
CA MET A 1001 -27.91 10.63 -18.17
C MET A 1001 -28.59 9.82 -17.07
N PHE A 1002 -28.36 10.17 -15.81
CA PHE A 1002 -28.96 9.49 -14.66
C PHE A 1002 -29.69 10.50 -13.79
N SER A 1003 -30.89 10.14 -13.35
CA SER A 1003 -31.66 10.96 -12.42
C SER A 1003 -31.89 10.28 -11.08
N GLY A 1004 -32.53 9.12 -11.07
CA GLY A 1004 -32.75 8.41 -9.82
C GLY A 1004 -31.45 7.91 -9.21
N THR A 1005 -30.52 7.49 -10.07
CA THR A 1005 -29.18 7.11 -9.61
C THR A 1005 -28.54 8.24 -8.81
N ARG A 1006 -28.53 9.45 -9.38
CA ARG A 1006 -27.88 10.57 -8.71
C ARG A 1006 -28.67 11.00 -7.48
N ALA A 1007 -30.00 10.85 -7.51
CA ALA A 1007 -30.79 11.14 -6.31
C ALA A 1007 -30.40 10.21 -5.16
N ILE A 1008 -30.29 8.92 -5.44
CA ILE A 1008 -29.90 7.96 -4.40
C ILE A 1008 -28.49 8.26 -3.90
N GLN A 1009 -27.56 8.54 -4.83
CA GLN A 1009 -26.19 8.82 -4.43
C GLN A 1009 -26.12 10.07 -3.56
N HIS A 1010 -26.86 11.12 -3.92
CA HIS A 1010 -26.87 12.34 -3.13
C HIS A 1010 -27.47 12.10 -1.76
N TRP A 1011 -28.54 11.30 -1.69
CA TRP A 1011 -29.13 11.00 -0.39
C TRP A 1011 -28.14 10.27 0.51
N LEU A 1012 -27.45 9.26 -0.04
CA LEU A 1012 -26.46 8.55 0.75
C LEU A 1012 -25.32 9.46 1.20
N THR A 1013 -24.85 10.32 0.29
CA THR A 1013 -23.75 11.22 0.61
C THR A 1013 -24.14 12.20 1.72
N GLU A 1014 -25.33 12.80 1.62
CA GLU A 1014 -25.75 13.76 2.63
C GLU A 1014 -25.98 13.08 3.97
N SER A 1015 -26.56 11.87 3.96
CA SER A 1015 -26.73 11.14 5.21
C SER A 1015 -25.38 10.84 5.86
N ALA A 1016 -24.40 10.41 5.05
CA ALA A 1016 -23.08 10.12 5.58
C ALA A 1016 -22.44 11.36 6.18
N ARG A 1017 -22.53 12.50 5.50
CA ARG A 1017 -21.96 13.73 6.03
C ARG A 1017 -22.61 14.12 7.35
N LEU A 1018 -23.95 14.12 7.39
CA LEU A 1018 -24.66 14.57 8.58
C LEU A 1018 -24.40 13.63 9.76
N ILE A 1019 -24.21 12.34 9.49
CA ILE A 1019 -23.81 11.43 10.55
C ILE A 1019 -22.38 11.73 10.99
N SER A 1020 -21.52 12.10 10.04
CA SER A 1020 -20.11 12.29 10.36
C SER A 1020 -19.87 13.54 11.19
N HIS A 1021 -20.76 14.54 11.10
CA HIS A 1021 -20.59 15.72 11.95
C HIS A 1021 -20.64 15.38 13.43
N MET A 1022 -21.58 14.51 13.84
CA MET A 1022 -21.76 14.25 15.26
C MET A 1022 -20.63 13.45 15.87
N GLY A 1023 -19.73 12.93 15.05
CA GLY A 1023 -18.55 12.27 15.58
C GLY A 1023 -18.66 10.77 15.60
N SER A 1024 -19.73 10.24 15.03
CA SER A 1024 -19.98 8.81 14.97
C SER A 1024 -19.80 8.32 13.54
N VAL A 1025 -18.95 7.31 13.38
CA VAL A 1025 -18.71 6.74 12.05
C VAL A 1025 -19.95 5.99 11.59
N VAL A 1026 -20.15 5.94 10.28
CA VAL A 1026 -21.34 5.32 9.71
C VAL A 1026 -21.20 3.81 9.74
N GLU A 1027 -22.29 3.12 10.06
CA GLU A 1027 -22.33 1.66 10.08
C GLU A 1027 -23.61 1.19 9.41
N TRP A 1028 -23.60 -0.04 8.93
CA TRP A 1028 -24.79 -0.63 8.34
C TRP A 1028 -24.70 -2.14 8.42
N VAL A 1029 -25.77 -2.81 7.99
CA VAL A 1029 -25.85 -4.25 7.97
C VAL A 1029 -26.25 -4.71 6.57
N THR A 1030 -25.50 -5.66 6.02
CA THR A 1030 -25.81 -6.20 4.72
C THR A 1030 -27.01 -7.15 4.81
N PRO A 1031 -27.69 -7.40 3.68
CA PRO A 1031 -28.84 -8.33 3.74
C PRO A 1031 -28.48 -9.72 4.22
N LEU A 1032 -27.24 -10.17 4.03
CA LEU A 1032 -26.83 -11.45 4.59
C LEU A 1032 -26.83 -11.40 6.11
N GLY A 1033 -26.40 -10.28 6.69
CA GLY A 1033 -26.46 -10.11 8.13
C GLY A 1033 -25.18 -9.61 8.76
N VAL A 1034 -24.08 -9.62 8.02
CA VAL A 1034 -22.79 -9.18 8.56
C VAL A 1034 -22.82 -7.68 8.80
N PRO A 1035 -22.16 -7.18 9.84
CA PRO A 1035 -22.13 -5.73 10.07
C PRO A 1035 -20.90 -5.07 9.46
N VAL A 1036 -21.06 -3.88 8.89
CA VAL A 1036 -19.96 -3.16 8.26
C VAL A 1036 -19.86 -1.78 8.91
N ILE A 1037 -18.64 -1.38 9.24
CA ILE A 1037 -18.34 -0.08 9.82
C ILE A 1037 -17.19 0.53 9.03
N GLN A 1038 -17.24 1.85 8.83
CA GLN A 1038 -16.30 2.52 7.94
C GLN A 1038 -15.33 3.34 8.79
N PRO A 1039 -14.10 2.86 9.02
CA PRO A 1039 -13.20 3.47 10.02
C PRO A 1039 -12.26 4.54 9.45
N TYR A 1040 -12.76 5.76 9.33
CA TYR A 1040 -11.90 6.87 8.84
C TYR A 1040 -11.72 7.87 9.98
N ARG A 1041 -10.52 7.98 10.55
CA ARG A 1041 -10.35 8.85 11.74
C ARG A 1041 -9.20 9.84 11.54
N LEU A 1042 -9.30 11.03 12.14
CA LEU A 1042 -8.27 12.10 11.94
C LEU A 1042 -6.96 11.65 12.56
N ASP A 1043 -5.83 12.10 12.02
CA ASP A 1043 -4.50 11.56 12.41
C ASP A 1043 -4.17 11.70 13.88
N SER A 1044 -3.45 10.72 14.42
CA SER A 1044 -3.02 10.79 15.83
C SER A 1044 -2.01 11.93 15.99
N LYS A 1045 -2.05 12.65 17.10
CA LYS A 1045 -1.16 13.83 17.25
C LYS A 1045 0.15 13.39 17.88
N VAL A 1046 1.10 12.96 17.06
CA VAL A 1046 2.47 12.54 17.50
C VAL A 1046 2.43 11.08 17.98
N LYS A 1047 3.46 10.33 17.61
CA LYS A 1047 3.46 8.89 17.92
C LYS A 1047 4.89 8.41 17.65
N GLN A 1048 5.85 8.72 18.48
CA GLN A 1048 7.23 8.36 18.13
C GLN A 1048 7.83 7.43 19.17
N ILE A 1049 8.83 6.64 18.82
CA ILE A 1049 9.50 5.72 19.78
C ILE A 1049 10.96 6.16 19.87
N GLY A 1050 11.44 6.52 21.07
CA GLY A 1050 12.83 6.97 21.28
C GLY A 1050 13.79 5.81 21.08
N GLY A 1051 15.08 6.07 20.83
CA GLY A 1051 15.95 4.92 20.53
C GLY A 1051 17.35 5.26 20.10
N GLY A 1052 18.11 4.26 19.66
CA GLY A 1052 19.53 4.46 19.34
C GLY A 1052 19.91 4.57 17.88
N ILE A 1053 18.97 4.61 16.95
CA ILE A 1053 19.37 4.87 15.56
C ILE A 1053 18.47 6.00 15.06
N GLN A 1054 17.18 5.89 15.28
CA GLN A 1054 16.24 6.93 14.81
C GLN A 1054 14.94 6.84 15.61
N SER A 1055 14.17 7.91 15.72
CA SER A 1055 12.86 7.85 16.38
C SER A 1055 11.77 7.53 15.37
N ILE A 1056 11.27 6.30 15.36
CA ILE A 1056 10.24 5.85 14.39
C ILE A 1056 8.93 6.56 14.66
N THR A 1057 8.27 7.08 13.65
CA THR A 1057 6.92 7.66 13.81
C THR A 1057 5.96 6.64 13.23
N TYR A 1058 4.86 6.32 13.92
CA TYR A 1058 3.90 5.28 13.47
C TYR A 1058 2.47 5.77 13.68
N THR A 1059 1.51 5.45 12.82
CA THR A 1059 0.15 5.95 13.11
C THR A 1059 -0.48 5.15 14.25
N HIS A 1060 -1.41 5.72 15.02
CA HIS A 1060 -2.07 4.89 16.05
C HIS A 1060 -3.45 4.43 15.62
N ASN A 1061 -3.55 3.61 14.57
CA ASN A 1061 -4.87 3.05 14.24
C ASN A 1061 -5.21 2.26 15.48
N GLY A 1062 -6.41 2.35 15.99
CA GLY A 1062 -6.62 1.66 17.27
C GLY A 1062 -6.92 2.67 18.35
N ASP A 1063 -7.02 3.94 17.98
CA ASP A 1063 -7.46 4.96 18.95
C ASP A 1063 -8.88 5.31 18.55
N ILE A 1064 -9.85 5.00 19.40
CA ILE A 1064 -11.28 5.32 19.13
C ILE A 1064 -11.54 6.70 19.69
N SER A 1065 -10.49 7.36 20.17
CA SER A 1065 -10.66 8.68 20.79
C SER A 1065 -10.51 9.78 19.73
N ARG A 1066 -10.06 9.42 18.54
CA ARG A 1066 -9.79 10.47 17.53
C ARG A 1066 -11.11 10.93 16.94
N LYS A 1067 -11.12 12.04 16.21
CA LYS A 1067 -12.34 12.55 15.59
C LYS A 1067 -12.53 11.98 14.18
N PRO A 1068 -13.75 11.77 13.64
CA PRO A 1068 -13.94 11.15 12.32
C PRO A 1068 -13.51 12.09 11.21
N ASN A 1069 -13.08 11.50 10.09
CA ASN A 1069 -12.67 12.26 8.92
C ASN A 1069 -13.90 12.46 8.04
N THR A 1070 -14.53 13.64 8.09
CA THR A 1070 -15.81 13.87 7.36
C THR A 1070 -15.64 13.78 5.85
N ARG A 1071 -14.51 14.24 5.33
CA ARG A 1071 -14.23 14.16 3.88
C ARG A 1071 -14.08 12.72 3.44
N LYS A 1072 -13.45 11.84 4.22
CA LYS A 1072 -13.23 10.48 3.68
C LYS A 1072 -14.40 9.58 4.00
N GLN A 1073 -15.26 9.97 4.91
CA GLN A 1073 -16.47 9.19 5.14
C GLN A 1073 -17.59 9.58 4.19
N LYS A 1074 -17.64 10.86 3.82
CA LYS A 1074 -18.61 11.29 2.82
C LYS A 1074 -18.38 10.63 1.48
N ASN A 1075 -17.11 10.55 1.05
CA ASN A 1075 -16.82 10.08 -0.30
C ASN A 1075 -16.98 8.57 -0.43
N GLY A 1076 -16.80 7.83 0.66
CA GLY A 1076 -16.74 6.38 0.57
C GLY A 1076 -18.01 5.62 0.87
N PHE A 1077 -19.08 6.32 1.25
CA PHE A 1077 -20.31 5.62 1.62
C PHE A 1077 -20.95 4.85 0.46
N PRO A 1078 -21.16 5.43 -0.72
CA PRO A 1078 -21.81 4.66 -1.81
C PRO A 1078 -20.99 3.47 -2.26
N PRO A 1079 -19.70 3.63 -2.61
CA PRO A 1079 -18.97 2.46 -3.15
C PRO A 1079 -18.93 1.28 -2.20
N ASN A 1080 -18.76 1.53 -0.90
CA ASN A 1080 -18.72 0.43 0.06
C ASN A 1080 -20.06 -0.27 0.15
N PHE A 1081 -21.15 0.49 0.14
CA PHE A 1081 -22.49 -0.10 0.17
C PHE A 1081 -22.72 -0.99 -1.05
N ILE A 1082 -22.36 -0.50 -2.23
CA ILE A 1082 -22.62 -1.27 -3.45
C ILE A 1082 -21.71 -2.49 -3.52
N HIS A 1083 -20.47 -2.36 -3.04
CA HIS A 1083 -19.58 -3.53 -3.00
C HIS A 1083 -20.11 -4.57 -2.02
N SER A 1084 -20.68 -4.13 -0.90
CA SER A 1084 -21.30 -5.07 0.02
C SER A 1084 -22.47 -5.80 -0.63
N LEU A 1085 -23.29 -5.06 -1.39
CA LEU A 1085 -24.40 -5.69 -2.09
C LEU A 1085 -23.90 -6.71 -3.12
N ASP A 1086 -22.84 -6.36 -3.84
CA ASP A 1086 -22.24 -7.29 -4.80
C ASP A 1086 -21.75 -8.54 -4.11
N SER A 1087 -21.09 -8.38 -2.96
CA SER A 1087 -20.60 -9.55 -2.22
C SER A 1087 -21.77 -10.42 -1.74
N SER A 1088 -22.85 -9.80 -1.30
CA SER A 1088 -24.02 -10.56 -0.88
C SER A 1088 -24.60 -11.37 -2.04
N HIS A 1089 -24.71 -10.75 -3.21
CA HIS A 1089 -25.19 -11.47 -4.39
C HIS A 1089 -24.28 -12.65 -4.73
N MET A 1090 -22.96 -12.41 -4.69
CA MET A 1090 -22.01 -13.47 -5.00
C MET A 1090 -22.13 -14.63 -4.02
N MET A 1091 -22.27 -14.31 -2.73
CA MET A 1091 -22.34 -15.37 -1.72
C MET A 1091 -23.63 -16.18 -1.86
N LEU A 1092 -24.76 -15.51 -2.11
CA LEU A 1092 -26.00 -16.24 -2.32
C LEU A 1092 -25.89 -17.16 -3.53
N THR A 1093 -25.34 -16.65 -4.64
CA THR A 1093 -25.18 -17.49 -5.82
C THR A 1093 -24.27 -18.66 -5.55
N ALA A 1094 -23.17 -18.43 -4.83
CA ALA A 1094 -22.23 -19.51 -4.53
C ALA A 1094 -22.90 -20.60 -3.68
N LEU A 1095 -23.66 -20.20 -2.66
CA LEU A 1095 -24.33 -21.19 -1.82
C LEU A 1095 -25.34 -22.00 -2.62
N HIS A 1096 -26.15 -21.34 -3.45
CA HIS A 1096 -27.18 -22.07 -4.17
C HIS A 1096 -26.58 -22.89 -5.31
N CYS A 1097 -25.37 -22.55 -5.77
CA CYS A 1097 -24.67 -23.41 -6.71
C CYS A 1097 -24.07 -24.62 -6.01
N TYR A 1098 -23.55 -24.43 -4.79
CA TYR A 1098 -23.02 -25.57 -4.04
C TYR A 1098 -24.11 -26.57 -3.71
N ARG A 1099 -25.31 -26.08 -3.38
CA ARG A 1099 -26.40 -27.00 -3.06
C ARG A 1099 -26.72 -27.96 -4.21
N LYS A 1100 -26.53 -27.52 -5.45
CA LYS A 1100 -26.81 -28.36 -6.61
C LYS A 1100 -25.61 -29.17 -7.08
N GLY A 1101 -24.47 -29.05 -6.42
CA GLY A 1101 -23.29 -29.82 -6.80
C GLY A 1101 -22.49 -29.18 -7.91
N LEU A 1102 -22.02 -27.96 -7.69
CA LEU A 1102 -21.29 -27.20 -8.68
C LEU A 1102 -19.95 -26.73 -8.11
N THR A 1103 -18.98 -26.56 -9.00
CA THR A 1103 -17.64 -26.08 -8.62
C THR A 1103 -17.61 -24.59 -8.93
N PHE A 1104 -18.12 -23.79 -8.01
CA PHE A 1104 -18.29 -22.36 -8.21
C PHE A 1104 -17.16 -21.60 -7.52
N VAL A 1105 -16.43 -20.79 -8.29
CA VAL A 1105 -15.49 -19.82 -7.77
C VAL A 1105 -15.77 -18.50 -8.47
N SER A 1106 -15.34 -17.40 -7.85
CA SER A 1106 -15.68 -16.08 -8.37
C SER A 1106 -14.54 -15.10 -8.15
N VAL A 1107 -14.50 -14.10 -9.03
CA VAL A 1107 -13.64 -12.94 -8.90
C VAL A 1107 -14.53 -11.70 -8.97
N HIS A 1108 -15.00 -11.24 -7.80
CA HIS A 1108 -15.83 -10.05 -7.70
C HIS A 1108 -17.13 -10.21 -8.48
N ASP A 1109 -17.11 -9.99 -9.79
CA ASP A 1109 -18.31 -10.13 -10.61
C ASP A 1109 -18.16 -11.17 -11.72
N CYS A 1110 -17.04 -11.89 -11.77
CA CYS A 1110 -16.82 -12.92 -12.79
C CYS A 1110 -17.01 -14.29 -12.12
N TYR A 1111 -17.87 -15.12 -12.71
CA TYR A 1111 -18.25 -16.39 -12.11
C TYR A 1111 -17.70 -17.52 -12.97
N TRP A 1112 -16.76 -18.28 -12.42
CA TRP A 1112 -16.14 -19.39 -13.14
C TRP A 1112 -16.89 -20.69 -12.84
N THR A 1113 -16.71 -21.67 -13.73
CA THR A 1113 -17.33 -22.98 -13.59
C THR A 1113 -16.71 -23.92 -14.61
N HIS A 1114 -17.28 -25.12 -14.70
CA HIS A 1114 -16.95 -26.02 -15.78
C HIS A 1114 -17.77 -25.68 -17.03
N ALA A 1115 -17.31 -26.18 -18.17
CA ALA A 1115 -17.96 -25.83 -19.43
C ALA A 1115 -19.39 -26.34 -19.49
N ALA A 1116 -19.64 -27.54 -18.96
CA ALA A 1116 -20.93 -28.18 -19.15
C ALA A 1116 -22.04 -27.52 -18.33
N ASP A 1117 -21.69 -26.91 -17.19
CA ASP A 1117 -22.68 -26.52 -16.19
C ASP A 1117 -23.10 -25.06 -16.31
N VAL A 1118 -22.51 -24.30 -17.24
CA VAL A 1118 -22.65 -22.85 -17.23
C VAL A 1118 -24.10 -22.43 -17.21
N SER A 1119 -24.91 -22.99 -18.12
CA SER A 1119 -26.32 -22.59 -18.20
C SER A 1119 -26.99 -22.67 -16.85
N VAL A 1120 -26.76 -23.76 -16.10
CA VAL A 1120 -27.41 -23.92 -14.81
C VAL A 1120 -27.13 -22.72 -13.93
N MET A 1121 -25.85 -22.35 -13.79
CA MET A 1121 -25.51 -21.22 -12.94
C MET A 1121 -26.29 -19.99 -13.36
N ASN A 1122 -26.37 -19.73 -14.67
CA ASN A 1122 -27.05 -18.53 -15.13
C ASN A 1122 -28.42 -18.43 -14.49
N GLN A 1123 -29.19 -19.51 -14.55
CA GLN A 1123 -30.54 -19.48 -13.99
C GLN A 1123 -30.50 -19.01 -12.55
N VAL A 1124 -29.73 -19.70 -11.70
CA VAL A 1124 -29.79 -19.38 -10.27
C VAL A 1124 -29.36 -17.93 -10.06
N CYS A 1125 -28.38 -17.46 -10.84
CA CYS A 1125 -27.92 -16.09 -10.65
C CYS A 1125 -29.09 -15.13 -10.73
N ARG A 1126 -29.87 -15.22 -11.82
CA ARG A 1126 -30.99 -14.30 -11.96
C ARG A 1126 -31.92 -14.42 -10.76
N GLU A 1127 -32.26 -15.67 -10.39
CA GLU A 1127 -33.14 -15.87 -9.25
C GLU A 1127 -32.61 -15.13 -8.04
N GLN A 1128 -31.34 -15.35 -7.69
CA GLN A 1128 -30.81 -14.74 -6.48
C GLN A 1128 -30.92 -13.24 -6.57
N PHE A 1129 -30.58 -12.66 -7.73
CA PHE A 1129 -30.66 -11.21 -7.88
C PHE A 1129 -32.05 -10.73 -7.52
N VAL A 1130 -33.07 -11.36 -8.09
CA VAL A 1130 -34.44 -10.93 -7.79
C VAL A 1130 -34.68 -11.00 -6.29
N ARG A 1131 -34.36 -12.15 -5.68
CA ARG A 1131 -34.59 -12.28 -4.26
C ARG A 1131 -33.77 -11.25 -3.48
N LEU A 1132 -32.52 -11.03 -3.90
CA LEU A 1132 -31.68 -10.08 -3.19
C LEU A 1132 -32.29 -8.69 -3.19
N HIS A 1133 -33.05 -8.36 -4.25
CA HIS A 1133 -33.66 -7.04 -4.29
C HIS A 1133 -35.16 -7.11 -4.03
N SER A 1134 -35.69 -8.27 -3.67
CA SER A 1134 -37.09 -8.34 -3.31
C SER A 1134 -37.36 -7.63 -1.99
N GLU A 1135 -36.41 -7.67 -1.06
CA GLU A 1135 -36.57 -6.98 0.20
C GLU A 1135 -36.34 -5.48 0.03
N PRO A 1136 -36.99 -4.64 0.83
CA PRO A 1136 -36.71 -3.20 0.76
C PRO A 1136 -35.40 -2.83 1.43
N ILE A 1137 -34.29 -2.95 0.70
CA ILE A 1137 -32.97 -2.73 1.29
C ILE A 1137 -32.84 -1.30 1.78
N LEU A 1138 -33.28 -0.34 0.96
CA LEU A 1138 -33.11 1.07 1.32
C LEU A 1138 -33.91 1.43 2.57
N GLN A 1139 -35.14 0.93 2.68
CA GLN A 1139 -35.96 1.21 3.85
C GLN A 1139 -35.34 0.61 5.11
N ASP A 1140 -34.83 -0.62 5.02
CA ASP A 1140 -34.18 -1.24 6.17
C ASP A 1140 -32.94 -0.46 6.58
N LEU A 1141 -32.14 -0.02 5.61
CA LEU A 1141 -30.96 0.77 5.91
C LEU A 1141 -31.34 2.07 6.59
N SER A 1142 -32.38 2.74 6.09
CA SER A 1142 -32.81 4.00 6.69
C SER A 1142 -33.28 3.80 8.12
N ARG A 1143 -34.08 2.76 8.35
CA ARG A 1143 -34.58 2.51 9.71
C ARG A 1143 -33.44 2.16 10.66
N PHE A 1144 -32.48 1.35 10.20
CA PHE A 1144 -31.34 1.02 11.05
C PHE A 1144 -30.51 2.25 11.38
N LEU A 1145 -30.30 3.13 10.39
CA LEU A 1145 -29.53 4.34 10.63
C LEU A 1145 -30.25 5.27 11.60
N VAL A 1146 -31.58 5.36 11.49
CA VAL A 1146 -32.34 6.17 12.43
C VAL A 1146 -32.24 5.60 13.84
N LYS A 1147 -32.37 4.27 13.96
CA LYS A 1147 -32.33 3.65 15.29
C LYS A 1147 -30.96 3.83 15.94
N ARG A 1148 -29.89 3.60 15.18
CA ARG A 1148 -28.56 3.62 15.78
C ARG A 1148 -28.08 5.04 16.08
N PHE A 1149 -28.29 5.97 15.15
CA PHE A 1149 -27.65 7.28 15.22
C PHE A 1149 -28.59 8.41 15.63
N CYS A 1150 -29.89 8.17 15.72
CA CYS A 1150 -30.83 9.21 16.13
C CYS A 1150 -31.51 8.90 17.45
N SER A 1151 -31.18 7.78 18.10
CA SER A 1151 -31.76 7.49 19.41
C SER A 1151 -31.32 8.50 20.46
N GLU A 1152 -30.07 8.93 20.41
CA GLU A 1152 -29.56 9.87 21.39
C GLU A 1152 -30.10 11.27 21.12
N PRO A 1153 -30.77 11.90 22.09
CA PRO A 1153 -31.29 13.26 21.88
C PRO A 1153 -30.30 14.35 22.25
N GLN A 1154 -29.01 13.99 22.35
CA GLN A 1154 -28.02 14.91 22.89
C GLN A 1154 -27.99 16.24 22.15
N LYS A 1155 -27.98 16.19 20.81
CA LYS A 1155 -28.04 17.38 19.97
C LYS A 1155 -29.41 17.41 19.31
N ILE A 1156 -30.37 18.05 19.98
CA ILE A 1156 -31.77 17.95 19.57
C ILE A 1156 -31.98 18.49 18.17
N LEU A 1157 -31.39 19.66 17.88
CA LEU A 1157 -31.57 20.25 16.56
C LEU A 1157 -30.94 19.39 15.47
N GLU A 1158 -29.70 18.93 15.68
CA GLU A 1158 -29.05 18.12 14.66
C GLU A 1158 -29.65 16.72 14.61
N ALA A 1159 -30.15 16.23 15.74
CA ALA A 1159 -30.88 14.96 15.72
C ALA A 1159 -32.14 15.09 14.87
N SER A 1160 -32.86 16.21 14.99
CA SER A 1160 -34.03 16.44 14.15
C SER A 1160 -33.65 16.54 12.69
N GLN A 1161 -32.54 17.22 12.39
CA GLN A 1161 -32.07 17.31 11.00
C GLN A 1161 -31.73 15.94 10.44
N LEU A 1162 -31.04 15.12 11.22
CA LEU A 1162 -30.68 13.77 10.78
C LEU A 1162 -31.92 12.91 10.59
N LYS A 1163 -32.89 13.02 11.51
CA LYS A 1163 -34.14 12.30 11.37
C LYS A 1163 -34.87 12.70 10.09
N GLU A 1164 -34.91 14.00 9.81
CA GLU A 1164 -35.58 14.48 8.61
C GLU A 1164 -34.89 13.98 7.35
N THR A 1165 -33.55 14.01 7.32
CA THR A 1165 -32.85 13.61 6.11
C THR A 1165 -32.86 12.10 5.92
N LEU A 1166 -33.03 11.34 7.02
CA LEU A 1166 -33.04 9.89 6.90
C LEU A 1166 -34.45 9.35 6.68
N GLN A 1167 -35.49 10.09 7.05
CA GLN A 1167 -36.86 9.65 6.85
C GLN A 1167 -37.38 9.97 5.45
N ALA A 1168 -36.59 10.65 4.63
CA ALA A 1168 -36.94 10.95 3.24
C ALA A 1168 -36.11 10.05 2.35
N VAL A 1169 -36.71 8.96 1.89
CA VAL A 1169 -36.03 8.00 1.02
C VAL A 1169 -36.57 8.16 -0.39
N PRO A 1170 -35.72 8.12 -1.41
CA PRO A 1170 -36.22 8.24 -2.79
C PRO A 1170 -37.23 7.15 -3.11
N LYS A 1171 -38.30 7.54 -3.78
CA LYS A 1171 -39.36 6.61 -4.12
C LYS A 1171 -38.92 5.69 -5.25
N PRO A 1172 -39.39 4.45 -5.25
CA PRO A 1172 -39.09 3.53 -6.36
C PRO A 1172 -39.94 3.85 -7.58
N GLY A 1173 -39.55 3.27 -8.70
CA GLY A 1173 -40.25 3.43 -9.97
C GLY A 1173 -41.25 2.32 -10.20
N ALA A 1174 -41.44 1.97 -11.47
CA ALA A 1174 -42.35 0.91 -11.87
C ALA A 1174 -41.59 -0.09 -12.74
N PHE A 1175 -40.93 -1.04 -12.09
CA PHE A 1175 -40.15 -2.07 -12.76
C PHE A 1175 -40.34 -3.39 -12.04
N ASP A 1176 -40.80 -4.41 -12.76
CA ASP A 1176 -41.00 -5.73 -12.18
C ASP A 1176 -39.72 -6.54 -12.40
N LEU A 1177 -39.07 -6.94 -11.31
CA LEU A 1177 -37.77 -7.60 -11.39
C LEU A 1177 -37.86 -9.01 -11.97
N GLU A 1178 -39.05 -9.56 -12.12
CA GLU A 1178 -39.19 -10.90 -12.70
C GLU A 1178 -38.58 -10.95 -14.10
N GLN A 1179 -38.60 -9.82 -14.82
CA GLN A 1179 -38.02 -9.78 -16.16
C GLN A 1179 -36.54 -10.11 -16.14
N VAL A 1180 -35.88 -9.95 -15.00
CA VAL A 1180 -34.46 -10.31 -14.89
C VAL A 1180 -34.28 -11.80 -15.14
N LYS A 1181 -35.27 -12.62 -14.79
CA LYS A 1181 -35.15 -14.06 -14.96
C LYS A 1181 -35.03 -14.45 -16.43
N ARG A 1182 -35.52 -13.61 -17.34
CA ARG A 1182 -35.53 -13.93 -18.75
C ARG A 1182 -34.45 -13.22 -19.55
N SER A 1183 -33.87 -12.15 -19.02
CA SER A 1183 -32.85 -11.41 -19.76
C SER A 1183 -31.62 -12.27 -19.97
N THR A 1184 -31.18 -12.36 -21.23
CA THR A 1184 -30.05 -13.19 -21.60
C THR A 1184 -28.70 -12.58 -21.25
N TYR A 1185 -28.57 -11.26 -21.35
CA TYR A 1185 -27.27 -10.60 -21.22
C TYR A 1185 -27.10 -9.89 -19.89
N PHE A 1186 -27.92 -10.21 -18.89
CA PHE A 1186 -27.71 -9.67 -17.54
C PHE A 1186 -26.35 -10.08 -17.01
N PHE A 1187 -25.99 -11.36 -17.18
CA PHE A 1187 -24.62 -11.83 -17.03
C PHE A 1187 -24.18 -12.47 -18.34
N SER A 1188 -23.18 -11.86 -18.99
CA SER A 1188 -22.69 -12.35 -20.26
C SER A 1188 -21.29 -11.84 -20.55
N PHE D 12 1.02 39.08 -4.73
CA PHE D 12 1.24 40.48 -5.07
C PHE D 12 2.57 40.67 -5.78
N LYS D 13 2.62 41.65 -6.67
CA LYS D 13 3.82 41.95 -7.45
C LYS D 13 4.26 43.38 -7.17
N ARG D 14 5.57 43.58 -7.04
CA ARG D 14 6.13 44.89 -6.74
C ARG D 14 6.68 45.51 -8.01
N TYR D 15 6.20 46.71 -8.33
CA TYR D 15 6.69 47.50 -9.46
C TYR D 15 7.21 48.84 -8.95
N VAL D 16 8.27 49.33 -9.59
CA VAL D 16 8.85 50.62 -9.24
C VAL D 16 7.81 51.71 -9.46
N THR D 17 7.76 52.69 -8.55
CA THR D 17 6.71 53.69 -8.55
C THR D 17 7.19 55.13 -8.73
N ASP D 18 8.42 55.44 -8.35
CA ASP D 18 8.89 56.82 -8.37
C ASP D 18 10.11 56.95 -9.27
N ARG D 19 10.26 58.15 -9.85
CA ARG D 19 11.36 58.39 -10.78
C ARG D 19 12.70 58.50 -10.09
N ARG D 20 12.74 58.94 -8.84
CA ARG D 20 14.00 58.93 -8.09
C ARG D 20 14.50 57.50 -7.93
N LEU D 21 13.60 56.58 -7.56
CA LEU D 21 13.96 55.17 -7.55
C LEU D 21 14.31 54.68 -8.95
N ALA D 22 13.54 55.12 -9.95
CA ALA D 22 13.80 54.69 -11.32
C ALA D 22 15.18 55.09 -11.80
N GLU D 23 15.74 56.18 -11.28
CA GLU D 23 17.07 56.58 -11.69
C GLU D 23 18.16 55.99 -10.80
N THR D 24 17.88 55.84 -9.49
CA THR D 24 18.86 55.21 -8.60
C THR D 24 19.11 53.76 -8.99
N LEU D 25 18.04 52.98 -9.16
CA LEU D 25 18.19 51.58 -9.57
C LEU D 25 18.83 51.48 -10.95
N ALA D 26 18.48 52.39 -11.87
CA ALA D 26 19.10 52.36 -13.19
C ALA D 26 20.59 52.62 -13.11
N GLN D 27 21.01 53.59 -12.29
CA GLN D 27 22.42 53.89 -12.13
C GLN D 27 23.16 52.71 -11.49
N ILE D 28 22.53 52.05 -10.51
CA ILE D 28 23.15 50.86 -9.92
C ILE D 28 23.29 49.77 -10.95
N TYR D 29 22.26 49.56 -11.78
CA TYR D 29 22.31 48.51 -12.80
C TYR D 29 23.40 48.77 -13.81
N LEU D 30 23.57 50.03 -14.23
CA LEU D 30 24.53 50.35 -15.28
C LEU D 30 25.64 51.23 -14.70
N GLY D 31 26.13 50.86 -13.51
CA GLY D 31 27.14 51.67 -12.86
C GLY D 31 28.47 51.70 -13.59
N LYS D 32 28.87 50.56 -14.17
CA LYS D 32 30.18 50.45 -14.76
C LYS D 32 30.28 51.33 -16.01
N PRO D 33 31.22 52.28 -16.04
CA PRO D 33 31.35 53.17 -17.21
C PRO D 33 32.23 52.62 -18.33
N SER D 34 33.03 51.59 -18.07
CA SER D 34 33.84 50.94 -19.09
C SER D 34 33.09 49.72 -19.59
N ARG D 35 32.85 49.66 -20.90
CA ARG D 35 31.97 48.68 -21.51
C ARG D 35 30.60 48.60 -20.84
N PRO D 36 29.84 49.69 -20.82
CA PRO D 36 28.44 49.61 -20.35
C PRO D 36 27.57 48.69 -21.21
N PRO D 37 27.84 48.55 -22.55
CA PRO D 37 27.00 47.63 -23.34
C PRO D 37 26.84 46.24 -22.77
N HIS D 38 25.61 45.94 -22.36
CA HIS D 38 25.15 44.60 -22.07
C HIS D 38 23.69 44.50 -22.46
N LEU D 39 23.28 43.32 -22.94
CA LEU D 39 21.88 43.10 -23.29
C LEU D 39 21.13 42.76 -22.01
N LEU D 40 20.80 43.80 -21.24
CA LEU D 40 20.11 43.62 -19.97
C LEU D 40 18.75 42.99 -20.18
N LEU D 41 18.50 41.90 -19.48
CA LEU D 41 17.23 41.19 -19.52
C LEU D 41 16.43 41.55 -18.27
N GLU D 42 15.37 42.34 -18.45
CA GLU D 42 14.57 42.82 -17.34
C GLU D 42 13.21 42.12 -17.35
N CYS D 43 12.81 41.62 -16.18
CA CYS D 43 11.66 40.75 -16.05
C CYS D 43 10.59 41.42 -15.20
N ASN D 44 9.34 41.20 -15.59
CA ASN D 44 8.17 41.87 -15.03
C ASN D 44 8.38 43.38 -15.01
N PRO D 45 8.43 44.02 -16.18
CA PRO D 45 8.61 45.48 -16.19
C PRO D 45 7.48 46.24 -15.50
N GLY D 46 6.27 45.72 -15.56
CA GLY D 46 5.12 46.42 -15.04
C GLY D 46 4.76 47.62 -15.91
N PRO D 47 4.51 48.77 -15.28
CA PRO D 47 4.12 49.97 -16.03
C PRO D 47 5.15 50.37 -17.09
N GLY D 48 6.43 50.26 -16.74
CA GLY D 48 7.49 50.59 -17.68
C GLY D 48 8.36 51.73 -17.20
N ILE D 49 8.17 52.14 -15.94
CA ILE D 49 8.94 53.24 -15.39
C ILE D 49 10.42 52.89 -15.36
N LEU D 50 10.75 51.70 -14.87
CA LEU D 50 12.14 51.26 -14.84
C LEU D 50 12.70 51.13 -16.25
N THR D 51 11.92 50.57 -17.17
CA THR D 51 12.38 50.44 -18.55
C THR D 51 12.60 51.81 -19.19
N GLN D 52 11.69 52.74 -18.95
CA GLN D 52 11.84 54.08 -19.52
C GLN D 52 13.08 54.76 -18.96
N ALA D 53 13.33 54.61 -17.65
CA ALA D 53 14.52 55.19 -17.04
C ALA D 53 15.79 54.56 -17.62
N LEU D 54 15.78 53.23 -17.82
CA LEU D 54 16.94 52.57 -18.41
C LEU D 54 17.19 53.07 -19.83
N LEU D 55 16.12 53.26 -20.60
CA LEU D 55 16.28 53.79 -21.96
C LEU D 55 16.82 55.21 -21.92
N GLU D 56 16.38 56.03 -20.96
CA GLU D 56 16.95 57.35 -20.80
C GLU D 56 18.43 57.29 -20.46
N ALA D 57 18.83 56.33 -19.62
CA ALA D 57 20.24 56.11 -19.35
C ALA D 57 20.97 55.49 -20.54
N GLY D 58 20.26 54.76 -21.40
CA GLY D 58 20.86 54.16 -22.57
C GLY D 58 21.24 52.71 -22.36
N ALA D 59 20.47 51.79 -22.95
CA ALA D 59 20.70 50.36 -22.81
C ALA D 59 19.93 49.65 -23.92
N LYS D 60 19.92 48.32 -23.85
CA LYS D 60 19.21 47.46 -24.81
C LYS D 60 18.37 46.46 -24.02
N VAL D 61 17.09 46.78 -23.81
CA VAL D 61 16.28 45.98 -22.91
C VAL D 61 15.46 44.95 -23.67
N VAL D 62 15.48 43.71 -23.17
CA VAL D 62 14.57 42.67 -23.62
C VAL D 62 13.60 42.41 -22.48
N ALA D 63 12.44 43.07 -22.52
CA ALA D 63 11.48 42.98 -21.44
C ALA D 63 10.76 41.64 -21.47
N LEU D 64 10.57 41.07 -20.28
CA LEU D 64 9.85 39.80 -20.12
C LEU D 64 8.67 40.02 -19.17
N GLU D 65 7.54 40.47 -19.72
CA GLU D 65 6.33 40.61 -18.94
C GLU D 65 5.55 39.31 -18.92
N SER D 66 4.94 39.01 -17.77
CA SER D 66 4.14 37.81 -17.59
C SER D 66 2.70 37.99 -18.06
N ASP D 67 2.08 39.12 -17.75
CA ASP D 67 0.70 39.36 -18.14
C ASP D 67 0.65 40.04 -19.51
N LYS D 68 -0.39 39.70 -20.27
CA LYS D 68 -0.58 40.29 -21.60
C LYS D 68 -1.07 41.73 -21.54
N THR D 69 -1.82 42.09 -20.50
CA THR D 69 -2.44 43.41 -20.43
C THR D 69 -1.41 44.52 -20.54
N PHE D 70 -0.26 44.34 -19.88
CA PHE D 70 0.76 45.38 -19.89
C PHE D 70 1.50 45.43 -21.22
N ILE D 71 1.46 44.35 -21.99
CA ILE D 71 2.31 44.21 -23.18
C ILE D 71 2.09 45.32 -24.20
N PRO D 72 0.83 45.64 -24.61
CA PRO D 72 0.66 46.74 -25.56
C PRO D 72 1.13 48.07 -25.01
N HIS D 73 0.94 48.28 -23.70
CA HIS D 73 1.32 49.54 -23.08
C HIS D 73 2.81 49.81 -23.24
N LEU D 74 3.65 48.83 -22.87
CA LEU D 74 5.07 48.94 -23.12
C LEU D 74 5.36 49.19 -24.60
N GLU D 75 4.58 48.55 -25.47
CA GLU D 75 4.76 48.73 -26.91
C GLU D 75 4.62 50.20 -27.28
N SER D 76 3.77 50.93 -26.56
CA SER D 76 3.63 52.36 -26.81
C SER D 76 4.90 53.13 -26.44
N LEU D 77 5.52 52.77 -25.31
CA LEU D 77 6.70 53.50 -24.85
C LEU D 77 7.87 53.32 -25.83
N GLY D 78 8.08 52.09 -26.30
CA GLY D 78 9.18 51.77 -27.18
C GLY D 78 8.84 51.63 -28.64
N LYS D 79 7.70 52.16 -29.08
CA LYS D 79 7.30 52.01 -30.48
C LYS D 79 8.26 52.75 -31.41
N ASN D 80 8.63 53.98 -31.05
CA ASN D 80 9.51 54.77 -31.90
C ASN D 80 10.93 54.24 -31.89
N LEU D 81 11.37 53.68 -30.76
CA LEU D 81 12.72 53.13 -30.67
C LEU D 81 12.84 51.90 -31.55
N ASP D 82 13.92 51.84 -32.34
CA ASP D 82 14.11 50.79 -33.34
C ASP D 82 15.19 49.82 -32.87
N GLY D 83 14.78 48.74 -32.23
CA GLY D 83 15.67 47.66 -31.86
C GLY D 83 16.23 47.75 -30.46
N LYS D 84 16.21 48.92 -29.82
CA LYS D 84 16.73 49.04 -28.46
C LYS D 84 15.88 48.25 -27.48
N LEU D 85 14.56 48.29 -27.63
CA LEU D 85 13.63 47.65 -26.72
C LEU D 85 12.88 46.54 -27.46
N ARG D 86 12.81 45.36 -26.85
CA ARG D 86 12.05 44.25 -27.40
C ARG D 86 11.19 43.63 -26.29
N VAL D 87 9.88 43.65 -26.49
CA VAL D 87 8.95 43.08 -25.52
C VAL D 87 8.61 41.66 -25.96
N ILE D 88 8.90 40.69 -25.10
CA ILE D 88 8.63 39.28 -25.35
C ILE D 88 7.74 38.76 -24.23
N HIS D 89 6.62 38.12 -24.60
CA HIS D 89 5.68 37.58 -23.63
C HIS D 89 6.26 36.28 -23.08
N CYS D 90 6.93 36.38 -21.93
CA CYS D 90 7.54 35.21 -21.31
C CYS D 90 7.73 35.48 -19.82
N ASP D 91 7.92 34.40 -19.07
CA ASP D 91 8.19 34.46 -17.65
C ASP D 91 9.54 33.82 -17.39
N PHE D 92 10.43 34.55 -16.70
CA PHE D 92 11.79 34.05 -16.48
C PHE D 92 11.81 32.83 -15.59
N PHE D 93 10.84 32.69 -14.69
CA PHE D 93 10.82 31.62 -13.71
C PHE D 93 10.07 30.38 -14.20
N LYS D 94 9.63 30.36 -15.46
CA LYS D 94 8.98 29.20 -16.03
C LYS D 94 9.73 28.66 -17.25
N LEU D 95 10.99 29.05 -17.41
CA LEU D 95 11.78 28.62 -18.55
C LEU D 95 12.08 27.13 -18.48
N ASP D 96 12.00 26.46 -19.62
CA ASP D 96 12.30 25.04 -19.74
C ASP D 96 11.54 24.18 -18.74
N PRO D 97 10.22 24.03 -18.91
CA PRO D 97 9.47 23.10 -18.04
C PRO D 97 9.97 21.69 -18.18
N ARG D 98 10.01 20.97 -17.06
CA ARG D 98 10.47 19.59 -17.05
C ARG D 98 9.35 18.58 -17.27
N SER D 99 8.09 19.03 -17.30
CA SER D 99 6.99 18.11 -17.52
C SER D 99 7.00 17.57 -18.96
N GLY D 100 7.49 18.38 -19.90
CA GLY D 100 7.50 17.98 -21.29
C GLY D 100 6.28 18.47 -22.04
N GLY D 101 6.03 17.83 -23.17
CA GLY D 101 4.91 18.21 -24.00
C GLY D 101 5.12 19.54 -24.69
N VAL D 102 4.01 20.10 -25.19
CA VAL D 102 4.06 21.38 -25.87
C VAL D 102 4.32 22.48 -24.85
N ILE D 103 5.16 23.44 -25.24
CA ILE D 103 5.50 24.58 -24.39
C ILE D 103 4.44 25.66 -24.64
N LYS D 104 3.63 25.93 -23.63
CA LYS D 104 2.57 26.93 -23.78
C LYS D 104 3.19 28.32 -23.83
N PRO D 105 2.50 29.29 -24.42
CA PRO D 105 3.05 30.65 -24.57
C PRO D 105 3.47 31.26 -23.23
N PRO D 106 2.73 31.05 -22.13
CA PRO D 106 3.23 31.60 -20.85
C PRO D 106 4.61 31.12 -20.48
N ALA D 107 4.93 29.85 -20.74
CA ALA D 107 6.29 29.36 -20.58
C ALA D 107 7.07 29.54 -21.89
N MET D 108 8.35 29.18 -21.85
CA MET D 108 9.17 29.28 -23.04
C MET D 108 10.41 28.43 -22.83
N SER D 109 10.99 27.99 -23.96
CA SER D 109 12.22 27.21 -23.96
C SER D 109 13.41 28.15 -24.10
N SER D 110 14.53 27.80 -23.47
CA SER D 110 15.70 28.65 -23.49
C SER D 110 16.25 28.80 -24.90
N ARG D 111 16.27 27.71 -25.68
CA ARG D 111 16.81 27.77 -27.03
C ARG D 111 16.00 28.73 -27.89
N GLY D 112 14.67 28.70 -27.77
CA GLY D 112 13.86 29.63 -28.53
C GLY D 112 14.12 31.09 -28.17
N LEU D 113 14.24 31.38 -26.88
CA LEU D 113 14.53 32.74 -26.45
C LEU D 113 15.89 33.21 -26.96
N PHE D 114 16.92 32.39 -26.81
CA PHE D 114 18.27 32.77 -27.23
C PHE D 114 18.45 32.70 -28.74
N LYS D 115 17.49 32.14 -29.46
CA LYS D 115 17.44 32.26 -30.92
C LYS D 115 16.72 33.54 -31.36
N ASN D 116 15.62 33.90 -30.70
CA ASN D 116 14.95 35.15 -31.02
C ASN D 116 15.78 36.36 -30.60
N LEU D 117 16.68 36.20 -29.63
CA LEU D 117 17.58 37.29 -29.23
C LEU D 117 18.92 37.25 -29.92
N GLY D 118 19.24 36.18 -30.65
CA GLY D 118 20.49 36.09 -31.39
C GLY D 118 21.71 35.81 -30.56
N ILE D 119 21.57 35.51 -29.27
CA ILE D 119 22.72 35.27 -28.42
C ILE D 119 23.32 33.91 -28.74
N GLU D 120 24.65 33.88 -28.91
CA GLU D 120 25.36 32.66 -29.24
C GLU D 120 25.76 31.94 -27.94
N ALA D 121 26.61 30.93 -28.04
CA ALA D 121 27.08 30.17 -26.89
C ALA D 121 28.47 30.63 -26.52
N VAL D 122 28.68 30.87 -25.22
CA VAL D 122 29.93 31.40 -24.70
C VAL D 122 30.53 30.36 -23.75
N PRO D 123 31.82 30.07 -23.83
CA PRO D 123 32.42 29.11 -22.92
C PRO D 123 32.36 29.58 -21.47
N TRP D 124 32.46 28.60 -20.56
CA TRP D 124 32.34 28.90 -19.13
C TRP D 124 33.44 29.83 -18.65
N THR D 125 34.68 29.58 -19.09
CA THR D 125 35.80 30.38 -18.62
C THR D 125 35.84 31.78 -19.20
N ALA D 126 34.98 32.09 -20.17
CA ALA D 126 35.01 33.38 -20.84
C ALA D 126 34.27 34.43 -20.00
N ASP D 127 34.03 35.59 -20.59
CA ASP D 127 33.47 36.74 -19.90
C ASP D 127 31.95 36.58 -19.84
N ILE D 128 31.30 37.39 -19.00
CA ILE D 128 29.85 37.33 -18.79
C ILE D 128 29.14 37.80 -20.06
N PRO D 129 28.31 36.95 -20.68
CA PRO D 129 27.57 37.38 -21.88
C PRO D 129 26.48 38.39 -21.60
N LEU D 130 25.62 38.10 -20.61
CA LEU D 130 24.41 38.90 -20.41
C LEU D 130 24.30 39.41 -18.98
N LYS D 131 23.14 40.00 -18.65
CA LYS D 131 22.86 40.46 -17.30
C LYS D 131 21.36 40.53 -17.06
N VAL D 132 20.84 39.61 -16.24
CA VAL D 132 19.43 39.62 -15.90
C VAL D 132 19.21 40.44 -14.64
N VAL D 133 18.14 41.23 -14.62
CA VAL D 133 17.78 42.05 -13.46
C VAL D 133 16.31 41.83 -13.14
N GLY D 134 15.97 42.06 -11.88
CA GLY D 134 14.57 41.99 -11.49
C GLY D 134 14.40 41.77 -10.00
N MET D 135 13.27 41.17 -9.65
CA MET D 135 12.89 40.92 -8.27
C MET D 135 12.51 39.47 -8.09
N PHE D 136 12.89 38.89 -6.96
CA PHE D 136 12.50 37.52 -6.65
C PHE D 136 11.00 37.44 -6.42
N PRO D 137 10.39 36.26 -6.55
CA PRO D 137 8.96 36.12 -6.23
C PRO D 137 8.66 36.52 -4.81
N SER D 138 7.48 37.12 -4.59
CA SER D 138 7.15 37.67 -3.28
C SER D 138 7.09 36.58 -2.22
N ARG D 139 6.53 35.42 -2.57
CA ARG D 139 6.35 34.33 -1.61
C ARG D 139 7.01 33.03 -2.07
N GLY D 140 7.85 33.08 -3.09
CA GLY D 140 8.48 31.88 -3.60
C GLY D 140 9.99 31.95 -3.67
N GLU D 141 10.62 32.54 -2.65
CA GLU D 141 12.07 32.70 -2.68
C GLU D 141 12.78 31.35 -2.67
N LYS D 142 12.32 30.42 -1.82
CA LYS D 142 13.04 29.16 -1.63
C LYS D 142 12.99 28.31 -2.89
N ARG D 143 11.80 28.15 -3.47
CA ARG D 143 11.66 27.32 -4.67
C ARG D 143 12.43 27.93 -5.84
N ALA D 144 12.35 29.25 -6.00
CA ALA D 144 13.08 29.91 -7.07
C ALA D 144 14.59 29.72 -6.91
N LEU D 145 15.09 29.90 -5.68
CA LEU D 145 16.50 29.70 -5.42
C LEU D 145 16.95 28.26 -5.66
N TRP D 146 16.15 27.28 -5.26
CA TRP D 146 16.49 25.89 -5.52
C TRP D 146 16.48 25.55 -7.00
N LYS D 147 15.49 26.05 -7.76
CA LYS D 147 15.47 25.84 -9.20
C LYS D 147 16.69 26.46 -9.86
N LEU D 148 17.05 27.68 -9.43
CA LEU D 148 18.24 28.32 -9.98
C LEU D 148 19.50 27.53 -9.64
N ALA D 149 19.57 26.97 -8.42
CA ALA D 149 20.73 26.18 -8.04
C ALA D 149 20.85 24.93 -8.89
N TYR D 150 19.74 24.22 -9.12
CA TYR D 150 19.78 23.04 -9.99
C TYR D 150 20.17 23.42 -11.41
N ASP D 151 19.65 24.54 -11.92
CA ASP D 151 20.03 24.98 -13.26
C ASP D 151 21.51 25.33 -13.35
N LEU D 152 22.04 25.97 -12.30
CA LEU D 152 23.43 26.41 -12.32
C LEU D 152 24.40 25.25 -12.20
N TYR D 153 24.14 24.31 -11.28
CA TYR D 153 25.06 23.21 -11.04
C TYR D 153 25.02 22.14 -12.12
N SER D 154 24.05 22.20 -13.04
CA SER D 154 23.93 21.19 -14.09
C SER D 154 24.18 21.76 -15.48
N CYS D 155 24.51 23.05 -15.58
CA CYS D 155 24.76 23.72 -16.86
C CYS D 155 23.60 23.49 -17.83
N THR D 156 22.42 23.95 -17.40
CA THR D 156 21.20 23.78 -18.17
C THR D 156 20.41 25.07 -18.10
N SER D 157 19.63 25.33 -19.15
CA SER D 157 18.76 26.51 -19.26
C SER D 157 19.66 27.75 -19.36
N ILE D 158 19.42 28.79 -18.56
CA ILE D 158 20.17 30.04 -18.66
C ILE D 158 21.67 29.78 -18.58
N TYR D 159 22.12 29.19 -17.48
CA TYR D 159 23.55 28.95 -17.27
C TYR D 159 24.13 27.96 -18.27
N LYS D 160 23.30 27.42 -19.18
CA LYS D 160 23.84 26.66 -20.30
C LYS D 160 24.69 27.54 -21.21
N PHE D 161 24.27 28.79 -21.42
CA PHE D 161 24.95 29.63 -22.39
C PHE D 161 26.18 30.31 -21.79
N GLY D 162 26.19 30.53 -20.48
CA GLY D 162 27.34 31.14 -19.85
C GLY D 162 27.06 31.49 -18.40
N ARG D 163 28.02 32.18 -17.80
CA ARG D 163 27.95 32.61 -16.41
C ARG D 163 27.18 33.91 -16.31
N ILE D 164 25.90 33.84 -16.66
CA ILE D 164 25.10 35.05 -16.74
C ILE D 164 24.84 35.62 -15.35
N GLU D 165 25.16 36.91 -15.19
CA GLU D 165 24.97 37.65 -13.95
C GLU D 165 23.48 37.84 -13.72
N VAL D 166 23.05 37.68 -12.47
CA VAL D 166 21.66 37.91 -12.09
C VAL D 166 21.65 38.86 -10.90
N ASN D 167 20.81 39.89 -10.98
CA ASN D 167 20.70 40.93 -9.95
C ASN D 167 19.23 41.04 -9.55
N MET D 168 18.91 40.62 -8.34
CA MET D 168 17.51 40.48 -7.95
C MET D 168 17.25 41.11 -6.59
N PHE D 169 16.03 41.59 -6.43
CA PHE D 169 15.57 42.10 -5.15
C PHE D 169 15.05 40.96 -4.28
N ILE D 170 15.53 40.88 -3.04
CA ILE D 170 15.19 39.79 -2.14
C ILE D 170 14.88 40.36 -0.76
N GLY D 171 14.18 39.55 0.04
CA GLY D 171 13.81 39.94 1.38
C GLY D 171 14.96 39.78 2.38
N GLU D 172 14.73 40.27 3.59
CA GLU D 172 15.77 40.27 4.61
C GLU D 172 16.01 38.87 5.17
N LYS D 173 14.94 38.13 5.47
CA LYS D 173 15.08 36.83 6.12
C LYS D 173 15.81 35.84 5.22
N GLU D 174 15.43 35.78 3.94
CA GLU D 174 16.09 34.86 3.03
C GLU D 174 17.54 35.25 2.79
N PHE D 175 17.82 36.56 2.75
CA PHE D 175 19.21 37.00 2.62
C PHE D 175 20.04 36.59 3.83
N GLN D 176 19.47 36.73 5.03
CA GLN D 176 20.18 36.33 6.24
C GLN D 176 20.43 34.82 6.25
N LYS D 177 19.44 34.04 5.85
CA LYS D 177 19.63 32.60 5.73
C LYS D 177 20.58 32.22 4.59
N LEU D 178 20.79 33.13 3.65
CA LEU D 178 21.67 32.89 2.51
C LEU D 178 23.10 33.33 2.75
N MET D 179 23.36 34.09 3.82
CA MET D 179 24.69 34.59 4.12
C MET D 179 25.07 34.22 5.56
N ALA D 180 24.84 32.96 5.91
CA ALA D 180 25.21 32.43 7.21
C ALA D 180 26.54 31.71 7.09
N ASP D 181 27.37 31.83 8.11
CA ASP D 181 28.74 31.34 8.06
C ASP D 181 29.01 30.36 9.20
N PRO D 182 30.16 29.66 9.20
CA PRO D 182 30.51 28.78 10.33
C PRO D 182 30.48 29.47 11.69
N GLY D 183 30.28 30.79 11.71
CA GLY D 183 29.97 31.47 12.96
C GLY D 183 28.68 30.97 13.60
N ASN D 184 27.86 30.26 12.83
CA ASN D 184 26.69 29.56 13.34
C ASN D 184 25.67 30.50 13.99
N PRO D 185 24.96 31.31 13.21
CA PRO D 185 23.82 32.05 13.74
C PRO D 185 22.57 31.18 13.80
N ASP D 186 22.77 29.86 13.74
CA ASP D 186 21.78 28.78 13.63
C ASP D 186 20.85 28.99 12.43
N LEU D 187 21.32 29.67 11.39
CA LEU D 187 20.65 29.72 10.10
C LEU D 187 21.46 29.04 9.01
N TYR D 188 22.67 28.58 9.33
CA TYR D 188 23.54 27.94 8.35
C TYR D 188 22.94 26.63 7.87
N HIS D 189 22.74 26.51 6.57
CA HIS D 189 22.04 25.36 5.99
C HIS D 189 22.62 25.10 4.60
N VAL D 190 22.05 24.12 3.89
CA VAL D 190 22.62 23.68 2.62
C VAL D 190 22.51 24.75 1.54
N LEU D 191 21.42 25.52 1.52
CA LEU D 191 21.26 26.56 0.50
C LEU D 191 22.39 27.57 0.58
N SER D 192 22.73 27.99 1.81
CA SER D 192 23.84 28.91 1.99
C SER D 192 25.14 28.30 1.48
N VAL D 193 25.37 27.02 1.78
CA VAL D 193 26.61 26.37 1.37
C VAL D 193 26.75 26.39 -0.15
N ILE D 194 25.71 25.95 -0.85
CA ILE D 194 25.80 25.84 -2.31
C ILE D 194 25.90 27.24 -2.93
N TRP D 195 25.12 28.19 -2.43
CA TRP D 195 25.08 29.50 -3.06
C TRP D 195 26.37 30.28 -2.82
N GLN D 196 26.99 30.10 -1.64
CA GLN D 196 28.29 30.73 -1.40
C GLN D 196 29.44 29.93 -1.99
N LEU D 197 29.20 28.68 -2.41
CA LEU D 197 30.20 27.94 -3.17
C LEU D 197 30.11 28.21 -4.66
N ALA D 198 29.01 28.76 -5.16
CA ALA D 198 28.80 28.89 -6.60
C ALA D 198 28.60 30.35 -7.02
N CYS D 199 28.74 31.29 -6.09
CA CYS D 199 28.52 32.69 -6.42
C CYS D 199 29.37 33.64 -5.57
N GLU D 200 29.24 34.94 -5.85
CA GLU D 200 29.86 36.00 -5.05
C GLU D 200 28.76 37.02 -4.71
N ILE D 201 28.04 36.76 -3.62
CA ILE D 201 26.88 37.57 -3.30
C ILE D 201 27.31 38.89 -2.67
N LYS D 202 26.78 39.99 -3.21
CA LYS D 202 27.07 41.33 -2.72
C LYS D 202 25.77 42.11 -2.62
N VAL D 203 25.74 43.06 -1.69
CA VAL D 203 24.57 43.94 -1.52
C VAL D 203 24.84 45.20 -2.33
N LEU D 204 24.32 45.24 -3.55
CA LEU D 204 24.53 46.42 -4.40
C LEU D 204 23.77 47.63 -3.85
N HIS D 205 22.56 47.43 -3.36
CA HIS D 205 21.75 48.55 -2.89
C HIS D 205 20.68 48.02 -1.96
N MET D 206 20.10 48.91 -1.17
CA MET D 206 19.07 48.56 -0.20
C MET D 206 17.93 49.56 -0.33
N GLU D 207 16.70 49.09 -0.15
CA GLU D 207 15.53 49.95 -0.27
C GLU D 207 14.45 49.56 0.74
N PRO D 208 13.82 50.54 1.40
CA PRO D 208 12.64 50.23 2.20
C PRO D 208 11.55 49.66 1.31
N TRP D 209 10.80 48.70 1.87
CA TRP D 209 9.84 47.95 1.04
C TRP D 209 8.64 48.82 0.67
N SER D 210 8.32 49.80 1.51
CA SER D 210 7.22 50.72 1.19
C SER D 210 7.53 51.61 -0.01
N SER D 211 8.79 51.68 -0.43
CA SER D 211 9.16 52.46 -1.61
C SER D 211 8.78 51.78 -2.91
N PHE D 212 8.32 50.53 -2.87
CA PHE D 212 7.94 49.78 -4.05
C PHE D 212 6.42 49.71 -4.14
N ASP D 213 5.89 50.08 -5.30
CA ASP D 213 4.45 49.97 -5.53
C ASP D 213 4.04 48.50 -5.53
N ILE D 214 2.86 48.22 -4.98
CA ILE D 214 2.35 46.87 -4.87
C ILE D 214 1.07 46.78 -5.68
N TYR D 215 1.04 45.86 -6.65
CA TYR D 215 -0.14 45.56 -7.45
C TYR D 215 -0.54 44.12 -7.17
N THR D 216 -1.78 43.92 -6.72
CA THR D 216 -2.26 42.58 -6.47
C THR D 216 -2.78 41.96 -7.77
N ARG D 217 -3.01 40.65 -7.74
CA ARG D 217 -3.57 39.97 -8.90
C ARG D 217 -4.96 40.49 -9.23
N LYS D 218 -5.71 40.92 -8.21
CA LYS D 218 -7.04 41.48 -8.44
C LYS D 218 -6.94 42.83 -9.16
N GLY D 219 -6.05 43.70 -8.68
CA GLY D 219 -5.89 45.00 -9.27
C GLY D 219 -4.86 45.84 -8.52
N PRO D 220 -4.70 47.10 -8.92
CA PRO D 220 -3.78 47.99 -8.21
C PRO D 220 -4.22 48.16 -6.75
N LEU D 221 -3.32 47.82 -5.83
CA LEU D 221 -3.65 47.87 -4.42
C LEU D 221 -3.87 49.31 -3.97
N GLU D 222 -4.95 49.52 -3.22
CA GLU D 222 -5.32 50.84 -2.72
C GLU D 222 -5.89 50.68 -1.32
N ASN D 223 -6.56 51.74 -0.85
CA ASN D 223 -7.30 51.77 0.41
C ASN D 223 -6.34 51.81 1.59
N PRO D 224 -6.82 52.12 2.80
CA PRO D 224 -5.94 52.06 3.98
C PRO D 224 -5.36 50.68 4.24
N LYS D 225 -5.94 49.62 3.68
CA LYS D 225 -5.36 48.30 3.81
C LYS D 225 -3.95 48.26 3.24
N ARG D 226 -3.70 49.00 2.16
CA ARG D 226 -2.34 49.12 1.64
C ARG D 226 -1.43 49.79 2.67
N ARG D 227 -1.92 50.86 3.31
CA ARG D 227 -1.17 51.48 4.39
C ARG D 227 -1.00 50.52 5.56
N GLU D 228 -2.05 49.78 5.90
CA GLU D 228 -1.96 48.78 6.97
C GLU D 228 -0.97 47.68 6.59
N LEU D 229 -1.00 47.23 5.33
CA LEU D 229 -0.05 46.23 4.87
C LEU D 229 1.38 46.75 4.94
N LEU D 230 1.56 48.06 4.83
CA LEU D 230 2.90 48.64 4.88
C LEU D 230 3.57 48.36 6.21
N ASP D 231 2.83 48.46 7.31
CA ASP D 231 3.40 48.21 8.63
C ASP D 231 3.65 46.72 8.86
N GLN D 232 2.80 45.86 8.29
CA GLN D 232 2.88 44.43 8.57
C GLN D 232 4.15 43.82 7.98
N LEU D 233 4.43 44.11 6.70
CA LEU D 233 5.51 43.47 5.98
C LEU D 233 6.70 44.40 5.76
N GLN D 234 6.87 45.42 6.59
CA GLN D 234 7.97 46.36 6.43
C GLN D 234 9.31 45.66 6.67
N GLN D 235 10.11 45.53 5.61
CA GLN D 235 11.43 44.94 5.70
C GLN D 235 12.32 45.53 4.60
N LYS D 236 13.58 45.74 4.95
CA LYS D 236 14.52 46.37 4.03
C LYS D 236 14.90 45.41 2.91
N LEU D 237 14.32 45.61 1.72
CA LEU D 237 14.65 44.76 0.59
C LEU D 237 16.07 45.02 0.11
N TYR D 238 16.79 43.95 -0.22
CA TYR D 238 18.17 44.04 -0.64
C TYR D 238 18.28 43.67 -2.12
N LEU D 239 18.90 44.53 -2.92
CA LEU D 239 19.24 44.17 -4.28
C LEU D 239 20.58 43.44 -4.28
N ILE D 240 20.54 42.14 -4.56
CA ILE D 240 21.70 41.27 -4.44
C ILE D 240 22.20 40.90 -5.83
N GLN D 241 23.52 40.88 -5.97
CA GLN D 241 24.21 40.63 -7.22
C GLN D 241 24.86 39.25 -7.16
N MET D 242 24.57 38.41 -8.14
CA MET D 242 25.12 37.06 -8.22
C MET D 242 25.84 36.88 -9.56
N ILE D 243 27.12 36.53 -9.50
CA ILE D 243 27.89 36.07 -10.64
C ILE D 243 28.37 34.65 -10.33
N PRO D 244 28.11 33.67 -11.18
CA PRO D 244 28.63 32.32 -10.94
C PRO D 244 30.15 32.32 -10.87
N ARG D 245 30.70 31.53 -9.94
CA ARG D 245 32.15 31.50 -9.72
C ARG D 245 32.83 30.76 -10.85
N GLN D 246 33.96 31.31 -11.31
CA GLN D 246 34.64 30.77 -12.48
C GLN D 246 35.14 29.35 -12.25
N ASN D 247 35.72 29.08 -11.08
CA ASN D 247 36.33 27.80 -10.79
C ASN D 247 35.41 26.86 -10.03
N LEU D 248 34.10 26.96 -10.25
CA LEU D 248 33.15 26.09 -9.57
C LEU D 248 33.37 24.63 -9.95
N PHE D 249 33.51 24.35 -11.25
CA PHE D 249 33.68 22.99 -11.71
C PHE D 249 35.16 22.62 -11.75
N THR D 250 35.48 21.46 -11.18
CA THR D 250 36.85 20.96 -11.14
C THR D 250 36.85 19.55 -11.73
N LYS D 251 37.99 18.86 -11.60
CA LYS D 251 38.07 17.48 -12.05
C LYS D 251 37.14 16.59 -11.24
N ASN D 252 37.15 16.75 -9.92
CA ASN D 252 36.32 15.91 -9.06
C ASN D 252 34.85 16.32 -9.10
N LEU D 253 34.58 17.63 -9.14
CA LEU D 253 33.22 18.14 -9.16
C LEU D 253 32.83 18.47 -10.59
N THR D 254 31.93 17.67 -11.15
CA THR D 254 31.49 17.76 -12.54
C THR D 254 29.98 17.81 -12.58
N PRO D 255 29.40 18.27 -13.71
CA PRO D 255 27.93 18.26 -13.82
C PRO D 255 27.30 16.89 -13.68
N MET D 256 28.10 15.81 -13.73
CA MET D 256 27.54 14.48 -13.52
C MET D 256 27.47 14.12 -12.04
N ASN D 257 28.36 14.69 -11.23
CA ASN D 257 28.52 14.29 -9.83
C ASN D 257 27.87 15.25 -8.85
N TYR D 258 27.08 16.22 -9.32
CA TYR D 258 26.51 17.20 -8.40
C TYR D 258 25.44 16.58 -7.51
N ASN D 259 24.79 15.51 -7.96
CA ASN D 259 23.76 14.87 -7.16
C ASN D 259 24.33 14.31 -5.86
N ILE D 260 25.50 13.66 -5.93
CA ILE D 260 26.12 13.10 -4.74
C ILE D 260 26.51 14.20 -3.77
N PHE D 261 27.02 15.32 -4.29
CA PHE D 261 27.36 16.45 -3.43
C PHE D 261 26.13 17.01 -2.75
N PHE D 262 25.03 17.13 -3.49
CA PHE D 262 23.78 17.62 -2.89
C PHE D 262 23.31 16.67 -1.79
N HIS D 263 23.37 15.36 -2.03
CA HIS D 263 22.95 14.41 -1.01
C HIS D 263 23.84 14.47 0.22
N LEU D 264 25.16 14.61 0.00
CA LEU D 264 26.08 14.74 1.13
C LEU D 264 25.74 15.97 1.96
N LEU D 265 25.50 17.11 1.31
CA LEU D 265 25.19 18.32 2.05
C LEU D 265 23.87 18.20 2.79
N LYS D 266 22.86 17.57 2.17
CA LYS D 266 21.58 17.40 2.84
C LYS D 266 21.69 16.44 4.02
N HIS D 267 22.48 15.38 3.88
CA HIS D 267 22.67 14.44 4.96
C HIS D 267 23.42 15.06 6.13
N CYS D 268 24.43 15.89 5.83
CA CYS D 268 25.24 16.47 6.90
C CYS D 268 24.43 17.41 7.78
N PHE D 269 23.31 17.93 7.29
CA PHE D 269 22.45 18.79 8.07
C PHE D 269 21.19 18.08 8.55
N GLY D 270 21.10 16.76 8.37
CA GLY D 270 20.01 16.02 8.99
C GLY D 270 20.11 16.03 10.50
N ARG D 271 21.31 15.80 11.02
CA ARG D 271 21.61 15.91 12.45
C ARG D 271 22.60 17.06 12.62
N ARG D 272 22.08 18.23 12.96
CA ARG D 272 22.93 19.41 13.09
C ARG D 272 23.94 19.25 14.21
N SER D 273 23.53 18.65 15.34
CA SER D 273 24.37 18.54 16.52
C SER D 273 25.27 17.32 16.49
N ALA D 274 25.50 16.74 15.31
CA ALA D 274 26.36 15.57 15.18
C ALA D 274 27.71 15.96 14.58
N THR D 275 28.66 15.04 14.68
CA THR D 275 29.98 15.26 14.13
C THR D 275 30.03 14.83 12.66
N VAL D 276 31.11 15.22 11.99
CA VAL D 276 31.29 14.86 10.59
C VAL D 276 31.53 13.36 10.45
N ILE D 277 32.25 12.76 11.39
CA ILE D 277 32.67 11.37 11.25
C ILE D 277 31.47 10.43 11.25
N ASP D 278 30.42 10.74 12.02
CA ASP D 278 29.23 9.90 12.05
C ASP D 278 28.53 9.90 10.69
N HIS D 279 28.33 11.08 10.12
CA HIS D 279 27.71 11.16 8.80
C HIS D 279 28.57 10.46 7.74
N LEU D 280 29.89 10.63 7.84
CA LEU D 280 30.77 9.99 6.87
C LEU D 280 30.71 8.47 6.99
N ARG D 281 30.63 7.94 8.20
CA ARG D 281 30.40 6.51 8.38
C ARG D 281 29.07 6.08 7.77
N SER D 282 28.02 6.90 7.96
CA SER D 282 26.72 6.57 7.39
C SER D 282 26.69 6.69 5.87
N LEU D 283 27.66 7.38 5.26
CA LEU D 283 27.59 7.71 3.84
C LEU D 283 28.62 7.00 2.98
N THR D 284 29.74 6.55 3.53
CA THR D 284 30.77 5.95 2.70
C THR D 284 31.38 4.73 3.39
N PRO D 285 31.86 3.76 2.61
CA PRO D 285 32.59 2.62 3.19
C PRO D 285 34.07 2.87 3.40
N LEU D 286 34.54 4.11 3.30
CA LEU D 286 35.96 4.44 3.41
C LEU D 286 36.33 4.72 4.86
N ASP D 287 37.64 4.65 5.13
CA ASP D 287 38.15 4.93 6.46
C ASP D 287 37.96 6.40 6.81
N ALA D 288 37.03 6.68 7.73
CA ALA D 288 36.69 8.06 8.04
C ALA D 288 37.86 8.81 8.66
N ARG D 289 38.59 8.15 9.57
CA ARG D 289 39.70 8.81 10.24
C ARG D 289 40.77 9.23 9.26
N ASP D 290 41.08 8.37 8.29
CA ASP D 290 42.09 8.72 7.28
C ASP D 290 41.64 9.92 6.46
N ILE D 291 40.36 9.98 6.09
CA ILE D 291 39.86 11.10 5.29
C ILE D 291 39.93 12.39 6.09
N LEU D 292 39.48 12.37 7.34
CA LEU D 292 39.55 13.56 8.16
C LEU D 292 40.98 13.97 8.50
N MET D 293 41.92 13.02 8.48
CA MET D 293 43.33 13.36 8.57
C MET D 293 43.81 14.06 7.30
N GLN D 294 43.41 13.55 6.13
CA GLN D 294 43.82 14.16 4.87
C GLN D 294 43.30 15.59 4.73
N ILE D 295 42.02 15.81 5.09
CA ILE D 295 41.46 17.15 4.97
C ILE D 295 42.03 18.09 6.02
N GLY D 296 42.62 17.55 7.08
CA GLY D 296 43.33 18.35 8.07
C GLY D 296 42.53 18.65 9.32
N LYS D 297 41.22 18.46 9.31
CA LYS D 297 40.41 18.78 10.47
C LYS D 297 40.59 17.72 11.56
N GLN D 298 40.12 18.05 12.76
CA GLN D 298 40.22 17.17 13.91
C GLN D 298 39.08 16.16 13.91
N GLU D 299 39.25 15.11 14.72
CA GLU D 299 38.23 14.06 14.79
C GLU D 299 36.92 14.58 15.35
N ASP D 300 36.98 15.42 16.37
CA ASP D 300 35.77 15.95 17.02
C ASP D 300 35.36 17.27 16.38
N GLU D 301 35.12 17.21 15.08
CA GLU D 301 34.72 18.38 14.30
C GLU D 301 33.23 18.33 14.03
N LYS D 302 32.51 19.35 14.51
CA LYS D 302 31.08 19.43 14.26
C LYS D 302 30.81 19.87 12.83
N VAL D 303 29.65 19.47 12.31
CA VAL D 303 29.29 19.83 10.93
C VAL D 303 29.02 21.32 10.83
N VAL D 304 28.45 21.93 11.87
CA VAL D 304 28.11 23.35 11.83
C VAL D 304 29.37 24.21 11.77
N ASN D 305 30.49 23.70 12.27
CA ASN D 305 31.75 24.43 12.28
C ASN D 305 32.59 24.17 11.05
N MET D 306 31.97 23.80 9.93
CA MET D 306 32.67 23.53 8.69
C MET D 306 32.36 24.60 7.65
N HIS D 307 33.38 25.06 6.96
CA HIS D 307 33.24 26.03 5.90
C HIS D 307 32.75 25.36 4.62
N PRO D 308 32.07 26.11 3.74
CA PRO D 308 31.67 25.52 2.46
C PRO D 308 32.84 24.98 1.65
N GLN D 309 33.97 25.69 1.69
CA GLN D 309 35.17 25.19 1.03
C GLN D 309 35.63 23.89 1.65
N ASP D 310 35.44 23.74 2.97
CA ASP D 310 35.76 22.48 3.63
C ASP D 310 34.87 21.35 3.12
N PHE D 311 33.57 21.62 2.92
CA PHE D 311 32.68 20.62 2.36
C PHE D 311 33.11 20.22 0.95
N LYS D 312 33.45 21.19 0.10
CA LYS D 312 33.87 20.86 -1.25
C LYS D 312 35.18 20.06 -1.23
N THR D 313 36.11 20.44 -0.36
CA THR D 313 37.37 19.71 -0.25
C THR D 313 37.13 18.28 0.22
N LEU D 314 36.22 18.09 1.17
CA LEU D 314 35.90 16.76 1.65
C LEU D 314 35.30 15.90 0.54
N PHE D 315 34.37 16.47 -0.24
CA PHE D 315 33.78 15.72 -1.33
C PHE D 315 34.82 15.34 -2.37
N GLU D 316 35.70 16.29 -2.73
CA GLU D 316 36.74 15.98 -3.71
C GLU D 316 37.71 14.94 -3.17
N THR D 317 38.04 15.01 -1.88
CA THR D 317 38.95 14.03 -1.28
C THR D 317 38.35 12.64 -1.31
N ILE D 318 37.06 12.52 -1.00
CA ILE D 318 36.40 11.22 -1.08
C ILE D 318 36.41 10.72 -2.52
N GLU D 319 36.06 11.60 -3.46
CA GLU D 319 35.98 11.17 -4.87
C GLU D 319 37.35 10.84 -5.44
N ARG D 320 38.43 11.35 -4.86
CA ARG D 320 39.77 11.10 -5.37
C ARG D 320 40.38 9.79 -4.84
N SER D 321 39.59 8.95 -4.17
CA SER D 321 40.11 7.72 -3.57
C SER D 321 40.16 6.64 -4.65
N LYS D 322 41.38 6.34 -5.12
CA LYS D 322 41.54 5.33 -6.17
C LYS D 322 41.44 3.91 -5.63
N ASP D 323 41.81 3.71 -4.36
CA ASP D 323 42.00 2.35 -3.84
C ASP D 323 40.70 1.55 -3.86
N CYS D 324 39.59 2.16 -3.45
CA CYS D 324 38.33 1.45 -3.29
C CYS D 324 37.47 1.65 -4.53
N ALA D 325 36.98 0.54 -5.10
CA ALA D 325 36.10 0.62 -6.26
C ALA D 325 34.77 1.27 -5.90
N TYR D 326 34.24 0.97 -4.72
CA TYR D 326 32.97 1.51 -4.27
C TYR D 326 33.24 2.64 -3.27
N LYS D 327 32.66 3.81 -3.54
CA LYS D 327 32.93 5.01 -2.77
C LYS D 327 31.70 5.57 -2.06
N TRP D 328 30.55 5.55 -2.70
CA TRP D 328 29.32 6.10 -2.16
C TRP D 328 28.28 5.00 -2.03
N LEU D 329 27.41 5.15 -1.03
CA LEU D 329 26.16 4.39 -1.00
C LEU D 329 25.02 5.15 -1.64
N TYR D 330 25.25 6.38 -2.07
CA TYR D 330 24.22 7.13 -2.78
C TYR D 330 23.91 6.47 -4.11
N ASP D 331 22.62 6.38 -4.42
CA ASP D 331 22.16 5.73 -5.64
C ASP D 331 20.83 6.37 -6.01
N GLU D 332 20.54 6.42 -7.32
CA GLU D 332 19.33 7.09 -7.78
C GLU D 332 18.07 6.42 -7.25
N THR D 333 18.17 5.19 -6.74
CA THR D 333 17.03 4.58 -6.06
C THR D 333 16.70 5.30 -4.75
N LEU D 334 17.65 6.04 -4.19
CA LEU D 334 17.39 6.80 -2.97
C LEU D 334 16.53 8.04 -3.23
N GLU D 335 16.34 8.43 -4.48
CA GLU D 335 15.49 9.55 -4.84
C GLU D 335 14.09 9.06 -5.18
N ASP D 336 13.11 9.95 -5.01
CA ASP D 336 11.72 9.67 -5.37
C ASP D 336 11.17 8.49 -4.59
N ARG D 337 11.23 8.58 -3.26
CA ARG D 337 10.73 7.52 -2.39
C ARG D 337 10.33 8.07 -1.03
PG GTP E 1 -5.83 -3.09 -14.10
O1G GTP E 1 -6.96 -3.74 -13.33
O2G GTP E 1 -6.09 -1.64 -14.39
O3G GTP E 1 -5.46 -3.85 -15.33
O3B GTP E 1 -4.54 -3.09 -13.11
PB GTP E 1 -3.13 -3.87 -13.06
O1B GTP E 1 -2.40 -3.66 -14.34
O2B GTP E 1 -2.46 -3.59 -11.76
O3A GTP E 1 -3.65 -5.39 -13.03
PA GTP E 1 -3.36 -6.66 -13.96
O1A GTP E 1 -1.89 -6.89 -14.00
O2A GTP E 1 -4.09 -6.51 -15.25
O5' GTP E 1 -4.05 -7.79 -13.07
C5' GTP E 1 -5.41 -8.12 -13.43
C4' GTP E 1 -6.25 -8.26 -12.18
O4' GTP E 1 -5.67 -7.49 -11.09
C3' GTP E 1 -7.65 -7.68 -12.27
O3' GTP E 1 -8.55 -8.39 -13.11
C2' GTP E 1 -8.02 -7.56 -10.79
O2' GTP E 1 -8.59 -8.74 -10.26
C1' GTP E 1 -6.69 -7.16 -10.17
N9 GTP E 1 -6.62 -5.73 -9.87
C8 GTP E 1 -5.88 -4.79 -10.54
N7 GTP E 1 -6.02 -3.59 -10.05
C5 GTP E 1 -6.91 -3.75 -9.00
C6 GTP E 1 -7.43 -2.79 -8.10
O6 GTP E 1 -7.21 -1.57 -8.07
N1 GTP E 1 -8.30 -3.37 -7.19
C2 GTP E 1 -8.62 -4.70 -7.13
N2 GTP E 1 -9.47 -5.07 -6.18
N3 GTP E 1 -8.13 -5.61 -7.97
C4 GTP E 1 -7.28 -5.06 -8.88
PG GTP F . -18.04 -4.42 -17.95
O1G GTP F . -17.16 -4.04 -19.09
O2G GTP F . -19.42 -3.85 -18.04
O3G GTP F . -18.03 -5.89 -17.67
O3B GTP F . -17.42 -3.73 -16.65
PB GTP F . -18.09 -3.55 -15.23
O1B GTP F . -18.93 -2.33 -15.24
O2B GTP F . -18.71 -4.84 -14.86
O3A GTP F . -16.82 -3.31 -14.32
PA GTP F . -15.70 -4.32 -13.77
O1A GTP F . -14.34 -3.83 -14.13
O2A GTP F . -16.05 -5.70 -14.18
O5' GTP F . -15.94 -4.13 -12.21
C5' GTP F . -17.27 -4.38 -11.71
C4' GTP F . -17.54 -3.45 -10.56
O4' GTP F . -16.30 -3.18 -9.86
C3' GTP F . -18.03 -2.05 -10.91
O3' GTP F . -19.43 -2.02 -11.18
C2' GTP F . -17.73 -1.32 -9.61
O2' GTP F . -18.71 -1.64 -8.66
C1' GTP F . -16.40 -1.93 -9.23
N9 GTP F . -15.24 -1.13 -9.63
C8 GTP F . -14.32 -1.42 -10.58
N7 GTP F . -13.39 -0.48 -10.71
C5 GTP F . -13.77 0.48 -9.78
C6 GTP F . -13.15 1.71 -9.47
O6 GTP F . -12.14 2.22 -9.96
N1 GTP F . -13.85 2.38 -8.46
C2 GTP F . -14.98 1.91 -7.85
N2 GTP F . -15.51 2.69 -6.89
N3 GTP F . -15.56 0.76 -8.14
C4 GTP F . -14.89 0.09 -9.12
MG MG G . -18.14 -6.56 -15.25
#